data_8X3Q
#
_entry.id   8X3Q
#
_cell.length_a   155.911
_cell.length_b   155.911
_cell.length_c   187.487
_cell.angle_alpha   90.00
_cell.angle_beta   90.00
_cell.angle_gamma   120.00
#
_symmetry.space_group_name_H-M   'P 65'
#
loop_
_entity.id
_entity.type
_entity.pdbx_description
1 polymer 'Glycosyl transferase'
2 branched alpha-D-glucopyranose-(1-2)-alpha-D-glucopyranose-(1-2)-alpha-D-glucopyranose-(1-2)-beta-D-fructofuranose
3 non-polymer "URIDINE-5'-DIPHOSPHATE"
4 water water
#
_entity_poly.entity_id   1
_entity_poly.type   'polypeptide(L)'
_entity_poly.pdbx_seq_one_letter_code
;GSHMRIAQVAPLWERVPPPAYGGVELVVSLLTEELVKRGHEVTLFASGDSMTQAKLVSTYPHAIRLDPNVQEYAVYEALQ
LGEVFSRANEFDVIHSHVGYTALPYTSLVKTPVVHTLHGRFTADNERIFSQYRNQNYVSISHSQRQLRELNYIATVYNAI
AVETHHFYPQPSDPPYLAFLGRLSPEKGPHHAIEIAKRVGIPLRMAGKVDRVDRDYFKELIEPHIDGEFIQFIGEADHPT
KNALLGGAIAMLFPITWQEPFGLVMIESMAAGTPVVAIAKGAAPEVIEHGKTGFLCHSVEDCVAAVAQVPQLDRMACRDY
VWQRFSVERMVSEYEAVYDTVLANT
;
_entity_poly.pdbx_strand_id   C,A,B,D
#
# COMPACT_ATOMS: atom_id res chain seq x y z
N HIS A 3 25.43 -7.39 -14.22
CA HIS A 3 26.53 -8.30 -14.57
C HIS A 3 27.88 -7.70 -14.19
N MET A 4 27.89 -6.84 -13.17
CA MET A 4 29.08 -6.12 -12.75
C MET A 4 29.28 -6.26 -11.25
N ARG A 5 30.53 -6.12 -10.82
CA ARG A 5 30.89 -5.98 -9.42
C ARG A 5 31.18 -4.50 -9.18
N ILE A 6 30.35 -3.87 -8.35
CA ILE A 6 30.37 -2.42 -8.19
C ILE A 6 30.53 -2.08 -6.72
N ALA A 7 31.41 -1.14 -6.41
CA ALA A 7 31.61 -0.63 -5.06
C ALA A 7 31.05 0.78 -4.97
N GLN A 8 30.17 1.01 -4.01
CA GLN A 8 29.63 2.35 -3.74
C GLN A 8 30.24 2.85 -2.45
N VAL A 9 31.00 3.94 -2.53
CA VAL A 9 31.72 4.51 -1.40
C VAL A 9 31.02 5.80 -1.01
N ALA A 10 30.34 5.78 0.13
CA ALA A 10 29.56 6.92 0.57
C ALA A 10 30.27 7.67 1.69
N PRO A 11 30.04 8.97 1.81
CA PRO A 11 30.50 9.70 3.00
C PRO A 11 29.85 9.14 4.25
N LEU A 12 30.50 9.37 5.39
CA LEU A 12 30.09 8.77 6.64
C LEU A 12 29.33 9.71 7.55
N TRP A 13 29.08 10.95 7.11
CA TRP A 13 28.37 11.91 7.95
C TRP A 13 26.94 11.45 8.21
N GLU A 14 26.32 10.78 7.26
CA GLU A 14 24.94 10.36 7.37
C GLU A 14 24.77 8.89 7.01
N ARG A 15 23.69 8.32 7.50
CA ARG A 15 23.25 7.00 7.08
C ARG A 15 22.87 7.05 5.60
N VAL A 16 23.19 5.98 4.87
CA VAL A 16 23.00 6.01 3.40
C VAL A 16 21.54 6.25 3.03
N PRO A 17 20.55 5.62 3.66
CA PRO A 17 19.22 6.23 3.70
C PRO A 17 19.09 7.10 4.94
N PRO A 18 19.36 8.40 4.83
CA PRO A 18 19.41 9.24 6.03
C PRO A 18 18.02 9.50 6.57
N PRO A 19 17.84 9.36 7.89
CA PRO A 19 16.52 9.64 8.47
C PRO A 19 16.10 11.09 8.29
N ALA A 20 17.03 12.03 8.33
CA ALA A 20 16.71 13.45 8.16
C ALA A 20 17.62 14.08 7.11
N TYR A 21 18.45 15.04 7.52
CA TYR A 21 19.31 15.72 6.57
C TYR A 21 20.29 14.74 5.93
N GLY A 22 20.58 14.96 4.66
CA GLY A 22 21.54 14.15 3.93
C GLY A 22 21.25 14.09 2.45
N GLY A 23 22.08 14.76 1.66
CA GLY A 23 21.88 14.79 0.22
C GLY A 23 22.64 13.71 -0.52
N VAL A 24 23.97 13.71 -0.40
CA VAL A 24 24.80 12.76 -1.13
C VAL A 24 24.45 11.33 -0.73
N GLU A 25 24.28 11.09 0.57
CA GLU A 25 23.94 9.74 1.04
C GLU A 25 22.63 9.26 0.43
N LEU A 26 21.64 10.15 0.34
CA LEU A 26 20.35 9.76 -0.23
C LEU A 26 20.49 9.31 -1.67
N VAL A 27 21.28 10.03 -2.47
CA VAL A 27 21.48 9.64 -3.87
C VAL A 27 22.20 8.30 -3.93
N VAL A 28 23.15 8.07 -3.02
CA VAL A 28 23.83 6.79 -2.97
C VAL A 28 22.85 5.67 -2.65
N SER A 29 21.91 5.94 -1.75
CA SER A 29 20.89 4.93 -1.41
C SER A 29 20.08 4.53 -2.63
N LEU A 30 19.46 5.51 -3.30
CA LEU A 30 18.63 5.23 -4.45
C LEU A 30 19.40 4.51 -5.55
N LEU A 31 20.60 5.01 -5.86
CA LEU A 31 21.42 4.38 -6.90
C LEU A 31 21.79 2.95 -6.51
N THR A 32 22.11 2.72 -5.24
CA THR A 32 22.58 1.40 -4.82
C THR A 32 21.47 0.37 -4.86
N GLU A 33 20.29 0.72 -4.32
CA GLU A 33 19.18 -0.23 -4.31
C GLU A 33 18.77 -0.61 -5.72
N GLU A 34 18.67 0.38 -6.62
CA GLU A 34 18.27 0.08 -7.99
C GLU A 34 19.36 -0.69 -8.72
N LEU A 35 20.63 -0.44 -8.41
CA LEU A 35 21.72 -1.21 -9.03
C LEU A 35 21.64 -2.68 -8.62
N VAL A 36 21.25 -2.94 -7.38
CA VAL A 36 21.15 -4.32 -6.91
C VAL A 36 19.98 -5.04 -7.59
N LYS A 37 18.84 -4.35 -7.73
CA LYS A 37 17.70 -4.94 -8.43
C LYS A 37 18.05 -5.33 -9.86
N ARG A 38 18.98 -4.62 -10.49
CA ARG A 38 19.36 -4.88 -11.87
C ARG A 38 20.42 -5.98 -12.00
N GLY A 39 20.59 -6.80 -10.96
CA GLY A 39 21.40 -8.00 -11.02
C GLY A 39 22.89 -7.82 -10.84
N HIS A 40 23.34 -6.66 -10.38
CA HIS A 40 24.77 -6.45 -10.10
C HIS A 40 25.12 -6.85 -8.67
N GLU A 41 26.38 -7.24 -8.48
CA GLU A 41 26.90 -7.57 -7.16
C GLU A 41 27.50 -6.30 -6.58
N VAL A 42 26.76 -5.64 -5.70
CA VAL A 42 27.11 -4.33 -5.20
C VAL A 42 27.62 -4.47 -3.77
N THR A 43 28.73 -3.82 -3.48
CA THR A 43 29.24 -3.68 -2.11
C THR A 43 29.17 -2.20 -1.75
N LEU A 44 28.47 -1.91 -0.65
CA LEU A 44 28.30 -0.54 -0.20
C LEU A 44 29.22 -0.26 0.98
N PHE A 45 30.04 0.78 0.86
CA PHE A 45 30.93 1.23 1.92
C PHE A 45 30.30 2.46 2.56
N ALA A 46 29.87 2.32 3.81
CA ALA A 46 29.03 3.33 4.45
C ALA A 46 29.00 3.06 5.95
N SER A 47 28.20 3.87 6.65
CA SER A 47 28.03 3.70 8.09
C SER A 47 27.38 2.36 8.40
N GLY A 48 27.59 1.89 9.63
CA GLY A 48 27.14 0.56 10.01
C GLY A 48 25.64 0.44 10.21
N ASP A 49 24.95 1.55 10.47
CA ASP A 49 23.51 1.52 10.60
C ASP A 49 22.79 1.69 9.27
N SER A 50 23.53 1.74 8.16
CA SER A 50 22.90 1.88 6.85
C SER A 50 22.06 0.65 6.53
N MET A 51 21.10 0.84 5.65
CA MET A 51 20.13 -0.20 5.31
C MET A 51 20.12 -0.41 3.80
N THR A 52 20.67 -1.55 3.37
CA THR A 52 20.78 -1.84 1.95
C THR A 52 20.63 -3.34 1.74
N GLN A 53 20.17 -3.71 0.56
CA GLN A 53 20.15 -5.11 0.13
C GLN A 53 21.45 -5.52 -0.54
N ALA A 54 22.40 -4.59 -0.67
CA ALA A 54 23.72 -4.91 -1.16
C ALA A 54 24.58 -5.33 0.03
N LYS A 55 25.82 -5.74 -0.24
CA LYS A 55 26.72 -6.04 0.87
C LYS A 55 27.20 -4.75 1.51
N LEU A 56 27.08 -4.68 2.83
CA LEU A 56 27.45 -3.50 3.60
C LEU A 56 28.76 -3.78 4.34
N VAL A 57 29.77 -2.98 4.06
CA VAL A 57 31.05 -3.02 4.78
C VAL A 57 31.25 -1.66 5.43
N SER A 58 31.31 -1.64 6.76
CA SER A 58 31.31 -0.41 7.52
C SER A 58 32.52 -0.36 8.45
N THR A 59 33.00 0.86 8.69
CA THR A 59 34.09 1.11 9.62
C THR A 59 33.63 1.83 10.89
N TYR A 60 32.32 2.13 11.00
CA TYR A 60 31.74 2.68 12.22
C TYR A 60 30.26 2.37 12.22
N PRO A 61 29.68 2.05 13.37
CA PRO A 61 28.28 1.56 13.37
C PRO A 61 27.24 2.64 13.14
N HIS A 62 27.56 3.92 13.33
CA HIS A 62 26.54 4.97 13.27
C HIS A 62 26.98 6.11 12.37
N ALA A 63 26.03 7.01 12.10
CA ALA A 63 26.32 8.25 11.39
C ALA A 63 27.18 9.17 12.24
N ILE A 64 28.15 9.83 11.60
CA ILE A 64 29.17 10.56 12.36
C ILE A 64 28.63 11.89 12.88
N ARG A 65 27.77 12.56 12.11
CA ARG A 65 27.42 13.95 12.44
C ARG A 65 26.73 14.05 13.80
N LEU A 66 25.69 13.25 14.01
CA LEU A 66 24.93 13.30 15.26
C LEU A 66 25.42 12.26 16.29
N ASP A 67 26.49 11.55 15.98
CA ASP A 67 27.11 10.67 16.97
C ASP A 67 27.95 11.50 17.93
N PRO A 68 27.75 11.39 19.24
CA PRO A 68 28.47 12.24 20.19
C PRO A 68 29.83 11.71 20.62
N ASN A 69 30.17 10.47 20.28
CA ASN A 69 31.44 9.85 20.67
C ASN A 69 32.56 10.11 19.68
N VAL A 70 32.29 10.75 18.55
CA VAL A 70 33.27 10.91 17.47
C VAL A 70 33.70 12.36 17.40
N GLN A 71 35.02 12.59 17.47
CA GLN A 71 35.58 13.92 17.27
C GLN A 71 36.42 14.04 16.01
N GLU A 72 36.80 12.92 15.40
CA GLU A 72 37.70 12.88 14.24
C GLU A 72 37.04 12.08 13.13
N TYR A 73 36.30 12.77 12.26
CA TYR A 73 35.66 12.09 11.13
C TYR A 73 36.70 11.50 10.18
N ALA A 74 37.84 12.18 10.01
CA ALA A 74 38.84 11.75 9.04
C ALA A 74 39.42 10.38 9.37
N VAL A 75 39.38 9.97 10.64
CA VAL A 75 39.93 8.67 11.02
C VAL A 75 39.16 7.55 10.33
N TYR A 76 37.83 7.62 10.38
CA TYR A 76 37.00 6.58 9.79
C TYR A 76 36.88 6.76 8.28
N GLU A 77 37.02 7.99 7.80
CA GLU A 77 37.10 8.23 6.36
C GLU A 77 38.32 7.53 5.76
N ALA A 78 39.48 7.66 6.42
CA ALA A 78 40.68 6.98 5.94
C ALA A 78 40.58 5.47 6.07
N LEU A 79 39.89 4.98 7.10
CA LEU A 79 39.71 3.53 7.26
C LEU A 79 38.96 2.94 6.09
N GLN A 80 37.84 3.55 5.72
CA GLN A 80 37.01 3.04 4.64
C GLN A 80 37.69 3.22 3.28
N LEU A 81 38.48 4.28 3.13
CA LEU A 81 39.26 4.44 1.90
C LEU A 81 40.33 3.36 1.80
N GLY A 82 40.92 2.97 2.93
CA GLY A 82 41.85 1.86 2.91
C GLY A 82 41.19 0.53 2.63
N GLU A 83 39.98 0.33 3.14
CA GLU A 83 39.26 -0.92 2.89
C GLU A 83 38.89 -1.05 1.41
N VAL A 84 38.45 0.05 0.78
CA VAL A 84 37.98 -0.01 -0.60
C VAL A 84 39.09 -0.38 -1.55
N PHE A 85 40.16 0.42 -1.59
CA PHE A 85 41.18 0.24 -2.61
C PHE A 85 42.13 -0.92 -2.32
N SER A 86 42.17 -1.40 -1.07
CA SER A 86 42.84 -2.65 -0.76
C SER A 86 42.00 -3.86 -1.15
N ARG A 87 40.71 -3.68 -1.45
CA ARG A 87 39.88 -4.75 -2.00
C ARG A 87 39.59 -4.51 -3.47
N ALA A 88 40.41 -3.69 -4.14
CA ALA A 88 40.10 -3.25 -5.49
C ALA A 88 39.90 -4.41 -6.47
N ASN A 89 40.59 -5.53 -6.26
CA ASN A 89 40.45 -6.66 -7.18
C ASN A 89 39.10 -7.35 -7.06
N GLU A 90 38.30 -7.03 -6.05
CA GLU A 90 36.99 -7.65 -5.87
C GLU A 90 35.87 -6.85 -6.54
N PHE A 91 36.23 -5.88 -7.38
CA PHE A 91 35.26 -5.04 -8.05
C PHE A 91 35.70 -4.84 -9.50
N ASP A 92 34.71 -4.59 -10.37
CA ASP A 92 35.00 -4.20 -11.74
C ASP A 92 35.13 -2.70 -11.90
N VAL A 93 34.42 -1.94 -11.07
CA VAL A 93 34.47 -0.48 -11.10
C VAL A 93 34.15 0.02 -9.70
N ILE A 94 34.91 1.02 -9.26
CA ILE A 94 34.66 1.68 -7.98
C ILE A 94 33.97 3.00 -8.25
N HIS A 95 32.81 3.20 -7.61
CA HIS A 95 32.03 4.42 -7.76
C HIS A 95 32.13 5.20 -6.45
N SER A 96 32.99 6.22 -6.44
CA SER A 96 33.29 6.99 -5.25
C SER A 96 32.42 8.24 -5.18
N HIS A 97 31.93 8.55 -3.98
CA HIS A 97 31.14 9.76 -3.75
C HIS A 97 31.72 10.62 -2.63
N VAL A 98 32.97 10.38 -2.24
CA VAL A 98 33.56 11.03 -1.07
C VAL A 98 34.49 12.17 -1.46
N GLY A 99 34.53 12.55 -2.74
CA GLY A 99 35.29 13.71 -3.14
C GLY A 99 36.76 13.45 -3.43
N TYR A 100 37.58 14.48 -3.24
CA TYR A 100 38.98 14.43 -3.67
C TYR A 100 39.83 13.48 -2.83
N THR A 101 39.36 13.09 -1.64
CA THR A 101 40.15 12.22 -0.79
C THR A 101 40.46 10.88 -1.43
N ALA A 102 39.75 10.52 -2.51
CA ALA A 102 39.97 9.26 -3.21
C ALA A 102 40.88 9.40 -4.41
N LEU A 103 41.19 10.62 -4.86
CA LEU A 103 42.03 10.79 -6.04
C LEU A 103 43.43 10.19 -5.88
N PRO A 104 44.18 10.45 -4.81
CA PRO A 104 45.53 9.87 -4.72
C PRO A 104 45.54 8.35 -4.63
N TYR A 105 44.44 7.73 -4.20
CA TYR A 105 44.37 6.27 -4.18
C TYR A 105 44.11 5.67 -5.56
N THR A 106 43.50 6.45 -6.47
CA THR A 106 43.05 5.90 -7.74
C THR A 106 44.22 5.49 -8.63
N SER A 107 45.32 6.26 -8.60
CA SER A 107 46.49 5.92 -9.39
C SER A 107 47.25 4.71 -8.85
N LEU A 108 46.89 4.21 -7.68
CA LEU A 108 47.61 3.12 -7.03
C LEU A 108 46.96 1.75 -7.27
N VAL A 109 45.79 1.69 -7.90
CA VAL A 109 45.07 0.44 -8.08
C VAL A 109 44.76 0.26 -9.56
N LYS A 110 44.60 -1.02 -9.95
CA LYS A 110 44.25 -1.33 -11.33
C LYS A 110 42.78 -0.99 -11.63
N THR A 111 41.90 -1.29 -10.67
CA THR A 111 40.46 -1.16 -10.90
C THR A 111 40.09 0.29 -11.21
N PRO A 112 39.38 0.55 -12.30
CA PRO A 112 39.01 1.94 -12.62
C PRO A 112 38.02 2.49 -11.60
N VAL A 113 38.13 3.79 -11.35
CA VAL A 113 37.34 4.48 -10.35
C VAL A 113 36.54 5.58 -11.02
N VAL A 114 35.26 5.68 -10.65
CA VAL A 114 34.36 6.73 -11.13
C VAL A 114 34.07 7.67 -9.98
N HIS A 115 34.28 8.97 -10.20
CA HIS A 115 34.08 9.99 -9.18
C HIS A 115 32.85 10.82 -9.57
N THR A 116 31.77 10.69 -8.80
CA THR A 116 30.62 11.57 -8.94
C THR A 116 30.86 12.84 -8.12
N LEU A 117 30.97 13.97 -8.79
CA LEU A 117 31.19 15.24 -8.10
C LEU A 117 29.87 15.73 -7.53
N HIS A 118 29.80 15.85 -6.21
CA HIS A 118 28.60 16.30 -5.52
C HIS A 118 28.69 17.72 -4.97
N GLY A 119 29.80 18.43 -5.23
CA GLY A 119 30.07 19.67 -4.52
C GLY A 119 30.57 20.79 -5.42
N ARG A 120 30.48 21.99 -4.85
CA ARG A 120 31.03 23.20 -5.46
C ARG A 120 32.55 23.09 -5.64
N PHE A 121 33.06 23.74 -6.68
CA PHE A 121 34.50 23.91 -6.84
C PHE A 121 34.94 25.10 -6.00
N THR A 122 36.12 24.97 -5.40
CA THR A 122 36.67 26.01 -4.55
C THR A 122 38.08 26.34 -4.99
N ALA A 123 38.58 27.47 -4.49
CA ALA A 123 39.94 27.89 -4.82
C ALA A 123 40.97 26.84 -4.43
N ASP A 124 40.68 26.03 -3.41
CA ASP A 124 41.61 25.01 -2.94
C ASP A 124 41.49 23.68 -3.70
N ASN A 125 40.28 23.14 -3.81
CA ASN A 125 40.12 21.80 -4.39
C ASN A 125 40.42 21.77 -5.89
N GLU A 126 40.40 22.92 -6.57
CA GLU A 126 40.79 22.94 -7.98
C GLU A 126 42.22 22.49 -8.18
N ARG A 127 43.09 22.72 -7.18
CA ARG A 127 44.49 22.34 -7.33
C ARG A 127 44.66 20.82 -7.34
N ILE A 128 43.87 20.11 -6.52
CA ILE A 128 44.01 18.66 -6.48
C ILE A 128 43.27 18.01 -7.65
N PHE A 129 42.13 18.57 -8.05
CA PHE A 129 41.42 18.04 -9.23
C PHE A 129 42.24 18.24 -10.49
N SER A 130 42.97 19.36 -10.58
CA SER A 130 43.80 19.61 -11.76
C SER A 130 44.88 18.55 -11.90
N GLN A 131 45.52 18.15 -10.80
CA GLN A 131 46.58 17.16 -10.88
C GLN A 131 46.05 15.78 -11.25
N TYR A 132 44.76 15.54 -11.06
CA TYR A 132 44.11 14.29 -11.46
C TYR A 132 43.04 14.58 -12.51
N ARG A 133 43.38 15.42 -13.48
CA ARG A 133 42.44 15.83 -14.51
C ARG A 133 42.01 14.65 -15.38
N ASN A 134 42.91 13.67 -15.59
CA ASN A 134 42.65 12.57 -16.51
C ASN A 134 41.92 11.41 -15.83
N GLN A 135 41.11 11.68 -14.83
CA GLN A 135 40.32 10.67 -14.15
C GLN A 135 38.86 10.81 -14.53
N ASN A 136 38.09 9.77 -14.21
CA ASN A 136 36.70 9.68 -14.66
C ASN A 136 35.80 10.40 -13.65
N TYR A 137 35.38 11.61 -14.00
CA TYR A 137 34.48 12.40 -13.18
C TYR A 137 33.10 12.43 -13.81
N VAL A 138 32.08 12.52 -12.97
CA VAL A 138 30.70 12.71 -13.40
C VAL A 138 30.12 13.87 -12.61
N SER A 139 29.56 14.84 -13.30
CA SER A 139 28.95 16.01 -12.67
C SER A 139 27.44 15.85 -12.58
N ILE A 140 26.84 16.55 -11.61
CA ILE A 140 25.40 16.51 -11.39
C ILE A 140 24.69 17.70 -12.03
N SER A 141 25.40 18.57 -12.72
CA SER A 141 24.82 19.69 -13.46
C SER A 141 25.89 20.28 -14.36
N HIS A 142 25.44 21.04 -15.36
CA HIS A 142 26.38 21.63 -16.30
C HIS A 142 27.07 22.86 -15.72
N SER A 143 26.32 23.72 -15.00
CA SER A 143 26.90 24.90 -14.38
C SER A 143 27.97 24.56 -13.35
N GLN A 144 28.00 23.32 -12.86
CA GLN A 144 29.01 22.93 -11.88
C GLN A 144 30.40 22.83 -12.51
N ARG A 145 30.47 22.51 -13.80
CA ARG A 145 31.77 22.30 -14.45
C ARG A 145 32.54 23.60 -14.63
N GLN A 146 33.02 24.17 -13.53
CA GLN A 146 33.86 25.37 -13.60
C GLN A 146 35.32 25.05 -13.88
N LEU A 147 35.72 23.77 -13.79
CA LEU A 147 37.04 23.31 -14.22
C LEU A 147 36.87 22.56 -15.54
N ARG A 148 36.88 23.31 -16.64
CA ARG A 148 36.68 22.72 -17.96
C ARG A 148 37.90 21.96 -18.51
N GLU A 149 38.85 21.57 -17.65
CA GLU A 149 39.94 20.70 -18.10
C GLU A 149 39.83 19.29 -17.54
N LEU A 150 38.85 19.03 -16.67
CA LEU A 150 38.70 17.71 -16.11
C LEU A 150 38.08 16.77 -17.14
N ASN A 151 38.33 15.48 -16.96
CA ASN A 151 37.81 14.45 -17.86
C ASN A 151 36.39 14.08 -17.40
N TYR A 152 35.43 14.91 -17.82
CA TYR A 152 34.03 14.66 -17.53
C TYR A 152 33.52 13.55 -18.46
N ILE A 153 33.11 12.44 -17.88
CA ILE A 153 32.56 11.34 -18.68
C ILE A 153 31.15 11.67 -19.14
N ALA A 154 30.34 12.29 -18.27
CA ALA A 154 28.95 12.58 -18.59
C ALA A 154 28.37 13.45 -17.47
N THR A 155 27.19 14.01 -17.75
CA THR A 155 26.36 14.63 -16.73
C THR A 155 25.24 13.67 -16.37
N VAL A 156 25.13 13.35 -15.09
CA VAL A 156 24.05 12.51 -14.57
C VAL A 156 23.34 13.32 -13.50
N TYR A 157 22.15 13.81 -13.83
CA TYR A 157 21.35 14.53 -12.85
C TYR A 157 20.94 13.61 -11.71
N ASN A 158 20.80 14.19 -10.52
CA ASN A 158 20.35 13.43 -9.38
C ASN A 158 18.85 13.13 -9.49
N ALA A 159 18.35 12.34 -8.56
CA ALA A 159 16.96 11.94 -8.60
C ALA A 159 16.46 11.66 -7.18
N ILE A 160 15.14 11.61 -7.06
CA ILE A 160 14.48 11.17 -5.83
C ILE A 160 13.50 10.05 -6.20
N ALA A 161 12.92 9.43 -5.18
CA ALA A 161 11.92 8.40 -5.36
C ALA A 161 10.56 9.07 -5.32
N VAL A 162 10.08 9.48 -6.49
CA VAL A 162 8.89 10.33 -6.59
C VAL A 162 7.69 9.65 -5.94
N GLU A 163 7.60 8.32 -6.07
CA GLU A 163 6.43 7.62 -5.54
C GLU A 163 6.34 7.74 -4.02
N THR A 164 7.47 7.88 -3.34
CA THR A 164 7.47 7.98 -1.89
C THR A 164 7.14 9.37 -1.38
N HIS A 165 6.90 10.34 -2.28
CA HIS A 165 6.50 11.68 -1.89
C HIS A 165 5.00 11.84 -2.15
N HIS A 166 4.27 12.17 -1.10
CA HIS A 166 2.83 12.38 -1.22
C HIS A 166 2.55 13.64 -2.02
N PHE A 167 1.55 13.56 -2.90
CA PHE A 167 1.16 14.69 -3.73
C PHE A 167 0.03 15.46 -3.06
N TYR A 168 0.18 16.78 -3.01
CA TYR A 168 -0.81 17.66 -2.42
C TYR A 168 -1.49 18.48 -3.50
N PRO A 169 -2.81 18.36 -3.69
CA PRO A 169 -3.47 19.08 -4.80
C PRO A 169 -3.47 20.59 -4.64
N GLN A 170 -3.80 21.08 -3.45
CA GLN A 170 -3.94 22.48 -3.14
C GLN A 170 -3.27 22.77 -1.81
N PRO A 171 -2.58 23.90 -1.68
CA PRO A 171 -1.82 24.15 -0.45
C PRO A 171 -2.71 24.38 0.76
N SER A 172 -2.10 24.68 1.91
CA SER A 172 -2.88 24.82 3.13
C SER A 172 -3.81 26.02 3.04
N ASP A 173 -4.92 25.93 3.77
CA ASP A 173 -5.97 26.93 3.63
C ASP A 173 -5.53 28.32 4.05
N PRO A 174 -4.90 28.53 5.22
CA PRO A 174 -4.20 29.79 5.44
C PRO A 174 -2.80 29.73 4.88
N PRO A 175 -2.46 30.63 3.95
CA PRO A 175 -1.22 30.46 3.19
C PRO A 175 0.03 30.53 4.06
N TYR A 176 1.08 29.87 3.58
CA TYR A 176 2.39 29.92 4.22
C TYR A 176 3.43 29.48 3.21
N LEU A 177 4.62 30.06 3.32
CA LEU A 177 5.77 29.68 2.51
C LEU A 177 6.66 28.73 3.29
N ALA A 178 7.56 28.07 2.58
CA ALA A 178 8.39 27.04 3.18
C ALA A 178 9.85 27.24 2.83
N PHE A 179 10.72 27.01 3.82
CA PHE A 179 12.15 26.87 3.61
C PHE A 179 12.54 25.49 4.10
N LEU A 180 13.29 24.77 3.28
CA LEU A 180 13.76 23.43 3.65
C LEU A 180 15.22 23.33 3.27
N GLY A 181 16.05 23.05 4.25
CA GLY A 181 17.48 22.92 4.01
C GLY A 181 18.26 23.30 5.24
N ARG A 182 19.56 23.02 5.17
CA ARG A 182 20.46 23.40 6.25
C ARG A 182 20.50 24.92 6.40
N LEU A 183 20.53 25.38 7.65
CA LEU A 183 20.51 26.81 7.94
C LEU A 183 21.91 27.38 7.66
N SER A 184 22.19 27.59 6.39
CA SER A 184 23.49 28.04 5.90
C SER A 184 23.34 29.27 5.03
N PRO A 185 24.31 30.19 5.09
CA PRO A 185 24.25 31.37 4.20
C PRO A 185 24.19 30.99 2.73
N GLU A 186 24.63 29.79 2.42
CA GLU A 186 24.66 29.34 1.01
C GLU A 186 23.24 29.03 0.56
N LYS A 187 22.34 28.76 1.50
CA LYS A 187 20.94 28.53 1.20
C LYS A 187 20.08 29.77 1.39
N GLY A 188 20.63 30.81 2.03
CA GLY A 188 19.95 32.07 2.23
C GLY A 188 18.59 31.98 2.90
N PRO A 189 18.52 31.41 4.12
CA PRO A 189 17.27 31.50 4.88
C PRO A 189 16.98 32.90 5.38
N HIS A 190 18.00 33.77 5.43
CA HIS A 190 17.75 35.18 5.76
C HIS A 190 16.96 35.85 4.65
N HIS A 191 17.26 35.53 3.39
CA HIS A 191 16.45 36.01 2.28
C HIS A 191 15.02 35.51 2.40
N ALA A 192 14.85 34.23 2.75
CA ALA A 192 13.52 33.65 2.85
C ALA A 192 12.67 34.37 3.90
N ILE A 193 13.28 34.75 5.03
CA ILE A 193 12.55 35.46 6.07
C ILE A 193 12.13 36.85 5.58
N GLU A 194 13.03 37.55 4.89
CA GLU A 194 12.70 38.88 4.40
C GLU A 194 11.62 38.84 3.32
N ILE A 195 11.66 37.82 2.46
CA ILE A 195 10.62 37.65 1.45
C ILE A 195 9.26 37.43 2.10
N ALA A 196 9.24 36.77 3.27
CA ALA A 196 7.98 36.33 3.86
C ALA A 196 7.13 37.52 4.31
N LYS A 197 7.71 38.47 5.04
CA LYS A 197 6.90 39.59 5.51
C LYS A 197 6.81 40.73 4.50
N ARG A 198 7.63 40.73 3.46
CA ARG A 198 7.37 41.68 2.37
C ARG A 198 6.11 41.32 1.62
N VAL A 199 5.81 40.02 1.51
CA VAL A 199 4.58 39.57 0.88
C VAL A 199 3.46 39.42 1.90
N GLY A 200 3.79 39.40 3.19
CA GLY A 200 2.80 39.22 4.23
C GLY A 200 2.39 37.79 4.50
N ILE A 201 3.11 36.81 3.96
CA ILE A 201 2.76 35.40 4.09
C ILE A 201 3.76 34.76 5.04
N PRO A 202 3.31 33.99 6.04
CA PRO A 202 4.25 33.39 7.00
C PRO A 202 5.18 32.38 6.35
N LEU A 203 6.27 32.11 7.05
CA LEU A 203 7.32 31.20 6.58
C LEU A 203 7.52 30.09 7.59
N ARG A 204 7.44 28.85 7.12
CA ARG A 204 7.76 27.68 7.93
C ARG A 204 9.07 27.07 7.45
N MET A 205 10.01 26.91 8.38
CA MET A 205 11.36 26.47 8.05
C MET A 205 11.66 25.12 8.67
N ALA A 206 12.45 24.32 7.96
CA ALA A 206 12.97 23.07 8.48
C ALA A 206 14.41 22.90 8.02
N GLY A 207 15.21 22.28 8.87
CA GLY A 207 16.59 22.02 8.55
C GLY A 207 17.45 21.97 9.79
N LYS A 208 18.66 21.48 9.61
CA LYS A 208 19.66 21.42 10.67
C LYS A 208 20.47 22.72 10.74
N VAL A 209 21.05 22.96 11.90
CA VAL A 209 21.98 24.06 12.13
C VAL A 209 23.25 23.40 12.67
N ASP A 210 24.17 23.06 11.77
CA ASP A 210 25.33 22.29 12.16
C ASP A 210 26.45 23.20 12.66
N ARG A 211 27.59 22.58 13.00
CA ARG A 211 28.63 23.23 13.79
C ARG A 211 29.11 24.52 13.13
N VAL A 212 29.25 24.52 11.80
CA VAL A 212 29.85 25.66 11.09
C VAL A 212 28.91 26.84 10.91
N ASP A 213 27.61 26.68 11.12
CA ASP A 213 26.66 27.76 10.89
C ASP A 213 25.99 28.25 12.17
N ARG A 214 26.54 27.90 13.34
CA ARG A 214 25.89 28.29 14.58
C ARG A 214 25.93 29.80 14.77
N ASP A 215 27.06 30.44 14.47
CA ASP A 215 27.12 31.90 14.56
C ASP A 215 26.16 32.55 13.57
N TYR A 216 26.20 32.11 12.31
CA TYR A 216 25.33 32.67 11.28
C TYR A 216 23.86 32.56 11.66
N PHE A 217 23.44 31.38 12.11
CA PHE A 217 22.07 31.19 12.57
C PHE A 217 21.79 32.09 13.76
N LYS A 218 22.80 32.23 14.63
CA LYS A 218 22.67 33.00 15.87
C LYS A 218 22.54 34.49 15.59
N GLU A 219 23.12 34.98 14.49
CA GLU A 219 23.15 36.42 14.28
C GLU A 219 22.02 36.90 13.40
N LEU A 220 21.62 36.09 12.42
CA LEU A 220 20.72 36.54 11.37
C LEU A 220 19.41 35.79 11.30
N ILE A 221 19.33 34.58 11.81
CA ILE A 221 18.15 33.74 11.69
C ILE A 221 17.36 33.68 12.99
N GLU A 222 18.02 33.31 14.09
CA GLU A 222 17.31 33.11 15.35
C GLU A 222 16.53 34.33 15.84
N PRO A 223 17.04 35.57 15.78
CA PRO A 223 16.24 36.71 16.28
C PRO A 223 14.94 36.96 15.55
N HIS A 224 14.76 36.42 14.36
CA HIS A 224 13.53 36.67 13.59
C HIS A 224 12.46 35.61 13.78
N ILE A 225 12.77 34.53 14.50
CA ILE A 225 11.85 33.41 14.68
C ILE A 225 10.81 33.77 15.74
N ASP A 226 9.65 34.19 15.26
CA ASP A 226 8.54 34.48 16.15
C ASP A 226 8.08 33.24 16.90
N GLY A 227 7.97 32.13 16.18
CA GLY A 227 7.11 31.03 16.61
C GLY A 227 5.71 31.11 16.06
N GLU A 228 5.36 32.21 15.37
CA GLU A 228 4.05 32.39 14.78
C GLU A 228 4.17 32.72 13.31
N PHE A 229 4.77 33.87 12.97
CA PHE A 229 4.95 34.24 11.57
C PHE A 229 6.16 33.55 10.97
N ILE A 230 7.25 33.47 11.75
CA ILE A 230 8.44 32.72 11.37
C ILE A 230 8.53 31.52 12.31
N GLN A 231 8.56 30.32 11.75
CA GLN A 231 8.59 29.09 12.53
C GLN A 231 9.77 28.24 12.12
N PHE A 232 10.42 27.61 13.10
CA PHE A 232 11.59 26.76 12.87
C PHE A 232 11.38 25.45 13.61
N ILE A 233 11.14 24.37 12.86
CA ILE A 233 10.96 23.05 13.44
C ILE A 233 12.26 22.26 13.58
N GLY A 234 13.33 22.71 12.95
CA GLY A 234 14.60 22.01 13.00
C GLY A 234 14.64 20.85 12.03
N GLU A 235 15.60 19.95 12.25
CA GLU A 235 15.84 18.83 11.35
C GLU A 235 14.59 17.97 11.20
N ALA A 236 14.11 17.83 9.97
CA ALA A 236 12.89 17.09 9.69
C ALA A 236 13.20 15.78 8.98
N ASP A 237 12.45 14.74 9.31
CA ASP A 237 12.54 13.47 8.61
C ASP A 237 11.71 13.52 7.34
N HIS A 238 11.66 12.40 6.61
CA HIS A 238 10.96 12.38 5.33
C HIS A 238 9.48 12.74 5.45
N PRO A 239 8.69 12.15 6.35
CA PRO A 239 7.29 12.58 6.46
C PRO A 239 7.14 14.05 6.83
N THR A 240 8.00 14.57 7.70
CA THR A 240 7.84 15.95 8.16
C THR A 240 8.09 16.94 7.01
N LYS A 241 9.17 16.73 6.25
CA LYS A 241 9.50 17.65 5.16
C LYS A 241 8.47 17.58 4.04
N ASN A 242 7.81 16.43 3.89
CA ASN A 242 6.81 16.29 2.82
C ASN A 242 5.54 17.05 3.16
N ALA A 243 5.11 17.01 4.42
CA ALA A 243 4.01 17.86 4.85
C ALA A 243 4.41 19.33 4.85
N LEU A 244 5.68 19.62 5.12
CA LEU A 244 6.15 21.00 5.08
C LEU A 244 6.07 21.57 3.67
N LEU A 245 6.59 20.82 2.69
CA LEU A 245 6.60 21.31 1.31
C LEU A 245 5.21 21.25 0.69
N GLY A 246 4.47 20.18 0.94
CA GLY A 246 3.17 20.01 0.30
C GLY A 246 2.16 21.06 0.70
N GLY A 247 2.23 21.53 1.95
CA GLY A 247 1.28 22.53 2.41
C GLY A 247 1.57 23.94 1.94
N ALA A 248 2.79 24.20 1.47
CA ALA A 248 3.17 25.55 1.10
C ALA A 248 2.70 25.89 -0.31
N ILE A 249 2.43 27.16 -0.53
CA ILE A 249 2.10 27.62 -1.88
C ILE A 249 3.34 27.56 -2.77
N ALA A 250 4.52 27.77 -2.18
CA ALA A 250 5.78 27.69 -2.90
C ALA A 250 6.89 27.48 -1.88
N MET A 251 8.04 27.01 -2.37
CA MET A 251 9.25 26.88 -1.57
C MET A 251 10.25 27.95 -1.99
N LEU A 252 10.76 28.68 -1.00
CA LEU A 252 11.79 29.67 -1.27
C LEU A 252 13.16 28.99 -1.32
N PHE A 253 13.86 29.17 -2.44
CA PHE A 253 15.21 28.62 -2.62
C PHE A 253 16.16 29.76 -3.00
N PRO A 254 16.36 30.73 -2.08
CA PRO A 254 17.13 31.94 -2.42
C PRO A 254 18.62 31.74 -2.15
N ILE A 255 19.24 30.88 -2.94
CA ILE A 255 20.66 30.59 -2.75
C ILE A 255 21.50 31.82 -3.05
N THR A 256 22.62 31.92 -2.32
CA THR A 256 23.64 32.93 -2.55
C THR A 256 24.94 32.25 -2.97
N TRP A 257 24.82 31.14 -3.67
CA TRP A 257 25.85 30.12 -3.72
C TRP A 257 25.81 29.40 -5.06
N GLN A 258 26.96 28.90 -5.49
CA GLN A 258 27.08 28.14 -6.74
C GLN A 258 26.55 26.73 -6.50
N GLU A 259 25.23 26.64 -6.42
CA GLU A 259 24.57 25.38 -6.10
C GLU A 259 24.90 24.32 -7.13
N PRO A 260 25.43 23.16 -6.73
CA PRO A 260 25.69 22.09 -7.72
C PRO A 260 24.41 21.46 -8.26
N PHE A 261 23.40 21.28 -7.42
CA PHE A 261 22.12 20.73 -7.86
C PHE A 261 20.99 21.30 -7.02
N GLY A 262 20.72 20.69 -5.88
CA GLY A 262 19.65 21.15 -5.00
C GLY A 262 18.47 20.19 -4.94
N LEU A 263 18.63 19.13 -4.13
CA LEU A 263 17.61 18.08 -4.09
C LEU A 263 16.29 18.56 -3.52
N VAL A 264 16.31 19.58 -2.65
CA VAL A 264 15.07 20.08 -2.07
C VAL A 264 14.17 20.71 -3.13
N MET A 265 14.72 21.12 -4.27
CA MET A 265 13.89 21.68 -5.34
C MET A 265 13.00 20.61 -5.94
N ILE A 266 13.59 19.50 -6.39
CA ILE A 266 12.80 18.42 -6.97
C ILE A 266 11.96 17.71 -5.92
N GLU A 267 12.34 17.80 -4.64
CA GLU A 267 11.48 17.29 -3.59
C GLU A 267 10.26 18.17 -3.40
N SER A 268 10.42 19.49 -3.58
CA SER A 268 9.28 20.39 -3.48
C SER A 268 8.31 20.16 -4.63
N MET A 269 8.83 20.05 -5.85
CA MET A 269 7.97 19.86 -7.02
C MET A 269 7.28 18.50 -6.99
N ALA A 270 7.97 17.47 -6.47
CA ALA A 270 7.35 16.16 -6.35
C ALA A 270 6.10 16.20 -5.47
N ALA A 271 6.15 16.97 -4.39
CA ALA A 271 4.96 17.20 -3.58
C ALA A 271 3.91 18.05 -4.30
N GLY A 272 4.22 18.54 -5.50
CA GLY A 272 3.34 19.42 -6.22
C GLY A 272 3.55 20.90 -5.96
N THR A 273 4.58 21.26 -5.19
CA THR A 273 4.80 22.65 -4.82
C THR A 273 5.92 23.24 -5.67
N PRO A 274 5.68 24.32 -6.40
CA PRO A 274 6.72 24.93 -7.23
C PRO A 274 7.72 25.70 -6.36
N VAL A 275 8.85 26.03 -6.99
CA VAL A 275 10.01 26.58 -6.29
C VAL A 275 10.27 28.00 -6.79
N VAL A 276 10.36 28.94 -5.84
CA VAL A 276 10.82 30.30 -6.12
C VAL A 276 12.30 30.33 -5.76
N ALA A 277 13.15 30.25 -6.77
CA ALA A 277 14.59 30.17 -6.59
C ALA A 277 15.28 31.34 -7.27
N ILE A 278 16.53 31.57 -6.87
CA ILE A 278 17.40 32.54 -7.52
C ILE A 278 18.24 31.80 -8.54
N ALA A 279 18.44 32.40 -9.71
CA ALA A 279 19.03 31.71 -10.85
C ALA A 279 20.55 31.67 -10.72
N LYS A 280 20.99 31.01 -9.66
CA LYS A 280 22.40 30.72 -9.43
C LYS A 280 22.62 29.22 -9.48
N GLY A 281 23.81 28.82 -9.92
CA GLY A 281 24.15 27.42 -9.93
C GLY A 281 23.28 26.62 -10.89
N ALA A 282 22.72 25.52 -10.38
CA ALA A 282 21.96 24.59 -11.18
C ALA A 282 20.45 24.84 -11.16
N ALA A 283 20.01 25.92 -10.51
CA ALA A 283 18.58 26.21 -10.48
C ALA A 283 17.97 26.41 -11.85
N PRO A 284 18.61 27.09 -12.82
CA PRO A 284 18.02 27.15 -14.16
C PRO A 284 17.86 25.79 -14.82
N GLU A 285 18.77 24.84 -14.57
CA GLU A 285 18.66 23.51 -15.17
C GLU A 285 17.60 22.65 -14.49
N VAL A 286 17.24 22.97 -13.26
CA VAL A 286 16.30 22.15 -12.49
C VAL A 286 14.88 22.69 -12.59
N ILE A 287 14.72 24.01 -12.55
CA ILE A 287 13.41 24.65 -12.66
C ILE A 287 13.16 25.00 -14.12
N GLU A 288 11.98 24.65 -14.61
CA GLU A 288 11.49 25.19 -15.87
C GLU A 288 10.71 26.47 -15.53
N HIS A 289 11.27 27.62 -15.91
CA HIS A 289 10.67 28.94 -15.54
C HIS A 289 9.24 29.07 -16.06
N GLY A 290 8.34 29.62 -15.23
CA GLY A 290 6.94 29.84 -15.65
C GLY A 290 6.15 28.56 -15.78
N LYS A 291 6.59 27.50 -15.09
CA LYS A 291 5.90 26.17 -15.18
C LYS A 291 6.08 25.43 -13.85
N THR A 292 7.33 25.13 -13.49
CA THR A 292 7.62 24.36 -12.24
C THR A 292 8.28 25.30 -11.22
N GLY A 293 8.05 26.61 -11.37
CA GLY A 293 8.61 27.60 -10.48
C GLY A 293 8.93 28.87 -11.26
N PHE A 294 9.79 29.68 -10.67
CA PHE A 294 10.17 30.96 -11.23
C PHE A 294 11.64 31.22 -10.94
N LEU A 295 12.42 31.45 -11.99
CA LEU A 295 13.80 31.86 -11.83
C LEU A 295 13.85 33.37 -11.61
N CYS A 296 14.51 33.79 -10.54
CA CYS A 296 14.58 35.19 -10.15
C CYS A 296 16.03 35.59 -10.00
N HIS A 297 16.29 36.89 -10.11
CA HIS A 297 17.63 37.42 -9.99
C HIS A 297 17.78 38.41 -8.85
N SER A 298 16.76 38.55 -8.01
CA SER A 298 16.85 39.41 -6.83
C SER A 298 15.79 38.98 -5.85
N VAL A 299 15.89 39.53 -4.64
CA VAL A 299 14.88 39.30 -3.61
C VAL A 299 13.55 39.91 -4.02
N GLU A 300 13.59 41.08 -4.66
CA GLU A 300 12.35 41.74 -5.06
C GLU A 300 11.68 41.00 -6.21
N ASP A 301 12.48 40.37 -7.07
CA ASP A 301 11.93 39.44 -8.05
C ASP A 301 11.25 38.27 -7.37
N CYS A 302 11.86 37.74 -6.31
CA CYS A 302 11.25 36.63 -5.58
C CYS A 302 9.95 37.05 -4.92
N VAL A 303 9.91 38.27 -4.36
CA VAL A 303 8.69 38.77 -3.74
C VAL A 303 7.59 38.95 -4.78
N ALA A 304 7.94 39.50 -5.95
CA ALA A 304 6.95 39.67 -7.00
C ALA A 304 6.47 38.34 -7.57
N ALA A 305 7.33 37.32 -7.56
CA ALA A 305 6.96 36.02 -8.12
C ALA A 305 6.01 35.24 -7.21
N VAL A 306 6.07 35.47 -5.89
CA VAL A 306 5.22 34.75 -4.95
C VAL A 306 3.75 35.01 -5.24
N ALA A 307 3.42 36.20 -5.76
CA ALA A 307 2.05 36.50 -6.11
C ALA A 307 1.57 35.71 -7.33
N GLN A 308 2.50 35.16 -8.11
CA GLN A 308 2.18 34.47 -9.35
C GLN A 308 2.33 32.96 -9.25
N VAL A 309 2.45 32.42 -8.03
CA VAL A 309 2.58 30.97 -7.86
C VAL A 309 1.24 30.24 -7.91
N PRO A 310 0.09 30.82 -7.51
CA PRO A 310 -1.18 30.12 -7.78
C PRO A 310 -1.49 29.98 -9.26
N GLN A 311 -0.80 30.69 -10.13
CA GLN A 311 -1.14 30.60 -11.57
C GLN A 311 -0.62 29.29 -12.13
N LEU A 312 0.25 28.61 -11.39
CA LEU A 312 0.89 27.40 -11.89
C LEU A 312 0.06 26.15 -11.70
N ASP A 313 0.24 25.20 -12.62
CA ASP A 313 -0.39 23.89 -12.49
C ASP A 313 0.45 23.01 -11.59
N ARG A 314 -0.10 22.62 -10.44
CA ARG A 314 0.67 21.90 -9.44
C ARG A 314 0.97 20.47 -9.87
N MET A 315 0.03 19.82 -10.56
CA MET A 315 0.29 18.47 -11.06
C MET A 315 1.40 18.46 -12.09
N ALA A 316 1.54 19.55 -12.85
CA ALA A 316 2.65 19.66 -13.78
C ALA A 316 3.98 19.65 -13.06
N CYS A 317 4.02 20.16 -11.81
CA CYS A 317 5.25 20.10 -11.03
C CYS A 317 5.64 18.66 -10.73
N ARG A 318 4.68 17.86 -10.27
CA ARG A 318 4.97 16.45 -9.99
C ARG A 318 5.31 15.69 -11.26
N ASP A 319 4.53 15.91 -12.34
CA ASP A 319 4.81 15.24 -13.60
C ASP A 319 6.18 15.61 -14.12
N TYR A 320 6.61 16.85 -13.88
CA TYR A 320 7.94 17.29 -14.30
C TYR A 320 9.03 16.47 -13.62
N VAL A 321 8.87 16.19 -12.32
CA VAL A 321 9.87 15.44 -11.58
C VAL A 321 9.97 14.02 -12.12
N TRP A 322 8.83 13.42 -12.45
CA TRP A 322 8.80 12.08 -13.03
C TRP A 322 9.58 12.01 -14.34
N GLN A 323 9.53 13.08 -15.14
CA GLN A 323 10.12 13.03 -16.48
C GLN A 323 11.63 13.14 -16.44
N ARG A 324 12.18 13.96 -15.54
CA ARG A 324 13.60 14.28 -15.53
C ARG A 324 14.38 13.66 -14.38
N PHE A 325 13.77 13.56 -13.19
CA PHE A 325 14.54 13.21 -12.01
C PHE A 325 14.04 11.92 -11.35
N SER A 326 13.85 10.87 -12.14
CA SER A 326 13.49 9.56 -11.64
C SER A 326 14.73 8.69 -11.48
N VAL A 327 14.68 7.76 -10.52
CA VAL A 327 15.79 6.85 -10.29
C VAL A 327 16.05 5.98 -11.51
N GLU A 328 14.99 5.63 -12.24
CA GLU A 328 15.13 4.82 -13.45
C GLU A 328 16.11 5.46 -14.43
N ARG A 329 15.94 6.75 -14.71
CA ARG A 329 16.82 7.43 -15.65
C ARG A 329 18.23 7.61 -15.08
N MET A 330 18.34 8.00 -13.81
CA MET A 330 19.65 8.24 -13.21
C MET A 330 20.52 6.99 -13.24
N VAL A 331 19.98 5.87 -12.76
CA VAL A 331 20.78 4.64 -12.68
C VAL A 331 21.13 4.15 -14.07
N SER A 332 20.21 4.29 -15.02
CA SER A 332 20.50 3.94 -16.41
C SER A 332 21.63 4.81 -16.94
N GLU A 333 21.65 6.09 -16.57
CA GLU A 333 22.73 6.97 -17.00
C GLU A 333 24.04 6.60 -16.34
N TYR A 334 23.99 6.18 -15.07
CA TYR A 334 25.19 5.69 -14.39
C TYR A 334 25.67 4.36 -14.97
N GLU A 335 24.74 3.53 -15.44
CA GLU A 335 25.14 2.29 -16.11
C GLU A 335 25.88 2.60 -17.41
N ALA A 336 25.44 3.63 -18.14
CA ALA A 336 26.15 4.06 -19.34
C ALA A 336 27.55 4.58 -19.00
N VAL A 337 27.72 5.17 -17.83
CA VAL A 337 29.05 5.63 -17.42
C VAL A 337 29.98 4.44 -17.15
N TYR A 338 29.48 3.42 -16.46
CA TYR A 338 30.30 2.25 -16.14
C TYR A 338 30.78 1.55 -17.41
N ASP A 339 29.90 1.42 -18.40
CA ASP A 339 30.29 0.80 -19.67
C ASP A 339 31.39 1.61 -20.36
N THR A 340 31.25 2.94 -20.36
CA THR A 340 32.27 3.79 -20.97
C THR A 340 33.62 3.61 -20.27
N VAL A 341 33.62 3.63 -18.94
CA VAL A 341 34.87 3.55 -18.19
C VAL A 341 35.50 2.17 -18.33
N LEU A 342 34.68 1.12 -18.40
CA LEU A 342 35.22 -0.24 -18.49
C LEU A 342 35.67 -0.61 -19.90
N ALA A 343 35.22 0.13 -20.91
CA ALA A 343 35.64 -0.13 -22.29
C ALA A 343 36.71 0.84 -22.78
N ASN A 344 36.53 2.13 -22.52
CA ASN A 344 37.50 3.16 -22.93
C ASN A 344 38.60 3.35 -21.89
N THR A 345 39.17 2.24 -21.42
CA THR A 345 40.24 2.30 -20.43
C THR A 345 41.60 2.31 -21.11
N HIS B 3 -29.13 -1.44 7.47
CA HIS B 3 -30.58 -1.54 7.35
C HIS B 3 -31.24 -0.47 8.22
N MET B 4 -30.46 0.58 8.49
CA MET B 4 -30.84 1.71 9.32
C MET B 4 -30.49 3.01 8.61
N ARG B 5 -31.23 4.06 8.93
CA ARG B 5 -30.88 5.42 8.54
C ARG B 5 -30.31 6.09 9.78
N ILE B 6 -29.02 6.41 9.76
CA ILE B 6 -28.31 6.86 10.95
C ILE B 6 -27.62 8.17 10.61
N ALA B 7 -27.68 9.12 11.54
CA ALA B 7 -27.05 10.43 11.38
C ALA B 7 -25.82 10.53 12.27
N GLN B 8 -24.70 10.93 11.67
CA GLN B 8 -23.46 11.17 12.40
C GLN B 8 -23.24 12.67 12.51
N VAL B 9 -23.25 13.18 13.73
CA VAL B 9 -23.12 14.62 14.00
C VAL B 9 -21.74 14.85 14.59
N ALA B 10 -20.87 15.45 13.81
CA ALA B 10 -19.49 15.65 14.21
C ALA B 10 -19.24 17.10 14.59
N PRO B 11 -18.28 17.36 15.47
CA PRO B 11 -17.82 18.74 15.67
C PRO B 11 -17.20 19.28 14.39
N LEU B 12 -17.17 20.60 14.30
CA LEU B 12 -16.74 21.28 13.08
C LEU B 12 -15.33 21.83 13.17
N TRP B 13 -14.64 21.64 14.30
CA TRP B 13 -13.30 22.18 14.45
C TRP B 13 -12.31 21.55 13.48
N GLU B 14 -12.48 20.28 13.18
CA GLU B 14 -11.54 19.55 12.33
C GLU B 14 -12.30 18.80 11.24
N ARG B 15 -11.58 18.49 10.17
CA ARG B 15 -12.11 17.61 9.14
C ARG B 15 -12.35 16.22 9.73
N VAL B 16 -13.46 15.58 9.31
CA VAL B 16 -13.83 14.30 9.89
C VAL B 16 -12.74 13.25 9.65
N PRO B 17 -12.12 13.15 8.49
CA PRO B 17 -10.77 12.60 8.44
C PRO B 17 -9.77 13.73 8.59
N PRO B 18 -9.33 14.01 9.81
CA PRO B 18 -8.49 15.19 10.04
C PRO B 18 -7.10 14.98 9.50
N PRO B 19 -6.55 15.95 8.76
CA PRO B 19 -5.17 15.79 8.27
C PRO B 19 -4.15 15.70 9.39
N ALA B 20 -4.36 16.43 10.49
CA ALA B 20 -3.42 16.42 11.60
C ALA B 20 -4.15 16.17 12.91
N TYR B 21 -4.13 17.14 13.82
CA TYR B 21 -4.75 16.96 15.13
C TYR B 21 -6.25 16.70 14.96
N GLY B 22 -6.78 15.85 15.83
CA GLY B 22 -8.21 15.58 15.84
C GLY B 22 -8.54 14.19 16.34
N GLY B 23 -9.12 14.13 17.54
CA GLY B 23 -9.50 12.85 18.11
C GLY B 23 -10.93 12.46 17.79
N VAL B 24 -11.89 13.29 18.21
CA VAL B 24 -13.31 12.98 18.03
C VAL B 24 -13.64 12.85 16.54
N GLU B 25 -13.13 13.77 15.72
CA GLU B 25 -13.43 13.73 14.29
C GLU B 25 -12.96 12.43 13.66
N LEU B 26 -11.75 11.98 14.03
CA LEU B 26 -11.22 10.74 13.47
C LEU B 26 -12.10 9.54 13.85
N VAL B 27 -12.58 9.50 15.09
CA VAL B 27 -13.42 8.39 15.52
C VAL B 27 -14.73 8.38 14.74
N VAL B 28 -15.28 9.56 14.46
CA VAL B 28 -16.49 9.63 13.65
C VAL B 28 -16.22 9.11 12.24
N SER B 29 -15.05 9.44 11.69
CA SER B 29 -14.69 8.98 10.35
C SER B 29 -14.69 7.45 10.28
N LEU B 30 -13.93 6.80 11.17
CA LEU B 30 -13.87 5.35 11.17
C LEU B 30 -15.25 4.73 11.36
N LEU B 31 -16.01 5.24 12.33
CA LEU B 31 -17.35 4.73 12.57
C LEU B 31 -18.26 4.96 11.37
N THR B 32 -18.12 6.10 10.69
CA THR B 32 -19.02 6.44 9.60
C THR B 32 -18.77 5.56 8.38
N GLU B 33 -17.50 5.35 8.01
CA GLU B 33 -17.19 4.52 6.86
C GLU B 33 -17.66 3.08 7.07
N GLU B 34 -17.43 2.52 8.26
CA GLU B 34 -17.77 1.13 8.51
C GLU B 34 -19.28 0.91 8.52
N LEU B 35 -20.06 1.88 9.00
CA LEU B 35 -21.51 1.73 8.96
C LEU B 35 -22.02 1.67 7.52
N VAL B 36 -21.38 2.41 6.62
CA VAL B 36 -21.78 2.37 5.22
C VAL B 36 -21.41 1.03 4.59
N LYS B 37 -20.23 0.50 4.92
CA LYS B 37 -19.85 -0.82 4.43
C LYS B 37 -20.83 -1.90 4.88
N ARG B 38 -21.41 -1.75 6.07
CA ARG B 38 -22.33 -2.72 6.62
C ARG B 38 -23.78 -2.49 6.19
N GLY B 39 -23.99 -1.70 5.14
CA GLY B 39 -25.31 -1.55 4.56
C GLY B 39 -26.23 -0.55 5.23
N HIS B 40 -25.70 0.32 6.08
CA HIS B 40 -26.51 1.36 6.70
C HIS B 40 -26.56 2.60 5.81
N GLU B 41 -27.67 3.33 5.92
CA GLU B 41 -27.86 4.59 5.18
C GLU B 41 -27.43 5.71 6.13
N VAL B 42 -26.20 6.19 5.96
CA VAL B 42 -25.58 7.10 6.91
C VAL B 42 -25.54 8.51 6.32
N THR B 43 -25.92 9.49 7.14
CA THR B 43 -25.73 10.90 6.81
C THR B 43 -24.74 11.49 7.81
N LEU B 44 -23.65 12.07 7.30
CA LEU B 44 -22.62 12.67 8.13
C LEU B 44 -22.76 14.18 8.09
N PHE B 45 -22.90 14.79 9.26
CA PHE B 45 -22.99 16.24 9.39
C PHE B 45 -21.64 16.77 9.88
N ALA B 46 -20.95 17.51 9.01
CA ALA B 46 -19.56 17.87 9.26
C ALA B 46 -19.16 18.95 8.26
N SER B 47 -17.89 19.34 8.32
CA SER B 47 -17.36 20.32 7.37
C SER B 47 -17.39 19.78 5.95
N GLY B 48 -17.39 20.69 4.99
CA GLY B 48 -17.55 20.32 3.60
C GLY B 48 -16.34 19.66 2.98
N ASP B 49 -15.15 19.84 3.56
CA ASP B 49 -13.95 19.21 3.04
C ASP B 49 -13.74 17.81 3.57
N SER B 50 -14.66 17.29 4.37
CA SER B 50 -14.55 15.93 4.88
C SER B 50 -14.63 14.92 3.74
N MET B 51 -14.14 13.72 4.01
CA MET B 51 -14.06 12.66 3.00
C MET B 51 -14.81 11.45 3.54
N THR B 52 -15.99 11.19 2.96
CA THR B 52 -16.84 10.10 3.44
C THR B 52 -17.58 9.48 2.26
N GLN B 53 -17.91 8.20 2.41
CA GLN B 53 -18.80 7.51 1.49
C GLN B 53 -20.26 7.62 1.90
N ALA B 54 -20.53 8.26 3.04
CA ALA B 54 -21.89 8.52 3.47
C ALA B 54 -22.36 9.84 2.87
N LYS B 55 -23.62 10.17 3.16
CA LYS B 55 -24.17 11.47 2.69
C LYS B 55 -23.56 12.57 3.54
N LEU B 56 -23.00 13.59 2.92
CA LEU B 56 -22.34 14.69 3.62
C LEU B 56 -23.26 15.90 3.57
N VAL B 57 -23.67 16.37 4.74
CA VAL B 57 -24.44 17.60 4.87
C VAL B 57 -23.58 18.57 5.66
N SER B 58 -23.21 19.67 5.03
CA SER B 58 -22.25 20.60 5.60
C SER B 58 -22.80 22.01 5.63
N THR B 59 -22.41 22.74 6.69
CA THR B 59 -22.77 24.14 6.85
C THR B 59 -21.59 25.09 6.77
N TYR B 60 -20.37 24.57 6.54
CA TYR B 60 -19.19 25.39 6.30
C TYR B 60 -18.20 24.54 5.53
N PRO B 61 -17.48 25.12 4.56
CA PRO B 61 -16.68 24.27 3.65
C PRO B 61 -15.41 23.70 4.26
N HIS B 62 -14.87 24.27 5.33
CA HIS B 62 -13.57 23.85 5.83
C HIS B 62 -13.61 23.64 7.35
N ALA B 63 -12.50 23.10 7.86
CA ALA B 63 -12.32 22.99 9.29
C ALA B 63 -12.18 24.37 9.93
N ILE B 64 -12.83 24.55 11.08
CA ILE B 64 -12.94 25.89 11.66
C ILE B 64 -11.67 26.32 12.39
N ARG B 65 -10.98 25.39 13.05
CA ARG B 65 -9.91 25.77 13.97
C ARG B 65 -8.81 26.56 13.27
N LEU B 66 -8.33 26.05 12.14
CA LEU B 66 -7.27 26.71 11.41
C LEU B 66 -7.79 27.62 10.30
N ASP B 67 -9.10 27.78 10.19
CA ASP B 67 -9.68 28.74 9.24
C ASP B 67 -9.57 30.15 9.79
N PRO B 68 -9.01 31.10 9.03
CA PRO B 68 -8.83 32.46 9.55
C PRO B 68 -10.02 33.39 9.38
N ASN B 69 -11.04 33.00 8.61
CA ASN B 69 -12.18 33.87 8.35
C ASN B 69 -13.29 33.71 9.39
N VAL B 70 -13.16 32.78 10.33
CA VAL B 70 -14.21 32.46 11.28
C VAL B 70 -13.79 32.93 12.67
N GLN B 71 -14.65 33.73 13.30
CA GLN B 71 -14.45 34.14 14.69
C GLN B 71 -15.51 33.58 15.62
N GLU B 72 -16.61 33.03 15.09
CA GLU B 72 -17.73 32.54 15.89
C GLU B 72 -18.03 31.10 15.47
N TYR B 73 -17.39 30.15 16.16
CA TYR B 73 -17.64 28.73 15.88
C TYR B 73 -19.08 28.35 16.19
N ALA B 74 -19.67 28.97 17.22
CA ALA B 74 -21.02 28.60 17.66
C ALA B 74 -22.07 28.83 16.57
N VAL B 75 -21.79 29.73 15.62
CA VAL B 75 -22.75 30.01 14.56
C VAL B 75 -22.99 28.76 13.71
N TYR B 76 -21.91 28.11 13.29
CA TYR B 76 -22.03 26.96 12.40
C TYR B 76 -22.39 25.69 13.16
N GLU B 77 -22.03 25.59 14.44
CA GLU B 77 -22.52 24.49 15.25
C GLU B 77 -24.04 24.53 15.37
N ALA B 78 -24.59 25.73 15.66
CA ALA B 78 -26.03 25.88 15.72
C ALA B 78 -26.67 25.68 14.34
N LEU B 79 -25.95 26.04 13.27
CA LEU B 79 -26.47 25.83 11.92
C LEU B 79 -26.73 24.35 11.65
N GLN B 80 -25.71 23.52 11.87
CA GLN B 80 -25.87 22.08 11.62
C GLN B 80 -26.77 21.43 12.66
N LEU B 81 -26.81 21.95 13.88
CA LEU B 81 -27.75 21.44 14.87
C LEU B 81 -29.19 21.66 14.43
N GLY B 82 -29.46 22.78 13.77
CA GLY B 82 -30.77 22.99 13.18
C GLY B 82 -31.02 22.05 12.01
N GLU B 83 -29.97 21.76 11.23
CA GLU B 83 -30.11 20.86 10.09
C GLU B 83 -30.45 19.45 10.52
N VAL B 84 -29.79 18.95 11.58
CA VAL B 84 -29.99 17.57 12.01
C VAL B 84 -31.43 17.34 12.44
N PHE B 85 -31.89 18.12 13.41
CA PHE B 85 -33.19 17.87 14.02
C PHE B 85 -34.35 18.36 13.17
N SER B 86 -34.10 19.18 12.15
CA SER B 86 -35.14 19.43 11.15
C SER B 86 -35.31 18.26 10.20
N ARG B 87 -34.33 17.36 10.13
CA ARG B 87 -34.43 16.12 9.38
C ARG B 87 -34.49 14.90 10.30
N ALA B 88 -34.83 15.10 11.57
CA ALA B 88 -34.81 13.99 12.52
C ALA B 88 -35.69 12.84 12.07
N ASN B 89 -36.77 13.13 11.35
CA ASN B 89 -37.66 12.09 10.84
C ASN B 89 -37.03 11.28 9.71
N GLU B 90 -35.88 11.70 9.18
CA GLU B 90 -35.21 10.99 8.10
C GLU B 90 -34.18 10.00 8.63
N PHE B 91 -34.19 9.70 9.92
CA PHE B 91 -33.23 8.81 10.53
C PHE B 91 -33.93 7.90 11.52
N ASP B 92 -33.33 6.73 11.75
CA ASP B 92 -33.80 5.85 12.81
C ASP B 92 -33.13 6.18 14.13
N VAL B 93 -31.90 6.68 14.09
CA VAL B 93 -31.16 7.08 15.28
C VAL B 93 -30.17 8.16 14.89
N ILE B 94 -30.09 9.21 15.71
CA ILE B 94 -29.12 10.28 15.55
C ILE B 94 -28.01 10.04 16.56
N HIS B 95 -26.78 9.96 16.08
CA HIS B 95 -25.60 9.71 16.93
C HIS B 95 -24.78 10.99 17.02
N SER B 96 -24.91 11.70 18.13
CA SER B 96 -24.28 12.99 18.31
C SER B 96 -22.93 12.85 19.00
N HIS B 97 -21.96 13.63 18.53
CA HIS B 97 -20.62 13.67 19.10
C HIS B 97 -20.21 15.08 19.49
N VAL B 98 -21.15 16.02 19.55
CA VAL B 98 -20.86 17.43 19.73
C VAL B 98 -21.09 17.89 21.16
N GLY B 99 -21.36 16.97 22.08
CA GLY B 99 -21.48 17.32 23.49
C GLY B 99 -22.86 17.79 23.94
N TYR B 100 -22.88 18.63 24.98
CA TYR B 100 -24.13 18.97 25.65
C TYR B 100 -25.04 19.86 24.81
N THR B 101 -24.52 20.51 23.77
CA THR B 101 -25.33 21.41 22.97
C THR B 101 -26.50 20.70 22.29
N ALA B 102 -26.48 19.37 22.23
CA ALA B 102 -27.53 18.60 21.60
C ALA B 102 -28.58 18.09 22.58
N LEU B 103 -28.32 18.18 23.88
CA LEU B 103 -29.28 17.67 24.87
C LEU B 103 -30.64 18.37 24.79
N PRO B 104 -30.74 19.71 24.76
CA PRO B 104 -32.07 20.33 24.71
C PRO B 104 -32.84 20.03 23.43
N TYR B 105 -32.17 19.65 22.35
CA TYR B 105 -32.87 19.28 21.12
C TYR B 105 -33.49 17.89 21.18
N THR B 106 -32.95 17.00 22.03
CA THR B 106 -33.38 15.61 22.00
C THR B 106 -34.81 15.46 22.50
N SER B 107 -35.20 16.25 23.51
CA SER B 107 -36.55 16.17 24.06
C SER B 107 -37.60 16.74 23.13
N LEU B 108 -37.20 17.40 22.04
CA LEU B 108 -38.15 18.05 21.13
C LEU B 108 -38.48 17.22 19.89
N VAL B 109 -37.80 16.08 19.68
CA VAL B 109 -38.00 15.28 18.48
C VAL B 109 -38.32 13.84 18.87
N LYS B 110 -39.00 13.14 17.96
CA LYS B 110 -39.34 11.75 18.20
C LYS B 110 -38.12 10.84 18.07
N THR B 111 -37.28 11.09 17.08
CA THR B 111 -36.16 10.20 16.79
C THR B 111 -35.21 10.14 17.97
N PRO B 112 -34.88 8.96 18.48
CA PRO B 112 -33.96 8.87 19.62
C PRO B 112 -32.55 9.29 19.24
N VAL B 113 -31.85 9.86 20.21
CA VAL B 113 -30.51 10.40 20.02
C VAL B 113 -29.55 9.65 20.94
N VAL B 114 -28.40 9.27 20.40
CA VAL B 114 -27.35 8.60 21.16
C VAL B 114 -26.21 9.59 21.33
N HIS B 115 -25.79 9.80 22.58
CA HIS B 115 -24.74 10.76 22.91
C HIS B 115 -23.49 10.00 23.34
N THR B 116 -22.46 10.05 22.51
CA THR B 116 -21.15 9.56 22.90
C THR B 116 -20.39 10.70 23.59
N LEU B 117 -20.10 10.53 24.87
CA LEU B 117 -19.36 11.54 25.61
C LEU B 117 -17.89 11.45 25.25
N HIS B 118 -17.34 12.53 24.70
CA HIS B 118 -15.94 12.56 24.30
C HIS B 118 -15.07 13.38 25.24
N GLY B 119 -15.63 13.92 26.32
CA GLY B 119 -14.90 14.84 27.16
C GLY B 119 -15.11 14.54 28.63
N ARG B 120 -14.17 15.04 29.43
CA ARG B 120 -14.29 14.98 30.87
C ARG B 120 -15.48 15.78 31.38
N PHE B 121 -15.99 15.36 32.53
CA PHE B 121 -17.03 16.11 33.23
C PHE B 121 -16.44 17.29 33.98
N THR B 122 -17.17 18.41 34.00
CA THR B 122 -16.73 19.62 34.67
C THR B 122 -17.80 20.06 35.66
N ALA B 123 -17.41 20.97 36.55
CA ALA B 123 -18.34 21.48 37.54
C ALA B 123 -19.55 22.14 36.89
N ASP B 124 -19.37 22.70 35.68
CA ASP B 124 -20.44 23.38 34.97
C ASP B 124 -21.26 22.41 34.13
N ASN B 125 -20.61 21.60 33.30
CA ASN B 125 -21.35 20.71 32.43
C ASN B 125 -22.07 19.64 33.23
N GLU B 126 -21.76 19.46 34.51
CA GLU B 126 -22.53 18.54 35.35
C GLU B 126 -23.97 18.97 35.50
N ARG B 127 -24.25 20.27 35.41
CA ARG B 127 -25.63 20.72 35.64
C ARG B 127 -26.56 20.39 34.46
N ILE B 128 -26.05 20.41 33.23
CA ILE B 128 -26.90 20.19 32.06
C ILE B 128 -27.12 18.71 31.78
N PHE B 129 -26.09 17.88 32.00
CA PHE B 129 -26.24 16.43 31.90
C PHE B 129 -27.14 15.91 33.00
N SER B 130 -27.08 16.52 34.18
CA SER B 130 -27.98 16.13 35.26
C SER B 130 -29.43 16.34 34.87
N GLN B 131 -29.71 17.48 34.23
CA GLN B 131 -31.09 17.80 33.83
C GLN B 131 -31.59 16.87 32.73
N TYR B 132 -30.69 16.22 32.00
CA TYR B 132 -31.08 15.26 30.96
C TYR B 132 -30.52 13.88 31.29
N ARG B 133 -30.67 13.47 32.55
CA ARG B 133 -30.09 12.20 33.00
C ARG B 133 -30.65 11.00 32.26
N ASN B 134 -31.93 11.05 31.89
CA ASN B 134 -32.62 9.89 31.30
C ASN B 134 -32.43 9.81 29.79
N GLN B 135 -31.32 10.28 29.26
CA GLN B 135 -31.03 10.21 27.84
C GLN B 135 -29.96 9.15 27.57
N ASN B 136 -29.79 8.81 26.30
CA ASN B 136 -28.95 7.69 25.89
C ASN B 136 -27.51 8.19 25.77
N TYR B 137 -26.70 7.86 26.77
CA TYR B 137 -25.29 8.22 26.81
C TYR B 137 -24.42 6.99 26.58
N VAL B 138 -23.27 7.21 25.97
CA VAL B 138 -22.24 6.19 25.78
C VAL B 138 -20.91 6.76 26.24
N SER B 139 -20.21 6.02 27.10
CA SER B 139 -18.90 6.45 27.57
C SER B 139 -17.81 5.74 26.77
N ILE B 140 -16.65 6.39 26.68
CA ILE B 140 -15.51 5.79 25.98
C ILE B 140 -14.52 5.18 26.95
N SER B 141 -14.82 5.20 28.25
CA SER B 141 -14.03 4.55 29.28
C SER B 141 -14.88 4.49 30.55
N HIS B 142 -14.50 3.60 31.46
CA HIS B 142 -15.26 3.44 32.68
C HIS B 142 -14.94 4.54 33.69
N SER B 143 -13.66 4.91 33.81
CA SER B 143 -13.28 6.00 34.71
C SER B 143 -13.93 7.32 34.31
N GLN B 144 -14.40 7.43 33.06
CA GLN B 144 -15.09 8.65 32.64
C GLN B 144 -16.44 8.80 33.33
N ARG B 145 -17.05 7.68 33.73
CA ARG B 145 -18.36 7.74 34.35
C ARG B 145 -18.26 8.34 35.75
N GLN B 146 -17.94 9.64 35.82
CA GLN B 146 -17.90 10.35 37.09
C GLN B 146 -19.27 10.83 37.54
N LEU B 147 -20.26 10.79 36.66
CA LEU B 147 -21.66 11.04 37.01
C LEU B 147 -22.36 9.69 36.98
N ARG B 148 -22.29 8.96 38.09
CA ARG B 148 -22.89 7.64 38.20
C ARG B 148 -24.40 7.69 38.33
N GLU B 149 -25.02 8.81 37.97
CA GLU B 149 -26.47 8.94 37.93
C GLU B 149 -27.03 9.00 36.52
N LEU B 150 -26.17 9.09 35.50
CA LEU B 150 -26.61 9.16 34.11
C LEU B 150 -26.98 7.79 33.56
N ASN B 151 -27.84 7.80 32.54
CA ASN B 151 -28.28 6.58 31.86
C ASN B 151 -27.27 6.22 30.77
N TYR B 152 -26.22 5.52 31.19
CA TYR B 152 -25.22 5.01 30.25
C TYR B 152 -25.78 3.79 29.52
N ILE B 153 -25.86 3.89 28.19
CA ILE B 153 -26.32 2.74 27.41
C ILE B 153 -25.25 1.66 27.39
N ALA B 154 -23.99 2.06 27.30
CA ALA B 154 -22.86 1.14 27.26
C ALA B 154 -21.59 1.98 27.35
N THR B 155 -20.48 1.30 27.63
CA THR B 155 -19.16 1.87 27.44
C THR B 155 -18.58 1.28 26.16
N VAL B 156 -18.20 2.16 25.23
CA VAL B 156 -17.62 1.75 23.96
C VAL B 156 -16.25 2.40 23.85
N TYR B 157 -15.20 1.59 23.99
CA TYR B 157 -13.84 2.09 23.80
C TYR B 157 -13.66 2.58 22.37
N ASN B 158 -12.82 3.59 22.21
CA ASN B 158 -12.52 4.09 20.88
C ASN B 158 -11.60 3.10 20.16
N ALA B 159 -11.32 3.40 18.88
CA ALA B 159 -10.49 2.52 18.09
C ALA B 159 -9.75 3.33 17.04
N ILE B 160 -8.72 2.71 16.46
CA ILE B 160 -8.00 3.26 15.32
C ILE B 160 -7.96 2.21 14.23
N ALA B 161 -7.49 2.63 13.06
CA ALA B 161 -7.30 1.71 11.92
C ALA B 161 -5.85 1.26 11.98
N VAL B 162 -5.62 0.16 12.70
CA VAL B 162 -4.26 -0.28 13.01
C VAL B 162 -3.45 -0.55 11.73
N GLU B 163 -4.12 -1.06 10.69
CA GLU B 163 -3.42 -1.42 9.46
C GLU B 163 -2.78 -0.20 8.81
N THR B 164 -3.35 0.99 9.00
CA THR B 164 -2.80 2.20 8.40
C THR B 164 -1.61 2.74 9.17
N HIS B 165 -1.24 2.12 10.28
CA HIS B 165 -0.07 2.51 11.06
C HIS B 165 1.06 1.52 10.81
N HIS B 166 2.20 2.04 10.34
CA HIS B 166 3.36 1.20 10.10
C HIS B 166 3.94 0.69 11.41
N PHE B 167 4.34 -0.58 11.40
CA PHE B 167 4.93 -1.20 12.59
C PHE B 167 6.45 -1.07 12.53
N TYR B 168 7.05 -0.66 13.64
CA TYR B 168 8.49 -0.50 13.73
C TYR B 168 9.07 -1.60 14.60
N PRO B 169 9.92 -2.47 14.04
CA PRO B 169 10.49 -3.57 14.83
C PRO B 169 11.42 -3.08 15.94
N GLN B 170 12.26 -2.11 15.63
CA GLN B 170 13.26 -1.59 16.54
C GLN B 170 13.26 -0.07 16.49
N PRO B 171 13.41 0.60 17.62
CA PRO B 171 13.39 2.07 17.61
C PRO B 171 14.64 2.62 16.94
N SER B 172 14.81 3.94 16.91
CA SER B 172 15.92 4.53 16.19
C SER B 172 17.25 4.16 16.83
N ASP B 173 18.30 4.12 16.00
CA ASP B 173 19.60 3.64 16.47
C ASP B 173 20.16 4.53 17.57
N PRO B 174 20.20 5.86 17.44
CA PRO B 174 20.37 6.69 18.62
C PRO B 174 19.01 6.97 19.26
N PRO B 175 18.82 6.56 20.52
CA PRO B 175 17.47 6.56 21.10
C PRO B 175 16.90 7.96 21.27
N TYR B 176 15.57 8.00 21.33
CA TYR B 176 14.83 9.24 21.59
C TYR B 176 13.44 8.88 22.10
N LEU B 177 12.90 9.73 22.97
CA LEU B 177 11.54 9.61 23.46
C LEU B 177 10.63 10.56 22.69
N ALA B 178 9.31 10.31 22.80
CA ALA B 178 8.34 11.02 22.00
C ALA B 178 7.18 11.54 22.83
N PHE B 179 6.72 12.75 22.49
CA PHE B 179 5.46 13.30 22.97
C PHE B 179 4.58 13.60 21.76
N LEU B 180 3.31 13.20 21.83
CA LEU B 180 2.36 13.47 20.77
C LEU B 180 1.04 13.92 21.39
N GLY B 181 0.61 15.12 21.03
CA GLY B 181 -0.63 15.65 21.55
C GLY B 181 -0.59 17.16 21.60
N ARG B 182 -1.74 17.72 21.91
CA ARG B 182 -1.84 19.18 22.04
C ARG B 182 -0.93 19.64 23.17
N LEU B 183 -0.30 20.79 22.97
CA LEU B 183 0.61 21.33 23.98
C LEU B 183 -0.22 22.00 25.08
N SER B 184 -0.80 21.16 25.93
CA SER B 184 -1.67 21.59 27.01
C SER B 184 -1.21 20.99 28.31
N PRO B 185 -1.35 21.72 29.43
CA PRO B 185 -0.95 21.15 30.73
C PRO B 185 -1.64 19.85 31.07
N GLU B 186 -2.83 19.61 30.52
CA GLU B 186 -3.52 18.35 30.78
C GLU B 186 -2.74 17.16 30.25
N LYS B 187 -1.93 17.37 29.22
CA LYS B 187 -1.06 16.32 28.68
C LYS B 187 0.33 16.35 29.28
N GLY B 188 0.67 17.43 29.99
CA GLY B 188 1.94 17.56 30.66
C GLY B 188 3.16 17.39 29.77
N PRO B 189 3.30 18.22 28.73
CA PRO B 189 4.57 18.22 27.98
C PRO B 189 5.72 18.78 28.77
N HIS B 190 5.45 19.56 29.82
CA HIS B 190 6.51 19.99 30.73
C HIS B 190 7.07 18.80 31.50
N HIS B 191 6.20 17.85 31.89
CA HIS B 191 6.68 16.61 32.49
C HIS B 191 7.55 15.83 31.51
N ALA B 192 7.10 15.73 30.25
CA ALA B 192 7.84 14.96 29.26
C ALA B 192 9.23 15.53 29.06
N ILE B 193 9.36 16.86 29.05
CA ILE B 193 10.67 17.47 28.93
C ILE B 193 11.51 17.18 30.18
N GLU B 194 10.90 17.27 31.37
CA GLU B 194 11.61 16.98 32.60
C GLU B 194 11.97 15.51 32.72
N ILE B 195 11.05 14.62 32.32
CA ILE B 195 11.35 13.18 32.32
C ILE B 195 12.51 12.90 31.37
N ALA B 196 12.55 13.61 30.24
CA ALA B 196 13.56 13.34 29.22
C ALA B 196 14.94 13.76 29.69
N LYS B 197 15.04 14.92 30.35
CA LYS B 197 16.34 15.45 30.72
C LYS B 197 16.89 14.86 32.01
N ARG B 198 16.07 14.19 32.81
CA ARG B 198 16.62 13.39 33.91
C ARG B 198 17.27 12.11 33.41
N VAL B 199 16.72 11.52 32.34
CA VAL B 199 17.26 10.27 31.83
C VAL B 199 18.38 10.50 30.82
N GLY B 200 18.52 11.72 30.30
CA GLY B 200 19.54 12.01 29.33
C GLY B 200 19.23 11.63 27.91
N ILE B 201 17.99 11.27 27.61
CA ILE B 201 17.57 10.81 26.29
C ILE B 201 16.75 11.92 25.65
N PRO B 202 17.03 12.30 24.40
CA PRO B 202 16.30 13.42 23.78
C PRO B 202 14.81 13.14 23.61
N LEU B 203 14.06 14.23 23.44
CA LEU B 203 12.62 14.18 23.29
C LEU B 203 12.25 14.85 21.97
N ARG B 204 11.47 14.16 21.16
CA ARG B 204 10.91 14.70 19.92
C ARG B 204 9.44 14.97 20.14
N MET B 205 9.00 16.19 19.85
CA MET B 205 7.66 16.62 20.23
C MET B 205 6.84 16.95 19.00
N ALA B 206 5.55 16.61 19.04
CA ALA B 206 4.61 16.96 18.00
C ALA B 206 3.26 17.29 18.63
N GLY B 207 2.55 18.23 18.02
CA GLY B 207 1.23 18.59 18.49
C GLY B 207 0.91 20.03 18.14
N LYS B 208 -0.35 20.38 18.31
CA LYS B 208 -0.82 21.73 18.10
C LYS B 208 -0.65 22.58 19.35
N VAL B 209 -0.54 23.89 19.14
CA VAL B 209 -0.52 24.87 20.23
C VAL B 209 -1.64 25.87 19.93
N ASP B 210 -2.83 25.60 20.43
CA ASP B 210 -3.97 26.45 20.08
C ASP B 210 -4.09 27.60 21.08
N ARG B 211 -5.12 28.44 20.87
CA ARG B 211 -5.18 29.75 21.50
C ARG B 211 -5.18 29.67 23.03
N VAL B 212 -5.88 28.69 23.60
CA VAL B 212 -6.05 28.66 25.05
C VAL B 212 -4.81 28.21 25.80
N ASP B 213 -3.81 27.68 25.10
CA ASP B 213 -2.58 27.21 25.72
C ASP B 213 -1.37 28.03 25.29
N ARG B 214 -1.60 29.19 24.69
CA ARG B 214 -0.48 30.01 24.19
C ARG B 214 0.39 30.51 25.34
N ASP B 215 -0.24 31.00 26.42
CA ASP B 215 0.53 31.43 27.58
C ASP B 215 1.30 30.27 28.18
N TYR B 216 0.64 29.11 28.32
CA TYR B 216 1.30 27.92 28.82
C TYR B 216 2.52 27.57 27.98
N PHE B 217 2.38 27.63 26.66
CA PHE B 217 3.49 27.28 25.76
C PHE B 217 4.67 28.22 25.92
N LYS B 218 4.41 29.54 26.02
CA LYS B 218 5.49 30.52 26.05
C LYS B 218 6.28 30.46 27.35
N GLU B 219 5.61 30.11 28.46
CA GLU B 219 6.21 30.22 29.79
C GLU B 219 6.83 28.93 30.31
N LEU B 220 6.33 27.77 29.88
CA LEU B 220 6.78 26.51 30.41
C LEU B 220 7.37 25.56 29.38
N ILE B 221 7.01 25.68 28.11
CA ILE B 221 7.44 24.75 27.06
C ILE B 221 8.49 25.37 26.14
N GLU B 222 8.17 26.51 25.52
CA GLU B 222 9.06 27.08 24.51
C GLU B 222 10.48 27.39 25.00
N PRO B 223 10.71 27.93 26.20
CA PRO B 223 12.09 28.21 26.61
C PRO B 223 12.97 26.98 26.70
N HIS B 224 12.38 25.79 26.75
CA HIS B 224 13.13 24.54 26.86
C HIS B 224 13.32 23.86 25.52
N ILE B 225 12.74 24.37 24.44
CA ILE B 225 12.83 23.73 23.13
C ILE B 225 14.22 24.01 22.58
N ASP B 226 15.10 23.02 22.69
CA ASP B 226 16.49 23.18 22.26
C ASP B 226 16.58 23.40 20.76
N GLY B 227 15.88 22.58 20.00
CA GLY B 227 16.22 22.37 18.61
C GLY B 227 17.21 21.26 18.41
N GLU B 228 17.75 20.71 19.51
CA GLU B 228 18.73 19.63 19.47
C GLU B 228 18.33 18.48 20.39
N PHE B 229 18.31 18.73 21.70
CA PHE B 229 17.89 17.72 22.66
C PHE B 229 16.37 17.68 22.79
N ILE B 230 15.73 18.83 22.83
CA ILE B 230 14.28 18.94 22.80
C ILE B 230 13.91 19.53 21.46
N GLN B 231 13.10 18.80 20.69
CA GLN B 231 12.69 19.24 19.37
C GLN B 231 11.17 19.27 19.31
N PHE B 232 10.63 20.30 18.67
CA PHE B 232 9.20 20.48 18.53
C PHE B 232 8.93 20.77 17.06
N ILE B 233 8.34 19.81 16.36
CA ILE B 233 8.05 19.99 14.95
C ILE B 233 6.70 20.65 14.72
N GLY B 234 5.82 20.66 15.72
CA GLY B 234 4.54 21.31 15.60
C GLY B 234 3.60 20.48 14.75
N GLU B 235 2.36 20.32 15.20
CA GLU B 235 1.30 19.50 14.61
C GLU B 235 1.75 18.56 13.49
N ALA B 236 1.61 17.25 13.70
CA ALA B 236 2.04 16.25 12.74
C ALA B 236 0.84 15.58 12.10
N ASP B 237 0.96 15.26 10.82
CA ASP B 237 -0.07 14.48 10.15
C ASP B 237 0.14 13.00 10.43
N HIS B 238 -0.69 12.16 9.82
CA HIS B 238 -0.64 10.72 10.12
C HIS B 238 0.72 10.10 9.83
N PRO B 239 1.32 10.28 8.64
CA PRO B 239 2.66 9.70 8.43
C PRO B 239 3.72 10.24 9.38
N THR B 240 3.68 11.55 9.68
CA THR B 240 4.71 12.14 10.53
C THR B 240 4.58 11.63 11.96
N LYS B 241 3.36 11.63 12.50
CA LYS B 241 3.19 11.19 13.88
C LYS B 241 3.51 9.71 14.04
N ASN B 242 3.30 8.92 12.98
CA ASN B 242 3.60 7.50 13.03
C ASN B 242 5.09 7.23 12.98
N ALA B 243 5.82 8.02 12.18
CA ALA B 243 7.28 7.96 12.22
C ALA B 243 7.81 8.47 13.56
N LEU B 244 7.13 9.43 14.16
CA LEU B 244 7.54 9.94 15.47
C LEU B 244 7.39 8.88 16.55
N LEU B 245 6.24 8.19 16.58
CA LEU B 245 6.01 7.19 17.61
C LEU B 245 6.81 5.91 17.34
N GLY B 246 6.85 5.47 16.08
CA GLY B 246 7.52 4.23 15.75
C GLY B 246 9.01 4.25 16.03
N GLY B 247 9.65 5.41 15.82
CA GLY B 247 11.08 5.51 16.05
C GLY B 247 11.47 5.63 17.51
N ALA B 248 10.54 5.97 18.38
CA ALA B 248 10.86 6.20 19.78
C ALA B 248 10.90 4.88 20.54
N ILE B 249 11.74 4.85 21.58
CA ILE B 249 11.75 3.70 22.47
C ILE B 249 10.47 3.65 23.28
N ALA B 250 9.88 4.80 23.58
CA ALA B 250 8.62 4.89 24.30
C ALA B 250 8.01 6.25 24.02
N MET B 251 6.70 6.35 24.27
CA MET B 251 5.98 7.62 24.20
C MET B 251 5.64 8.05 25.62
N LEU B 252 6.02 9.27 25.97
CA LEU B 252 5.69 9.82 27.28
C LEU B 252 4.27 10.37 27.25
N PHE B 253 3.42 9.89 28.14
CA PHE B 253 2.03 10.34 28.26
C PHE B 253 1.77 10.79 29.69
N PRO B 254 2.44 11.87 30.13
CA PRO B 254 2.37 12.29 31.54
C PRO B 254 1.19 13.22 31.80
N ILE B 255 -0.01 12.67 31.71
CA ILE B 255 -1.24 13.44 31.90
C ILE B 255 -1.33 13.90 33.35
N THR B 256 -1.91 15.08 33.54
CA THR B 256 -2.24 15.63 34.86
C THR B 256 -3.75 15.81 35.00
N TRP B 257 -4.51 14.95 34.33
CA TRP B 257 -5.87 15.29 33.97
C TRP B 257 -6.73 14.04 33.92
N GLN B 258 -8.03 14.20 34.15
CA GLN B 258 -8.99 13.09 34.10
C GLN B 258 -9.26 12.74 32.64
N GLU B 259 -8.27 12.10 32.03
CA GLU B 259 -8.32 11.78 30.61
C GLU B 259 -9.50 10.88 30.27
N PRO B 260 -10.34 11.26 29.29
CA PRO B 260 -11.44 10.36 28.90
C PRO B 260 -10.97 9.11 28.18
N PHE B 261 -9.93 9.22 27.35
CA PHE B 261 -9.39 8.05 26.67
C PHE B 261 -7.89 8.20 26.41
N GLY B 262 -7.55 8.84 25.28
CA GLY B 262 -6.15 9.03 24.93
C GLY B 262 -5.75 8.21 23.71
N LEU B 263 -6.12 8.68 22.53
CA LEU B 263 -5.90 7.91 21.31
C LEU B 263 -4.42 7.76 21.00
N VAL B 264 -3.57 8.68 21.47
CA VAL B 264 -2.15 8.59 21.21
C VAL B 264 -1.52 7.38 21.86
N MET B 265 -2.17 6.82 22.89
CA MET B 265 -1.64 5.61 23.52
C MET B 265 -1.76 4.42 22.58
N ILE B 266 -2.97 4.14 22.10
CA ILE B 266 -3.16 3.01 21.19
C ILE B 266 -2.56 3.28 19.82
N GLU B 267 -2.36 4.55 19.46
CA GLU B 267 -1.64 4.84 18.22
C GLU B 267 -0.15 4.54 18.37
N SER B 268 0.40 4.79 19.56
CA SER B 268 1.81 4.47 19.81
C SER B 268 2.04 2.96 19.78
N MET B 269 1.16 2.20 20.43
CA MET B 269 1.32 0.75 20.47
C MET B 269 1.19 0.12 19.08
N ALA B 270 0.32 0.68 18.23
CA ALA B 270 0.19 0.17 16.86
C ALA B 270 1.51 0.25 16.11
N ALA B 271 2.25 1.34 16.29
CA ALA B 271 3.59 1.45 15.73
C ALA B 271 4.60 0.54 16.40
N GLY B 272 4.22 -0.19 17.45
CA GLY B 272 5.14 -1.01 18.20
C GLY B 272 5.82 -0.33 19.36
N THR B 273 5.42 0.90 19.69
CA THR B 273 6.10 1.68 20.72
C THR B 273 5.29 1.63 22.02
N PRO B 274 5.87 1.18 23.12
CA PRO B 274 5.13 1.15 24.39
C PRO B 274 5.00 2.54 24.99
N VAL B 275 4.07 2.65 25.95
CA VAL B 275 3.66 3.94 26.50
C VAL B 275 4.01 3.98 27.98
N VAL B 276 4.79 5.00 28.37
CA VAL B 276 5.04 5.30 29.78
C VAL B 276 4.12 6.47 30.14
N ALA B 277 3.01 6.17 30.80
CA ALA B 277 1.99 7.16 31.13
C ALA B 277 1.77 7.21 32.64
N ILE B 278 1.12 8.30 33.07
CA ILE B 278 0.68 8.42 34.46
C ILE B 278 -0.75 7.92 34.54
N ALA B 279 -1.05 7.13 35.57
CA ALA B 279 -2.30 6.37 35.62
C ALA B 279 -3.44 7.23 36.18
N LYS B 280 -3.79 8.26 35.42
CA LYS B 280 -4.95 9.07 35.66
C LYS B 280 -5.97 8.85 34.55
N GLY B 281 -7.24 9.01 34.88
CA GLY B 281 -8.28 8.87 33.86
C GLY B 281 -8.33 7.46 33.30
N ALA B 282 -8.30 7.35 31.98
CA ALA B 282 -8.48 6.07 31.30
C ALA B 282 -7.18 5.35 30.96
N ALA B 283 -6.03 5.90 31.35
CA ALA B 283 -4.77 5.23 31.06
C ALA B 283 -4.66 3.84 31.69
N PRO B 284 -5.10 3.60 32.93
CA PRO B 284 -5.07 2.22 33.45
C PRO B 284 -5.88 1.23 32.63
N GLU B 285 -6.99 1.65 32.04
CA GLU B 285 -7.79 0.73 31.23
C GLU B 285 -7.20 0.51 29.85
N VAL B 286 -6.34 1.42 29.38
CA VAL B 286 -5.79 1.35 28.03
C VAL B 286 -4.44 0.67 28.01
N ILE B 287 -3.61 0.93 29.01
CA ILE B 287 -2.29 0.32 29.11
C ILE B 287 -2.40 -0.96 29.94
N GLU B 288 -1.84 -2.05 29.43
CA GLU B 288 -1.62 -3.25 30.23
C GLU B 288 -0.24 -3.11 30.86
N HIS B 289 -0.21 -2.90 32.17
CA HIS B 289 1.05 -2.62 32.85
C HIS B 289 2.04 -3.76 32.67
N GLY B 290 3.28 -3.40 32.37
CA GLY B 290 4.35 -4.37 32.22
C GLY B 290 4.36 -5.19 30.94
N LYS B 291 3.31 -5.12 30.11
CA LYS B 291 3.30 -5.80 28.82
C LYS B 291 3.35 -4.85 27.64
N THR B 292 2.42 -3.88 27.58
CA THR B 292 2.37 -2.92 26.49
C THR B 292 2.74 -1.51 26.95
N GLY B 293 3.31 -1.38 28.14
CA GLY B 293 3.65 -0.06 28.67
C GLY B 293 3.86 -0.16 30.17
N PHE B 294 3.79 1.00 30.82
CA PHE B 294 4.02 1.09 32.26
C PHE B 294 3.09 2.13 32.85
N LEU B 295 2.29 1.72 33.85
CA LEU B 295 1.50 2.67 34.60
C LEU B 295 2.38 3.28 35.68
N CYS B 296 2.47 4.61 35.69
CA CYS B 296 3.30 5.35 36.62
C CYS B 296 2.44 6.40 37.30
N HIS B 297 2.87 6.85 38.48
CA HIS B 297 2.14 7.88 39.19
C HIS B 297 2.99 9.08 39.62
N SER B 298 4.21 9.20 39.11
CA SER B 298 5.03 10.37 39.41
C SER B 298 6.07 10.51 38.31
N VAL B 299 6.78 11.64 38.35
CA VAL B 299 7.88 11.85 37.42
C VAL B 299 8.98 10.82 37.68
N GLU B 300 9.20 10.48 38.96
CA GLU B 300 10.27 9.55 39.31
C GLU B 300 9.91 8.12 38.91
N ASP B 301 8.63 7.76 38.97
CA ASP B 301 8.19 6.48 38.42
C ASP B 301 8.40 6.43 36.92
N CYS B 302 8.08 7.52 36.22
CA CYS B 302 8.27 7.56 34.76
C CYS B 302 9.74 7.47 34.38
N VAL B 303 10.62 8.12 35.14
CA VAL B 303 12.04 8.08 34.84
C VAL B 303 12.57 6.66 35.00
N ALA B 304 12.16 5.96 36.06
CA ALA B 304 12.58 4.58 36.26
C ALA B 304 12.01 3.65 35.19
N ALA B 305 10.84 3.98 34.65
CA ALA B 305 10.19 3.09 33.69
C ALA B 305 10.88 3.10 32.33
N VAL B 306 11.54 4.22 31.96
CA VAL B 306 12.23 4.29 30.68
C VAL B 306 13.33 3.24 30.57
N ALA B 307 13.94 2.87 31.69
CA ALA B 307 14.97 1.83 31.62
C ALA B 307 14.38 0.45 31.33
N GLN B 308 13.09 0.25 31.56
CA GLN B 308 12.48 -1.06 31.46
C GLN B 308 11.57 -1.22 30.24
N VAL B 309 11.58 -0.27 29.31
CA VAL B 309 10.75 -0.41 28.10
C VAL B 309 11.43 -1.26 27.03
N PRO B 310 12.77 -1.35 26.93
CA PRO B 310 13.35 -2.34 26.00
C PRO B 310 13.06 -3.77 26.40
N GLN B 311 12.68 -4.00 27.67
CA GLN B 311 12.30 -5.32 28.15
C GLN B 311 11.02 -5.82 27.51
N LEU B 312 10.25 -4.92 26.91
CA LEU B 312 8.93 -5.22 26.38
C LEU B 312 9.01 -5.66 24.93
N ASP B 313 8.10 -6.56 24.55
CA ASP B 313 8.01 -7.02 23.18
C ASP B 313 7.20 -6.02 22.37
N ARG B 314 7.86 -5.41 21.38
CA ARG B 314 7.22 -4.35 20.61
C ARG B 314 6.10 -4.89 19.73
N MET B 315 6.27 -6.11 19.22
CA MET B 315 5.22 -6.75 18.42
C MET B 315 3.96 -7.00 19.25
N ALA B 316 4.12 -7.26 20.55
CA ALA B 316 2.96 -7.44 21.41
C ALA B 316 2.11 -6.18 21.52
N CYS B 317 2.74 -5.01 21.39
CA CYS B 317 1.98 -3.76 21.46
C CYS B 317 0.98 -3.64 20.32
N ARG B 318 1.41 -3.97 19.09
CA ARG B 318 0.52 -3.90 17.94
C ARG B 318 -0.64 -4.89 18.09
N ASP B 319 -0.33 -6.13 18.48
CA ASP B 319 -1.37 -7.15 18.66
C ASP B 319 -2.38 -6.75 19.71
N TYR B 320 -1.94 -6.03 20.75
CA TYR B 320 -2.86 -5.59 21.79
C TYR B 320 -3.93 -4.67 21.23
N VAL B 321 -3.53 -3.73 20.36
CA VAL B 321 -4.50 -2.81 19.76
C VAL B 321 -5.44 -3.56 18.83
N TRP B 322 -4.91 -4.54 18.08
CA TRP B 322 -5.76 -5.35 17.21
C TRP B 322 -6.84 -6.07 18.00
N GLN B 323 -6.52 -6.49 19.22
CA GLN B 323 -7.46 -7.29 20.01
C GLN B 323 -8.55 -6.42 20.65
N ARG B 324 -8.20 -5.22 21.10
CA ARG B 324 -9.10 -4.39 21.89
C ARG B 324 -9.61 -3.16 21.15
N PHE B 325 -8.77 -2.52 20.33
CA PHE B 325 -9.14 -1.23 19.78
C PHE B 325 -9.15 -1.26 18.25
N SER B 326 -9.82 -2.25 17.68
CA SER B 326 -10.02 -2.35 16.25
C SER B 326 -11.36 -1.75 15.88
N VAL B 327 -11.46 -1.25 14.64
CA VAL B 327 -12.69 -0.65 14.15
C VAL B 327 -13.81 -1.69 14.13
N GLU B 328 -13.47 -2.95 13.87
CA GLU B 328 -14.45 -4.03 13.84
C GLU B 328 -15.23 -4.11 15.15
N ARG B 329 -14.53 -4.09 16.29
CA ARG B 329 -15.20 -4.20 17.58
C ARG B 329 -16.01 -2.95 17.91
N MET B 330 -15.45 -1.77 17.64
CA MET B 330 -16.10 -0.51 18.01
C MET B 330 -17.47 -0.37 17.33
N VAL B 331 -17.51 -0.57 16.01
CA VAL B 331 -18.75 -0.33 15.27
C VAL B 331 -19.81 -1.36 15.67
N SER B 332 -19.41 -2.61 15.90
CA SER B 332 -20.37 -3.62 16.34
C SER B 332 -20.96 -3.26 17.69
N GLU B 333 -20.15 -2.69 18.58
CA GLU B 333 -20.65 -2.29 19.89
C GLU B 333 -21.60 -1.10 19.75
N TYR B 334 -21.30 -0.18 18.84
CA TYR B 334 -22.23 0.92 18.58
C TYR B 334 -23.50 0.42 17.88
N GLU B 335 -23.38 -0.64 17.07
CA GLU B 335 -24.57 -1.23 16.47
C GLU B 335 -25.48 -1.83 17.52
N ALA B 336 -24.91 -2.46 18.55
CA ALA B 336 -25.72 -2.96 19.66
C ALA B 336 -26.40 -1.82 20.40
N VAL B 337 -25.76 -0.65 20.44
CA VAL B 337 -26.40 0.52 21.04
C VAL B 337 -27.58 0.95 20.21
N TYR B 338 -27.43 0.98 18.88
CA TYR B 338 -28.53 1.37 18.01
C TYR B 338 -29.71 0.42 18.13
N ASP B 339 -29.43 -0.89 18.22
CA ASP B 339 -30.49 -1.86 18.42
C ASP B 339 -31.18 -1.66 19.77
N THR B 340 -30.38 -1.46 20.82
CA THR B 340 -30.94 -1.25 22.16
C THR B 340 -31.82 -0.01 22.21
N VAL B 341 -31.32 1.11 21.69
CA VAL B 341 -32.08 2.36 21.80
C VAL B 341 -33.35 2.31 20.96
N LEU B 342 -33.32 1.63 19.82
CA LEU B 342 -34.49 1.59 18.94
C LEU B 342 -35.57 0.61 19.38
N ALA B 343 -35.26 -0.33 20.27
CA ALA B 343 -36.28 -1.27 20.74
C ALA B 343 -36.81 -0.91 22.12
N ASN B 344 -35.92 -0.63 23.07
CA ASN B 344 -36.31 -0.23 24.43
C ASN B 344 -36.50 1.28 24.52
N THR B 345 -37.17 1.84 23.51
CA THR B 345 -37.29 3.32 23.43
C THR B 345 -38.27 3.84 24.49
N HIS C 3 -27.24 -13.01 26.30
CA HIS C 3 -28.61 -13.09 26.80
C HIS C 3 -29.38 -14.20 26.09
N MET C 4 -28.64 -15.18 25.57
CA MET C 4 -29.23 -16.26 24.79
C MET C 4 -28.69 -17.59 25.31
N ARG C 5 -29.48 -18.64 25.12
CA ARG C 5 -29.06 -20.01 25.42
C ARG C 5 -28.72 -20.73 24.12
N ILE C 6 -27.45 -21.10 23.96
CA ILE C 6 -26.94 -21.58 22.68
C ILE C 6 -26.27 -22.93 22.89
N ALA C 7 -26.51 -23.87 21.99
CA ALA C 7 -25.88 -25.18 22.01
C ALA C 7 -24.89 -25.31 20.87
N GLN C 8 -23.65 -25.68 21.19
CA GLN C 8 -22.61 -25.93 20.20
C GLN C 8 -22.34 -27.44 20.12
N VAL C 9 -22.62 -28.02 18.95
CA VAL C 9 -22.50 -29.46 18.73
C VAL C 9 -21.32 -29.71 17.79
N ALA C 10 -20.22 -30.26 18.34
CA ALA C 10 -19.02 -30.50 17.56
C ALA C 10 -18.86 -31.96 17.20
N PRO C 11 -18.20 -32.27 16.07
CA PRO C 11 -17.79 -33.66 15.81
C PRO C 11 -16.82 -34.15 16.88
N LEU C 12 -16.73 -35.46 17.02
CA LEU C 12 -16.00 -36.05 18.13
C LEU C 12 -14.62 -36.57 17.74
N TRP C 13 -14.22 -36.40 16.48
CA TRP C 13 -12.93 -36.95 16.04
C TRP C 13 -11.76 -36.29 16.77
N GLU C 14 -11.88 -35.01 17.12
CA GLU C 14 -10.80 -34.30 17.78
C GLU C 14 -11.35 -33.58 19.00
N ARG C 15 -10.43 -33.29 19.93
CA ARG C 15 -10.78 -32.44 21.06
C ARG C 15 -11.11 -31.04 20.53
N VAL C 16 -12.11 -30.40 21.15
CA VAL C 16 -12.58 -29.11 20.63
C VAL C 16 -11.49 -28.06 20.60
N PRO C 17 -10.63 -27.93 21.61
CA PRO C 17 -9.31 -27.36 21.37
C PRO C 17 -8.32 -28.46 21.01
N PRO C 18 -8.15 -28.74 19.72
CA PRO C 18 -7.35 -29.91 19.34
C PRO C 18 -5.86 -29.65 19.57
N PRO C 19 -5.17 -30.59 20.20
CA PRO C 19 -3.72 -30.41 20.38
C PRO C 19 -2.96 -30.38 19.07
N ALA C 20 -3.39 -31.16 18.08
CA ALA C 20 -2.72 -31.21 16.80
C ALA C 20 -3.72 -31.00 15.66
N TYR C 21 -3.88 -32.00 14.79
CA TYR C 21 -4.79 -31.86 13.66
C TYR C 21 -6.21 -31.66 14.15
N GLY C 22 -6.95 -30.80 13.43
CA GLY C 22 -8.35 -30.56 13.72
C GLY C 22 -8.75 -29.16 13.31
N GLY C 23 -9.50 -29.04 12.23
CA GLY C 23 -9.92 -27.74 11.75
C GLY C 23 -11.26 -27.31 12.30
N VAL C 24 -12.30 -28.10 12.04
CA VAL C 24 -13.65 -27.76 12.48
C VAL C 24 -13.69 -27.63 13.99
N GLU C 25 -13.05 -28.56 14.71
CA GLU C 25 -13.04 -28.50 16.16
C GLU C 25 -12.41 -27.20 16.66
N LEU C 26 -11.31 -26.77 16.04
CA LEU C 26 -10.67 -25.53 16.43
C LEU C 26 -11.60 -24.34 16.22
N VAL C 27 -12.30 -24.30 15.09
CA VAL C 27 -13.22 -23.20 14.82
C VAL C 27 -14.36 -23.22 15.83
N VAL C 28 -14.84 -24.42 16.19
CA VAL C 28 -15.89 -24.52 17.18
C VAL C 28 -15.40 -24.00 18.53
N SER C 29 -14.15 -24.30 18.88
CA SER C 29 -13.58 -23.82 20.13
C SER C 29 -13.59 -22.30 20.21
N LEU C 30 -13.00 -21.64 19.21
CA LEU C 30 -12.91 -20.18 19.22
C LEU C 30 -14.30 -19.55 19.26
N LEU C 31 -15.22 -20.04 18.44
CA LEU C 31 -16.58 -19.49 18.45
C LEU C 31 -17.25 -19.71 19.79
N THR C 32 -17.05 -20.88 20.39
CA THR C 32 -17.74 -21.21 21.64
C THR C 32 -17.17 -20.41 22.81
N GLU C 33 -15.84 -20.35 22.92
CA GLU C 33 -15.22 -19.62 24.02
C GLU C 33 -15.58 -18.13 23.99
N GLU C 34 -15.54 -17.52 22.81
CA GLU C 34 -15.83 -16.09 22.72
C GLU C 34 -17.30 -15.81 23.02
N LEU C 35 -18.19 -16.72 22.66
CA LEU C 35 -19.60 -16.54 22.98
C LEU C 35 -19.83 -16.54 24.48
N VAL C 36 -19.07 -17.34 25.23
CA VAL C 36 -19.21 -17.37 26.68
C VAL C 36 -18.74 -16.05 27.28
N LYS C 37 -17.62 -15.51 26.78
CA LYS C 37 -17.17 -14.20 27.23
C LYS C 37 -18.22 -13.13 26.98
N ARG C 38 -19.02 -13.30 25.93
CA ARG C 38 -20.05 -12.33 25.57
C ARG C 38 -21.37 -12.56 26.31
N GLY C 39 -21.36 -13.34 27.38
CA GLY C 39 -22.51 -13.46 28.25
C GLY C 39 -23.59 -14.42 27.82
N HIS C 40 -23.33 -15.30 26.87
CA HIS C 40 -24.30 -16.31 26.47
C HIS C 40 -24.16 -17.57 27.33
N GLU C 41 -25.27 -18.28 27.50
CA GLU C 41 -25.27 -19.54 28.24
C GLU C 41 -25.09 -20.66 27.22
N VAL C 42 -23.86 -21.14 27.09
CA VAL C 42 -23.48 -22.06 26.03
C VAL C 42 -23.29 -23.45 26.64
N THR C 43 -23.84 -24.46 25.96
CA THR C 43 -23.57 -25.86 26.26
C THR C 43 -22.80 -26.44 25.08
N LEU C 44 -21.63 -27.00 25.34
CA LEU C 44 -20.80 -27.59 24.30
C LEU C 44 -20.92 -29.10 24.34
N PHE C 45 -21.29 -29.70 23.22
CA PHE C 45 -21.39 -31.14 23.08
C PHE C 45 -20.15 -31.63 22.35
N ALA C 46 -19.28 -32.36 23.04
CA ALA C 46 -17.96 -32.64 22.52
C ALA C 46 -17.34 -33.75 23.35
N SER C 47 -16.09 -34.07 23.03
CA SER C 47 -15.35 -35.09 23.77
C SER C 47 -15.13 -34.63 25.22
N GLY C 48 -14.91 -35.61 26.10
CA GLY C 48 -14.83 -35.33 27.52
C GLY C 48 -13.56 -34.63 27.95
N ASP C 49 -12.50 -34.71 27.14
CA ASP C 49 -11.24 -34.04 27.45
C ASP C 49 -11.22 -32.61 26.94
N SER C 50 -12.33 -32.11 26.40
CA SER C 50 -12.36 -30.74 25.88
C SER C 50 -12.12 -29.72 26.99
N MET C 51 -11.69 -28.54 26.58
CA MET C 51 -11.34 -27.45 27.48
C MET C 51 -12.18 -26.25 27.09
N THR C 52 -13.19 -25.94 27.90
CA THR C 52 -14.12 -24.88 27.58
C THR C 52 -14.60 -24.22 28.86
N GLN C 53 -14.98 -22.96 28.75
CA GLN C 53 -15.65 -22.25 29.84
C GLN C 53 -17.16 -22.42 29.79
N ALA C 54 -17.68 -23.12 28.78
CA ALA C 54 -19.09 -23.41 28.67
C ALA C 54 -19.42 -24.72 29.39
N LYS C 55 -20.70 -25.06 29.42
CA LYS C 55 -21.13 -26.34 29.96
C LYS C 55 -20.79 -27.45 28.98
N LEU C 56 -20.11 -28.49 29.48
CA LEU C 56 -19.61 -29.59 28.65
C LEU C 56 -20.46 -30.82 28.90
N VAL C 57 -21.08 -31.33 27.83
CA VAL C 57 -21.82 -32.59 27.85
C VAL C 57 -21.15 -33.52 26.86
N SER C 58 -20.66 -34.65 27.35
CA SER C 58 -19.86 -35.57 26.54
C SER C 58 -20.44 -36.97 26.59
N THR C 59 -20.31 -37.69 25.46
CA THR C 59 -20.69 -39.08 25.37
C THR C 59 -19.50 -40.03 25.21
N TYR C 60 -18.28 -39.48 25.16
CA TYR C 60 -17.05 -40.27 25.13
C TYR C 60 -15.94 -39.39 25.66
N PRO C 61 -15.00 -39.93 26.45
CA PRO C 61 -14.04 -39.06 27.14
C PRO C 61 -12.94 -38.47 26.27
N HIS C 62 -12.61 -39.05 25.13
CA HIS C 62 -11.45 -38.61 24.36
C HIS C 62 -11.79 -38.44 22.88
N ALA C 63 -10.83 -37.92 22.15
CA ALA C 63 -10.93 -37.82 20.70
C ALA C 63 -10.95 -39.20 20.07
N ILE C 64 -11.80 -39.37 19.05
CA ILE C 64 -12.06 -40.69 18.49
C ILE C 64 -10.96 -41.13 17.54
N ARG C 65 -10.37 -40.19 16.79
CA ARG C 65 -9.49 -40.57 15.67
C ARG C 65 -8.28 -41.36 16.14
N LEU C 66 -7.57 -40.85 17.13
CA LEU C 66 -6.35 -41.52 17.60
C LEU C 66 -6.61 -42.49 18.75
N ASP C 67 -7.86 -42.66 19.16
CA ASP C 67 -8.15 -43.68 20.15
C ASP C 67 -8.21 -45.05 19.48
N PRO C 68 -7.44 -46.04 19.97
CA PRO C 68 -7.41 -47.34 19.32
C PRO C 68 -8.52 -48.28 19.78
N ASN C 69 -9.25 -47.92 20.82
CA ASN C 69 -10.29 -48.79 21.39
C ASN C 69 -11.64 -48.61 20.72
N VAL C 70 -11.78 -47.67 19.78
CA VAL C 70 -13.07 -47.36 19.18
C VAL C 70 -13.06 -47.81 17.72
N GLN C 71 -14.04 -48.64 17.36
CA GLN C 71 -14.26 -49.02 15.97
C GLN C 71 -15.54 -48.44 15.38
N GLU C 72 -16.43 -47.90 16.21
CA GLU C 72 -17.73 -47.40 15.76
C GLU C 72 -17.90 -45.96 16.22
N TYR C 73 -17.44 -45.02 15.40
CA TYR C 73 -17.62 -43.61 15.70
C TYR C 73 -19.11 -43.22 15.70
N ALA C 74 -19.90 -43.84 14.82
CA ALA C 74 -21.30 -43.46 14.66
C ALA C 74 -22.12 -43.67 15.92
N VAL C 75 -21.69 -44.56 16.82
CA VAL C 75 -22.43 -44.81 18.05
C VAL C 75 -22.47 -43.56 18.92
N TYR C 76 -21.30 -42.93 19.10
CA TYR C 76 -21.23 -41.76 19.97
C TYR C 76 -21.75 -40.50 19.28
N GLU C 77 -21.65 -40.43 17.96
CA GLU C 77 -22.31 -39.34 17.24
C GLU C 77 -23.81 -39.37 17.45
N ALA C 78 -24.42 -40.55 17.30
CA ALA C 78 -25.85 -40.68 17.57
C ALA C 78 -26.16 -40.49 19.05
N LEU C 79 -25.23 -40.86 19.93
CA LEU C 79 -25.45 -40.67 21.37
C LEU C 79 -25.63 -39.20 21.69
N GLN C 80 -24.69 -38.35 21.26
CA GLN C 80 -24.79 -36.93 21.57
C GLN C 80 -25.89 -36.26 20.77
N LEU C 81 -26.19 -36.75 19.57
CA LEU C 81 -27.31 -36.20 18.82
C LEU C 81 -28.62 -36.45 19.54
N GLY C 82 -28.75 -37.62 20.18
CA GLY C 82 -29.90 -37.84 21.04
C GLY C 82 -29.85 -36.94 22.26
N GLU C 83 -28.65 -36.67 22.77
CA GLU C 83 -28.50 -35.79 23.91
C GLU C 83 -28.90 -34.36 23.55
N VAL C 84 -28.46 -33.87 22.39
CA VAL C 84 -28.74 -32.48 22.01
C VAL C 84 -30.24 -32.26 21.85
N PHE C 85 -30.86 -33.04 20.95
CA PHE C 85 -32.25 -32.78 20.57
C PHE C 85 -33.25 -33.23 21.63
N SER C 86 -32.84 -34.05 22.59
CA SER C 86 -33.67 -34.28 23.77
C SER C 86 -33.63 -33.11 24.74
N ARG C 87 -32.66 -32.20 24.59
CA ARG C 87 -32.57 -30.99 25.39
C ARG C 87 -32.92 -29.74 24.60
N ALA C 88 -33.62 -29.89 23.47
CA ALA C 88 -33.93 -28.74 22.63
C ALA C 88 -34.69 -27.67 23.40
N ASN C 89 -35.48 -28.07 24.40
CA ASN C 89 -36.25 -27.14 25.20
C ASN C 89 -35.34 -26.31 26.12
N GLU C 90 -34.11 -26.73 26.34
CA GLU C 90 -33.18 -26.01 27.21
C GLU C 90 -32.25 -25.08 26.45
N PHE C 91 -32.53 -24.79 25.18
CA PHE C 91 -31.70 -23.91 24.37
C PHE C 91 -32.59 -22.98 23.56
N ASP C 92 -32.04 -21.82 23.21
CA ASP C 92 -32.72 -20.90 22.29
C ASP C 92 -32.36 -21.18 20.85
N VAL C 93 -31.15 -21.68 20.60
CA VAL C 93 -30.69 -22.00 19.25
C VAL C 93 -29.66 -23.12 19.35
N ILE C 94 -29.79 -24.11 18.47
CA ILE C 94 -28.82 -25.19 18.36
C ILE C 94 -27.96 -24.90 17.14
N HIS C 95 -26.65 -24.83 17.35
CA HIS C 95 -25.70 -24.57 16.26
C HIS C 95 -24.93 -25.85 16.01
N SER C 96 -25.30 -26.57 14.95
CA SER C 96 -24.75 -27.88 14.66
C SER C 96 -23.57 -27.77 13.71
N HIS C 97 -22.52 -28.54 13.98
CA HIS C 97 -21.34 -28.61 13.14
C HIS C 97 -21.02 -30.04 12.72
N VAL C 98 -21.99 -30.95 12.84
CA VAL C 98 -21.77 -32.38 12.62
C VAL C 98 -22.24 -32.85 11.26
N GLY C 99 -22.64 -31.92 10.38
CA GLY C 99 -23.01 -32.28 9.02
C GLY C 99 -24.45 -32.72 8.85
N TYR C 100 -24.69 -33.57 7.84
CA TYR C 100 -26.05 -33.90 7.43
C TYR C 100 -26.77 -34.81 8.42
N THR C 101 -26.05 -35.48 9.32
CA THR C 101 -26.70 -36.38 10.28
C THR C 101 -27.68 -35.68 11.21
N ALA C 102 -27.64 -34.36 11.29
CA ALA C 102 -28.54 -33.60 12.15
C ALA C 102 -29.79 -33.10 11.43
N LEU C 103 -29.82 -33.19 10.10
CA LEU C 103 -30.97 -32.70 9.35
C LEU C 103 -32.27 -33.42 9.71
N PRO C 104 -32.35 -34.75 9.76
CA PRO C 104 -33.64 -35.39 10.07
C PRO C 104 -34.16 -35.10 11.46
N TYR C 105 -33.30 -34.68 12.40
CA TYR C 105 -33.78 -34.30 13.73
C TYR C 105 -34.43 -32.94 13.75
N THR C 106 -34.08 -32.08 12.80
CA THR C 106 -34.48 -30.67 12.86
C THR C 106 -35.99 -30.50 12.67
N SER C 107 -36.60 -31.31 11.81
CA SER C 107 -38.04 -31.22 11.58
C SER C 107 -38.84 -31.79 12.74
N LEU C 108 -38.20 -32.45 13.71
CA LEU C 108 -38.93 -33.08 14.80
C LEU C 108 -38.99 -32.24 16.07
N VAL C 109 -38.30 -31.11 16.11
CA VAL C 109 -38.24 -30.27 17.31
C VAL C 109 -38.65 -28.85 16.95
N LYS C 110 -39.16 -28.13 17.95
CA LYS C 110 -39.53 -26.74 17.76
C LYS C 110 -38.30 -25.84 17.71
N THR C 111 -37.29 -26.15 18.54
CA THR C 111 -36.13 -25.29 18.68
C THR C 111 -35.40 -25.16 17.34
N PRO C 112 -35.14 -23.94 16.87
CA PRO C 112 -34.45 -23.78 15.58
C PRO C 112 -33.00 -24.23 15.64
N VAL C 113 -32.54 -24.77 14.52
CA VAL C 113 -31.19 -25.32 14.39
C VAL C 113 -30.46 -24.57 13.28
N VAL C 114 -29.21 -24.19 13.55
CA VAL C 114 -28.35 -23.54 12.56
C VAL C 114 -27.25 -24.52 12.18
N HIS C 115 -27.08 -24.74 10.89
CA HIS C 115 -26.10 -25.69 10.37
C HIS C 115 -24.97 -24.91 9.71
N THR C 116 -23.78 -24.95 10.31
CA THR C 116 -22.57 -24.42 9.68
C THR C 116 -21.97 -25.51 8.80
N LEU C 117 -21.95 -25.27 7.49
CA LEU C 117 -21.37 -26.23 6.55
C LEU C 117 -19.85 -26.15 6.60
N HIS C 118 -19.21 -27.24 6.98
CA HIS C 118 -17.75 -27.30 7.08
C HIS C 118 -17.12 -28.12 5.96
N GLY C 119 -17.90 -28.62 5.01
CA GLY C 119 -17.39 -29.58 4.05
C GLY C 119 -17.82 -29.28 2.63
N ARG C 120 -17.06 -29.87 1.71
CA ARG C 120 -17.39 -29.86 0.29
C ARG C 120 -18.72 -30.56 0.04
N PHE C 121 -19.43 -30.12 -1.00
CA PHE C 121 -20.61 -30.84 -1.47
C PHE C 121 -20.22 -32.03 -2.33
N THR C 122 -20.93 -33.13 -2.17
CA THR C 122 -20.67 -34.37 -2.90
C THR C 122 -21.94 -34.86 -3.57
N ALA C 123 -21.78 -35.81 -4.49
CA ALA C 123 -22.93 -36.37 -5.19
C ALA C 123 -23.94 -36.96 -4.22
N ASP C 124 -23.49 -37.42 -3.05
CA ASP C 124 -24.39 -38.03 -2.07
C ASP C 124 -25.05 -37.00 -1.16
N ASN C 125 -24.26 -36.13 -0.52
CA ASN C 125 -24.83 -35.23 0.47
C ASN C 125 -25.69 -34.14 -0.16
N GLU C 126 -25.51 -33.86 -1.46
CA GLU C 126 -26.39 -32.91 -2.13
C GLU C 126 -27.84 -33.39 -2.14
N ARG C 127 -28.05 -34.70 -2.17
CA ARG C 127 -29.40 -35.24 -2.22
C ARG C 127 -30.12 -35.06 -0.89
N ILE C 128 -29.41 -35.18 0.23
CA ILE C 128 -30.06 -35.01 1.53
C ILE C 128 -30.19 -33.53 1.87
N PHE C 129 -29.21 -32.71 1.48
CA PHE C 129 -29.32 -31.27 1.69
C PHE C 129 -30.44 -30.69 0.84
N SER C 130 -30.65 -31.22 -0.36
CA SER C 130 -31.74 -30.77 -1.21
C SER C 130 -33.10 -30.99 -0.54
N GLN C 131 -33.28 -32.16 0.10
CA GLN C 131 -34.55 -32.46 0.75
C GLN C 131 -34.81 -31.57 1.97
N TYR C 132 -33.77 -30.96 2.52
CA TYR C 132 -33.89 -30.02 3.64
C TYR C 132 -33.42 -28.64 3.21
N ARG C 133 -33.82 -28.21 2.02
CA ARG C 133 -33.39 -26.93 1.48
C ARG C 133 -33.89 -25.77 2.34
N ASN C 134 -35.06 -25.90 2.94
CA ASN C 134 -35.69 -24.81 3.68
C ASN C 134 -35.20 -24.70 5.11
N GLN C 135 -33.97 -25.14 5.38
CA GLN C 135 -33.38 -25.05 6.71
C GLN C 135 -32.28 -23.99 6.72
N ASN C 136 -31.86 -23.62 7.93
CA ASN C 136 -30.95 -22.51 8.13
C ASN C 136 -29.51 -23.01 8.03
N TYR C 137 -28.88 -22.73 6.89
CA TYR C 137 -27.49 -23.11 6.63
C TYR C 137 -26.60 -21.88 6.67
N VAL C 138 -25.35 -22.08 7.07
CA VAL C 138 -24.32 -21.06 7.07
C VAL C 138 -23.11 -21.60 6.34
N SER C 139 -22.60 -20.86 5.37
CA SER C 139 -21.44 -21.27 4.59
C SER C 139 -20.19 -20.59 5.12
N ILE C 140 -19.05 -21.26 4.90
CA ILE C 140 -17.75 -20.73 5.29
C ILE C 140 -17.00 -20.13 4.11
N SER C 141 -17.62 -20.11 2.93
CA SER C 141 -17.06 -19.47 1.74
C SER C 141 -18.16 -19.39 0.70
N HIS C 142 -17.96 -18.51 -0.28
CA HIS C 142 -18.94 -18.35 -1.35
C HIS C 142 -18.83 -19.48 -2.36
N SER C 143 -17.61 -19.88 -2.70
CA SER C 143 -17.41 -20.99 -3.62
C SER C 143 -17.99 -22.31 -3.09
N GLN C 144 -18.24 -22.38 -1.79
CA GLN C 144 -18.85 -23.58 -1.22
C GLN C 144 -20.31 -23.72 -1.65
N ARG C 145 -20.99 -22.61 -1.91
CA ARG C 145 -22.40 -22.64 -2.27
C ARG C 145 -22.61 -23.18 -3.68
N GLN C 146 -22.34 -24.48 -3.89
CA GLN C 146 -22.63 -25.09 -5.17
C GLN C 146 -24.08 -25.50 -5.30
N LEU C 147 -24.83 -25.48 -4.20
CA LEU C 147 -26.28 -25.68 -4.20
C LEU C 147 -26.91 -24.32 -3.94
N ARG C 148 -27.14 -23.56 -5.01
CA ARG C 148 -27.77 -22.25 -4.88
C ARG C 148 -29.26 -22.40 -4.63
N GLU C 149 -29.66 -23.58 -4.13
CA GLU C 149 -31.03 -23.88 -3.75
C GLU C 149 -31.24 -23.94 -2.25
N LEU C 150 -30.17 -23.93 -1.46
CA LEU C 150 -30.30 -23.98 0.00
C LEU C 150 -30.62 -22.61 0.55
N ASN C 151 -31.23 -22.60 1.75
CA ASN C 151 -31.56 -21.36 2.46
C ASN C 151 -30.32 -20.93 3.25
N TYR C 152 -29.41 -20.25 2.55
CA TYR C 152 -28.23 -19.69 3.20
C TYR C 152 -28.62 -18.44 3.96
N ILE C 153 -28.42 -18.47 5.28
CA ILE C 153 -28.70 -17.28 6.10
C ILE C 153 -27.61 -16.23 5.89
N ALA C 154 -26.36 -16.66 5.75
CA ALA C 154 -25.23 -15.76 5.57
C ALA C 154 -24.00 -16.59 5.26
N THR C 155 -22.96 -15.91 4.78
CA THR C 155 -21.62 -16.46 4.69
C THR C 155 -20.79 -15.91 5.84
N VAL C 156 -20.23 -16.81 6.65
CA VAL C 156 -19.38 -16.44 7.78
C VAL C 156 -18.03 -17.12 7.57
N TYR C 157 -17.01 -16.34 7.22
CA TYR C 157 -15.66 -16.87 7.10
C TYR C 157 -15.15 -17.36 8.45
N ASN C 158 -14.31 -18.38 8.41
CA ASN C 158 -13.72 -18.91 9.64
C ASN C 158 -12.63 -17.96 10.13
N ALA C 159 -12.07 -18.29 11.30
CA ALA C 159 -11.06 -17.44 11.92
C ALA C 159 -10.14 -18.28 12.79
N ILE C 160 -9.00 -17.68 13.15
CA ILE C 160 -8.09 -18.23 14.14
C ILE C 160 -7.80 -17.17 15.19
N ALA C 161 -7.08 -17.58 16.24
CA ALA C 161 -6.68 -16.68 17.32
C ALA C 161 -5.30 -16.15 17.00
N VAL C 162 -5.26 -15.02 16.29
CA VAL C 162 -4.01 -14.50 15.73
C VAL C 162 -2.98 -14.23 16.81
N GLU C 163 -3.42 -13.77 17.98
CA GLU C 163 -2.47 -13.41 19.03
C GLU C 163 -1.68 -14.63 19.51
N THR C 164 -2.25 -15.82 19.40
CA THR C 164 -1.60 -17.05 19.86
C THR C 164 -0.57 -17.57 18.86
N HIS C 165 -0.40 -16.94 17.70
CA HIS C 165 0.59 -17.34 16.72
C HIS C 165 1.76 -16.36 16.77
N HIS C 166 2.96 -16.90 17.02
CA HIS C 166 4.15 -16.05 17.06
C HIS C 166 4.46 -15.53 15.67
N PHE C 167 4.84 -14.25 15.60
CA PHE C 167 5.17 -13.63 14.33
C PHE C 167 6.66 -13.78 14.07
N TYR C 168 7.01 -14.19 12.85
CA TYR C 168 8.39 -14.34 12.46
C TYR C 168 8.72 -13.22 11.49
N PRO C 169 9.64 -12.31 11.84
CA PRO C 169 9.89 -11.17 10.95
C PRO C 169 10.51 -11.58 9.63
N GLN C 170 11.52 -12.46 9.67
CA GLN C 170 12.30 -12.81 8.50
C GLN C 170 12.56 -14.30 8.58
N PRO C 171 12.49 -15.06 7.45
CA PRO C 171 12.54 -16.53 7.51
C PRO C 171 13.88 -17.16 7.90
N SER C 172 13.93 -18.49 7.89
CA SER C 172 15.07 -19.27 8.34
C SER C 172 16.27 -19.03 7.43
N ASP C 173 17.48 -19.24 7.99
CA ASP C 173 18.69 -18.74 7.35
C ASP C 173 18.97 -19.47 6.05
N PRO C 174 18.98 -20.80 6.01
CA PRO C 174 18.88 -21.52 4.73
C PRO C 174 17.43 -21.76 4.37
N PRO C 175 17.00 -21.32 3.19
CA PRO C 175 15.56 -21.28 2.91
C PRO C 175 14.93 -22.67 2.90
N TYR C 176 13.62 -22.70 3.15
CA TYR C 176 12.85 -23.93 3.07
C TYR C 176 11.37 -23.56 2.92
N LEU C 177 10.64 -24.40 2.21
CA LEU C 177 9.21 -24.26 2.05
C LEU C 177 8.49 -25.22 3.00
N ALA C 178 7.19 -24.99 3.19
CA ALA C 178 6.42 -25.72 4.18
C ALA C 178 5.13 -26.23 3.58
N PHE C 179 4.76 -27.45 3.99
CA PHE C 179 3.43 -28.01 3.76
C PHE C 179 2.82 -28.33 5.12
N LEU C 180 1.58 -27.92 5.33
CA LEU C 180 0.87 -28.20 6.58
C LEU C 180 -0.53 -28.69 6.24
N GLY C 181 -0.86 -29.88 6.69
CA GLY C 181 -2.16 -30.46 6.44
C GLY C 181 -2.09 -31.97 6.39
N ARG C 182 -3.29 -32.54 6.29
CA ARG C 182 -3.44 -34.01 6.21
C ARG C 182 -2.85 -34.49 4.88
N LEU C 183 -2.09 -35.58 4.91
CA LEU C 183 -1.45 -36.13 3.72
C LEU C 183 -2.51 -36.81 2.86
N SER C 184 -3.29 -35.98 2.16
CA SER C 184 -4.40 -36.41 1.33
C SER C 184 -4.26 -35.82 -0.06
N PRO C 185 -4.69 -36.55 -1.10
CA PRO C 185 -4.62 -35.99 -2.46
C PRO C 185 -5.37 -34.68 -2.61
N GLU C 186 -6.37 -34.44 -1.77
CA GLU C 186 -7.10 -33.18 -1.82
C GLU C 186 -6.20 -32.00 -1.46
N LYS C 187 -5.17 -32.22 -0.66
CA LYS C 187 -4.22 -31.17 -0.29
C LYS C 187 -2.99 -31.13 -1.18
N GLY C 188 -2.77 -32.17 -1.99
CA GLY C 188 -1.67 -32.22 -2.92
C GLY C 188 -0.28 -32.01 -2.33
N PRO C 189 0.14 -32.84 -1.36
CA PRO C 189 1.54 -32.78 -0.93
C PRO C 189 2.50 -33.33 -1.97
N HIS C 190 2.05 -34.16 -2.91
CA HIS C 190 2.91 -34.60 -4.00
C HIS C 190 3.25 -33.45 -4.92
N HIS C 191 2.28 -32.55 -5.18
CA HIS C 191 2.58 -31.33 -5.92
C HIS C 191 3.59 -30.47 -5.17
N ALA C 192 3.42 -30.33 -3.86
CA ALA C 192 4.33 -29.51 -3.07
C ALA C 192 5.76 -30.04 -3.15
N ILE C 193 5.94 -31.35 -3.09
CA ILE C 193 7.26 -31.93 -3.22
C ILE C 193 7.80 -31.67 -4.63
N GLU C 194 6.93 -31.77 -5.64
CA GLU C 194 7.36 -31.51 -7.02
C GLU C 194 7.75 -30.04 -7.20
N ILE C 195 6.98 -29.13 -6.61
CA ILE C 195 7.32 -27.71 -6.66
C ILE C 195 8.64 -27.45 -5.94
N ALA C 196 8.88 -28.17 -4.85
CA ALA C 196 10.03 -27.87 -3.98
C ALA C 196 11.36 -28.23 -4.64
N LYS C 197 11.45 -29.40 -5.27
CA LYS C 197 12.72 -29.80 -5.86
C LYS C 197 12.91 -29.24 -7.26
N ARG C 198 11.86 -28.68 -7.87
CA ARG C 198 12.04 -27.87 -9.08
C ARG C 198 12.68 -26.52 -8.76
N VAL C 199 12.39 -25.94 -7.59
CA VAL C 199 12.94 -24.65 -7.23
C VAL C 199 14.30 -24.76 -6.55
N GLY C 200 14.69 -25.94 -6.12
CA GLY C 200 15.95 -26.14 -5.43
C GLY C 200 15.90 -25.80 -3.96
N ILE C 201 14.73 -25.57 -3.39
CA ILE C 201 14.56 -25.21 -1.99
C ILE C 201 13.97 -26.39 -1.26
N PRO C 202 14.51 -26.79 -0.10
CA PRO C 202 14.00 -27.97 0.60
C PRO C 202 12.57 -27.77 1.08
N LEU C 203 11.93 -28.89 1.39
CA LEU C 203 10.54 -28.92 1.83
C LEU C 203 10.46 -29.62 3.18
N ARG C 204 9.85 -28.93 4.16
CA ARG C 204 9.56 -29.52 5.46
C ARG C 204 8.06 -29.73 5.55
N MET C 205 7.65 -30.96 5.83
CA MET C 205 6.25 -31.35 5.81
C MET C 205 5.79 -31.77 7.21
N ALA C 206 4.55 -31.45 7.51
CA ALA C 206 3.90 -31.89 8.75
C ALA C 206 2.45 -32.23 8.45
N GLY C 207 1.92 -33.20 9.17
CA GLY C 207 0.53 -33.57 9.03
C GLY C 207 0.30 -35.01 9.42
N LYS C 208 -0.98 -35.35 9.56
CA LYS C 208 -1.40 -36.70 9.85
C LYS C 208 -1.58 -37.51 8.57
N VAL C 209 -1.47 -38.83 8.71
CA VAL C 209 -1.78 -39.77 7.63
C VAL C 209 -2.79 -40.75 8.20
N ASP C 210 -4.08 -40.45 8.02
CA ASP C 210 -5.13 -41.25 8.64
C ASP C 210 -5.52 -42.41 7.73
N ARG C 211 -6.51 -43.18 8.18
CA ARG C 211 -6.80 -44.49 7.60
C ARG C 211 -7.07 -44.41 6.10
N VAL C 212 -7.79 -43.37 5.66
CA VAL C 212 -8.23 -43.31 4.26
C VAL C 212 -7.12 -42.92 3.28
N ASP C 213 -6.00 -42.38 3.76
CA ASP C 213 -4.93 -41.92 2.88
C ASP C 213 -3.63 -42.69 3.05
N ARG C 214 -3.65 -43.85 3.69
CA ARG C 214 -2.41 -44.59 3.93
C ARG C 214 -1.78 -45.08 2.63
N ASP C 215 -2.59 -45.63 1.72
CA ASP C 215 -2.06 -46.07 0.44
C ASP C 215 -1.50 -44.89 -0.35
N TYR C 216 -2.23 -43.77 -0.37
CA TYR C 216 -1.73 -42.59 -1.06
C TYR C 216 -0.37 -42.17 -0.53
N PHE C 217 -0.22 -42.16 0.80
CA PHE C 217 1.07 -41.79 1.37
C PHE C 217 2.14 -42.85 1.10
N LYS C 218 1.80 -44.12 1.19
CA LYS C 218 2.87 -45.15 1.06
C LYS C 218 3.30 -45.31 -0.40
N GLU C 219 2.47 -44.88 -1.36
CA GLU C 219 2.81 -45.09 -2.77
C GLU C 219 3.33 -43.83 -3.43
N LEU C 220 2.92 -42.65 -2.97
CA LEU C 220 3.26 -41.42 -3.69
C LEU C 220 4.09 -40.41 -2.91
N ILE C 221 4.01 -40.40 -1.57
CA ILE C 221 4.69 -39.41 -0.75
C ILE C 221 5.89 -40.02 -0.04
N GLU C 222 5.69 -41.12 0.66
CA GLU C 222 6.76 -41.72 1.46
C GLU C 222 8.02 -42.04 0.66
N PRO C 223 7.95 -42.59 -0.55
CA PRO C 223 9.21 -42.87 -1.28
C PRO C 223 10.01 -41.62 -1.60
N HIS C 224 9.41 -40.43 -1.53
CA HIS C 224 10.10 -39.19 -1.84
C HIS C 224 10.65 -38.49 -0.60
N ILE C 225 10.37 -39.02 0.59
CA ILE C 225 10.81 -38.38 1.83
C ILE C 225 12.29 -38.73 2.02
N ASP C 226 13.15 -37.78 1.64
CA ASP C 226 14.60 -37.96 1.73
C ASP C 226 15.05 -38.08 3.18
N GLY C 227 14.53 -37.22 4.06
CA GLY C 227 15.12 -36.95 5.34
C GLY C 227 16.08 -35.79 5.33
N GLU C 228 16.37 -35.22 4.17
CA GLU C 228 17.28 -34.09 4.05
C GLU C 228 16.64 -32.97 3.22
N PHE C 229 16.36 -33.24 1.95
CA PHE C 229 15.69 -32.25 1.12
C PHE C 229 14.18 -32.27 1.33
N ILE C 230 13.59 -33.46 1.41
CA ILE C 230 12.18 -33.63 1.75
C ILE C 230 12.11 -34.22 3.15
N GLN C 231 11.54 -33.44 4.05
CA GLN C 231 11.46 -33.88 5.46
C GLN C 231 10.00 -33.95 5.89
N PHE C 232 9.65 -34.89 6.73
CA PHE C 232 8.30 -35.08 7.26
C PHE C 232 8.40 -35.33 8.76
N ILE C 233 7.95 -34.36 9.56
CA ILE C 233 8.01 -34.51 11.00
C ILE C 233 6.79 -35.22 11.55
N GLY C 234 5.71 -35.32 10.77
CA GLY C 234 4.53 -36.03 11.22
C GLY C 234 3.74 -35.19 12.19
N GLU C 235 2.40 -35.21 12.05
CA GLU C 235 1.43 -34.43 12.82
C GLU C 235 2.03 -33.50 13.88
N ALA C 236 1.83 -32.19 13.72
CA ALA C 236 2.44 -31.21 14.59
C ALA C 236 1.39 -30.56 15.48
N ASP C 237 1.77 -30.24 16.71
CA ASP C 237 0.88 -29.50 17.58
C ASP C 237 0.98 -28.00 17.25
N HIS C 238 0.24 -27.19 18.00
CA HIS C 238 0.19 -25.76 17.68
C HIS C 238 1.55 -25.09 17.75
N PRO C 239 2.36 -25.22 18.80
CA PRO C 239 3.69 -24.58 18.78
C PRO C 239 4.56 -25.05 17.64
N THR C 240 4.52 -26.35 17.32
CA THR C 240 5.39 -26.88 16.28
C THR C 240 4.98 -26.37 14.90
N LYS C 241 3.69 -26.35 14.58
CA LYS C 241 3.27 -26.00 13.22
C LYS C 241 3.61 -24.56 12.88
N ASN C 242 3.50 -23.65 13.84
CA ASN C 242 3.97 -22.27 13.62
C ASN C 242 5.47 -22.14 13.74
N ALA C 243 6.16 -22.95 14.54
CA ALA C 243 7.61 -22.90 14.37
C ALA C 243 7.98 -23.39 12.98
N LEU C 244 7.19 -24.33 12.43
CA LEU C 244 7.38 -24.80 11.07
C LEU C 244 6.99 -23.75 10.03
N LEU C 245 5.82 -23.13 10.19
CA LEU C 245 5.34 -22.20 9.17
C LEU C 245 6.11 -20.88 9.18
N GLY C 246 6.40 -20.37 10.38
CA GLY C 246 7.06 -19.07 10.47
C GLY C 246 8.44 -19.04 9.84
N GLY C 247 9.18 -20.15 9.92
CA GLY C 247 10.52 -20.19 9.37
C GLY C 247 10.57 -20.32 7.87
N ALA C 248 9.47 -20.72 7.23
CA ALA C 248 9.47 -20.94 5.80
C ALA C 248 9.30 -19.62 5.05
N ILE C 249 9.89 -19.56 3.85
CA ILE C 249 9.67 -18.40 3.00
C ILE C 249 8.24 -18.38 2.48
N ALA C 250 7.63 -19.53 2.29
CA ALA C 250 6.25 -19.62 1.85
C ALA C 250 5.70 -20.98 2.21
N MET C 251 4.37 -21.08 2.23
CA MET C 251 3.68 -22.36 2.43
C MET C 251 3.06 -22.77 1.10
N LEU C 252 3.35 -24.00 0.67
CA LEU C 252 2.76 -24.53 -0.55
C LEU C 252 1.38 -25.08 -0.22
N PHE C 253 0.37 -24.58 -0.95
CA PHE C 253 -1.01 -25.02 -0.78
C PHE C 253 -1.58 -25.48 -2.11
N PRO C 254 -1.01 -26.55 -2.69
CA PRO C 254 -1.41 -26.96 -4.06
C PRO C 254 -2.61 -27.90 -4.03
N ILE C 255 -3.77 -27.36 -3.64
CA ILE C 255 -4.98 -28.16 -3.56
C ILE C 255 -5.42 -28.62 -4.94
N THR C 256 -5.99 -29.83 -4.99
CA THR C 256 -6.58 -30.40 -6.18
C THR C 256 -8.07 -30.64 -5.98
N TRP C 257 -8.71 -29.82 -5.16
CA TRP C 257 -9.96 -30.19 -4.51
C TRP C 257 -10.79 -28.94 -4.28
N GLN C 258 -12.12 -29.11 -4.25
CA GLN C 258 -13.04 -27.99 -4.04
C GLN C 258 -12.99 -27.61 -2.55
N GLU C 259 -11.91 -26.93 -2.20
CA GLU C 259 -11.65 -26.57 -0.81
C GLU C 259 -12.77 -25.70 -0.25
N PRO C 260 -13.38 -26.07 0.88
CA PRO C 260 -14.39 -25.19 1.47
C PRO C 260 -13.81 -23.94 2.09
N PHE C 261 -12.64 -24.04 2.72
CA PHE C 261 -11.96 -22.87 3.26
C PHE C 261 -10.45 -23.05 3.23
N GLY C 262 -9.89 -23.68 4.26
CA GLY C 262 -8.47 -23.89 4.33
C GLY C 262 -7.80 -23.09 5.43
N LEU C 263 -7.91 -23.57 6.67
CA LEU C 263 -7.42 -22.80 7.81
C LEU C 263 -5.90 -22.65 7.80
N VAL C 264 -5.19 -23.58 7.17
CA VAL C 264 -3.73 -23.50 7.15
C VAL C 264 -3.24 -22.27 6.40
N MET C 265 -4.08 -21.69 5.52
CA MET C 265 -3.68 -20.47 4.82
C MET C 265 -3.59 -19.29 5.78
N ILE C 266 -4.67 -19.03 6.54
CA ILE C 266 -4.67 -17.92 7.47
C ILE C 266 -3.77 -18.18 8.67
N GLU C 267 -3.48 -19.45 9.00
CA GLU C 267 -2.50 -19.72 10.04
C GLU C 267 -1.09 -19.42 9.55
N SER C 268 -0.81 -19.68 8.28
CA SER C 268 0.50 -19.36 7.73
C SER C 268 0.72 -17.85 7.67
N MET C 269 -0.30 -17.11 7.22
CA MET C 269 -0.16 -15.65 7.11
C MET C 269 0.01 -15.01 8.47
N ALA C 270 -0.66 -15.53 9.50
CA ALA C 270 -0.49 -15.01 10.84
C ALA C 270 0.96 -15.13 11.29
N ALA C 271 1.63 -16.23 10.93
CA ALA C 271 3.05 -16.37 11.17
C ALA C 271 3.90 -15.41 10.34
N GLY C 272 3.29 -14.66 9.44
CA GLY C 272 4.03 -13.82 8.53
C GLY C 272 4.43 -14.51 7.25
N THR C 273 3.98 -15.75 7.03
CA THR C 273 4.37 -16.50 5.86
C THR C 273 3.27 -16.48 4.83
N PRO C 274 3.52 -15.98 3.62
CA PRO C 274 2.48 -15.98 2.59
C PRO C 274 2.29 -17.36 1.98
N VAL C 275 1.17 -17.52 1.30
CA VAL C 275 0.73 -18.82 0.79
C VAL C 275 0.69 -18.79 -0.72
N VAL C 276 1.40 -19.74 -1.35
CA VAL C 276 1.32 -19.98 -2.79
C VAL C 276 0.35 -21.13 -2.99
N ALA C 277 -0.88 -20.82 -3.40
CA ALA C 277 -1.94 -21.80 -3.49
C ALA C 277 -2.46 -21.92 -4.92
N ILE C 278 -3.18 -23.00 -5.17
CA ILE C 278 -3.87 -23.22 -6.44
C ILE C 278 -5.29 -22.68 -6.31
N ALA C 279 -5.76 -22.00 -7.35
CA ALA C 279 -7.00 -21.20 -7.27
C ALA C 279 -8.23 -22.08 -7.46
N LYS C 280 -8.39 -23.03 -6.54
CA LYS C 280 -9.59 -23.85 -6.47
C LYS C 280 -10.32 -23.59 -5.16
N GLY C 281 -11.64 -23.73 -5.19
CA GLY C 281 -12.43 -23.59 -3.98
C GLY C 281 -12.36 -22.19 -3.40
N ALA C 282 -12.02 -22.10 -2.11
CA ALA C 282 -12.03 -20.85 -1.38
C ALA C 282 -10.68 -20.16 -1.36
N ALA C 283 -9.68 -20.70 -2.07
CA ALA C 283 -8.37 -20.06 -2.11
C ALA C 283 -8.40 -18.65 -2.68
N PRO C 284 -9.16 -18.35 -3.75
CA PRO C 284 -9.23 -16.95 -4.20
C PRO C 284 -9.80 -16.00 -3.16
N GLU C 285 -10.75 -16.44 -2.33
CA GLU C 285 -11.35 -15.55 -1.34
C GLU C 285 -10.45 -15.32 -0.12
N VAL C 286 -9.50 -16.21 0.14
CA VAL C 286 -8.68 -16.12 1.34
C VAL C 286 -7.34 -15.44 1.06
N ILE C 287 -6.73 -15.73 -0.07
CA ILE C 287 -5.46 -15.11 -0.45
C ILE C 287 -5.76 -13.88 -1.29
N GLU C 288 -5.12 -12.76 -0.94
CA GLU C 288 -5.09 -11.58 -1.79
C GLU C 288 -3.87 -11.67 -2.69
N HIS C 289 -4.10 -11.84 -4.00
CA HIS C 289 -3.02 -12.09 -4.94
C HIS C 289 -2.01 -10.96 -4.90
N GLY C 290 -0.73 -11.32 -4.89
CA GLY C 290 0.32 -10.34 -4.88
C GLY C 290 0.52 -9.60 -3.58
N LYS C 291 -0.35 -9.79 -2.58
CA LYS C 291 -0.20 -9.16 -1.27
C LYS C 291 0.08 -10.16 -0.16
N THR C 292 -0.80 -11.15 0.00
CA THR C 292 -0.63 -12.18 1.03
C THR C 292 -0.33 -13.54 0.43
N GLY C 293 0.00 -13.59 -0.85
CA GLY C 293 0.28 -14.85 -1.51
C GLY C 293 0.14 -14.70 -3.01
N PHE C 294 -0.01 -15.84 -3.68
CA PHE C 294 -0.12 -15.91 -5.14
C PHE C 294 -1.10 -17.01 -5.50
N LEU C 295 -2.15 -16.65 -6.23
CA LEU C 295 -3.11 -17.61 -6.77
C LEU C 295 -2.64 -18.17 -8.11
N CYS C 296 -2.62 -19.50 -8.23
CA CYS C 296 -2.12 -20.18 -9.42
C CYS C 296 -3.12 -21.21 -9.94
N HIS C 297 -2.93 -21.57 -11.21
CA HIS C 297 -3.79 -22.58 -11.86
C HIS C 297 -2.90 -23.72 -12.36
N SER C 298 -1.60 -23.63 -12.13
CA SER C 298 -0.65 -24.69 -12.58
C SER C 298 0.45 -24.89 -11.55
N VAL C 299 1.19 -25.99 -11.69
CA VAL C 299 2.34 -26.26 -10.79
C VAL C 299 3.48 -25.30 -11.16
N GLU C 300 3.69 -25.06 -12.45
CA GLU C 300 4.76 -24.14 -12.91
C GLU C 300 4.42 -22.71 -12.48
N ASP C 301 3.14 -22.33 -12.50
CA ASP C 301 2.73 -21.00 -11.98
C ASP C 301 3.12 -20.93 -10.51
N CYS C 302 2.82 -21.99 -9.77
CA CYS C 302 3.18 -22.07 -8.33
C CYS C 302 4.70 -21.99 -8.21
N VAL C 303 5.41 -22.71 -9.06
CA VAL C 303 6.90 -22.68 -9.06
C VAL C 303 7.33 -21.24 -9.33
N ALA C 304 6.82 -20.62 -10.38
CA ALA C 304 7.23 -19.27 -10.74
C ALA C 304 6.98 -18.28 -9.59
N ALA C 305 5.97 -18.55 -8.77
CA ALA C 305 5.63 -17.64 -7.69
C ALA C 305 6.64 -17.70 -6.55
N VAL C 306 7.29 -18.85 -6.35
CA VAL C 306 8.27 -18.99 -5.27
C VAL C 306 9.40 -17.98 -5.44
N ALA C 307 9.72 -17.61 -6.68
CA ALA C 307 10.75 -16.60 -6.91
C ALA C 307 10.28 -15.20 -6.54
N GLN C 308 8.97 -14.98 -6.44
CA GLN C 308 8.41 -13.66 -6.19
C GLN C 308 7.84 -13.51 -4.78
N VAL C 309 8.15 -14.43 -3.88
CA VAL C 309 7.66 -14.38 -2.50
C VAL C 309 8.52 -13.46 -1.62
N PRO C 310 9.83 -13.30 -1.86
CA PRO C 310 10.58 -12.30 -1.08
C PRO C 310 10.13 -10.87 -1.33
N GLN C 311 9.46 -10.58 -2.45
CA GLN C 311 8.93 -9.24 -2.70
C GLN C 311 7.84 -8.84 -1.70
N LEU C 312 7.28 -9.79 -0.96
CA LEU C 312 6.14 -9.49 -0.11
C LEU C 312 6.58 -9.04 1.27
N ASP C 313 5.80 -8.13 1.84
CA ASP C 313 6.01 -7.69 3.22
C ASP C 313 5.30 -8.65 4.15
N ARG C 314 6.07 -9.31 5.01
CA ARG C 314 5.51 -10.37 5.85
C ARG C 314 4.58 -9.82 6.92
N MET C 315 4.86 -8.63 7.44
CA MET C 315 3.98 -8.04 8.44
C MET C 315 2.59 -7.74 7.86
N ALA C 316 2.52 -7.43 6.56
CA ALA C 316 1.23 -7.22 5.93
C ALA C 316 0.39 -8.49 5.91
N CYS C 317 1.05 -9.66 5.87
CA CYS C 317 0.31 -10.92 5.92
C CYS C 317 -0.39 -11.08 7.26
N ARG C 318 0.30 -10.77 8.36
CA ARG C 318 -0.32 -10.85 9.68
C ARG C 318 -1.48 -9.87 9.81
N ASP C 319 -1.29 -8.63 9.34
CA ASP C 319 -2.36 -7.64 9.42
C ASP C 319 -3.58 -8.07 8.62
N TYR C 320 -3.38 -8.78 7.51
CA TYR C 320 -4.49 -9.25 6.70
C TYR C 320 -5.38 -10.19 7.49
N VAL C 321 -4.79 -11.11 8.26
CA VAL C 321 -5.57 -12.04 9.06
C VAL C 321 -6.30 -11.28 10.16
N TRP C 322 -5.66 -10.28 10.76
CA TRP C 322 -6.32 -9.45 11.76
C TRP C 322 -7.55 -8.75 11.18
N GLN C 323 -7.47 -8.33 9.92
CA GLN C 323 -8.54 -7.54 9.33
C GLN C 323 -9.74 -8.40 8.91
N ARG C 324 -9.49 -9.60 8.39
CA ARG C 324 -10.54 -10.39 7.76
C ARG C 324 -10.96 -11.61 8.57
N PHE C 325 -10.02 -12.28 9.23
CA PHE C 325 -10.31 -13.56 9.88
C PHE C 325 -10.03 -13.50 11.37
N SER C 326 -10.58 -12.50 12.05
CA SER C 326 -10.46 -12.40 13.50
C SER C 326 -11.66 -13.04 14.18
N VAL C 327 -11.43 -13.53 15.40
CA VAL C 327 -12.49 -14.17 16.18
C VAL C 327 -13.60 -13.17 16.49
N GLU C 328 -13.23 -11.92 16.72
CA GLU C 328 -14.21 -10.87 17.00
C GLU C 328 -15.23 -10.76 15.87
N ARG C 329 -14.76 -10.73 14.63
CA ARG C 329 -15.64 -10.59 13.48
C ARG C 329 -16.48 -11.86 13.27
N MET C 330 -15.86 -13.04 13.40
CA MET C 330 -16.59 -14.30 13.16
C MET C 330 -17.76 -14.45 14.13
N VAL C 331 -17.50 -14.27 15.43
CA VAL C 331 -18.54 -14.50 16.43
C VAL C 331 -19.66 -13.48 16.31
N SER C 332 -19.32 -12.24 15.98
CA SER C 332 -20.35 -11.22 15.78
C SER C 332 -21.26 -11.57 14.61
N GLU C 333 -20.68 -12.15 13.55
CA GLU C 333 -21.50 -12.54 12.38
C GLU C 333 -22.39 -13.73 12.71
N TYR C 334 -21.91 -14.66 13.53
CA TYR C 334 -22.76 -15.75 13.98
C TYR C 334 -23.87 -15.25 14.89
N GLU C 335 -23.60 -14.19 15.65
CA GLU C 335 -24.65 -13.57 16.46
C GLU C 335 -25.74 -13.00 15.57
N ALA C 336 -25.36 -12.42 14.43
CA ALA C 336 -26.36 -11.96 13.46
C ALA C 336 -27.15 -13.12 12.87
N VAL C 337 -26.53 -14.29 12.73
CA VAL C 337 -27.26 -15.47 12.26
C VAL C 337 -28.27 -15.92 13.31
N TYR C 338 -27.86 -15.97 14.58
CA TYR C 338 -28.79 -16.37 15.63
C TYR C 338 -29.96 -15.39 15.72
N ASP C 339 -29.67 -14.09 15.60
CA ASP C 339 -30.74 -13.09 15.61
C ASP C 339 -31.68 -13.30 14.43
N THR C 340 -31.14 -13.55 13.25
CA THR C 340 -31.98 -13.80 12.08
C THR C 340 -32.86 -15.03 12.29
N VAL C 341 -32.26 -16.14 12.72
CA VAL C 341 -33.01 -17.39 12.80
C VAL C 341 -34.09 -17.33 13.88
N LEU C 342 -33.83 -16.63 14.99
CA LEU C 342 -34.80 -16.55 16.08
C LEU C 342 -35.92 -15.56 15.85
N ALA C 343 -35.77 -14.64 14.90
CA ALA C 343 -36.80 -13.72 14.48
C ALA C 343 -37.48 -14.19 13.20
N ASN C 344 -36.70 -14.71 12.27
CA ASN C 344 -37.18 -15.26 11.01
C ASN C 344 -37.62 -16.72 11.18
N THR C 345 -38.37 -17.00 12.25
CA THR C 345 -38.83 -18.35 12.55
C THR C 345 -40.25 -18.57 12.03
N HIS D 3 24.27 5.44 -30.76
CA HIS D 3 25.39 5.05 -31.60
C HIS D 3 24.98 3.91 -32.54
N MET D 4 23.69 3.85 -32.84
CA MET D 4 23.15 2.80 -33.67
C MET D 4 22.30 3.40 -34.79
N ARG D 5 22.23 2.68 -35.91
CA ARG D 5 21.29 2.97 -36.97
C ARG D 5 20.18 1.93 -36.86
N ILE D 6 18.97 2.39 -36.62
CA ILE D 6 17.86 1.52 -36.24
C ILE D 6 16.72 1.72 -37.21
N ALA D 7 16.12 0.62 -37.65
CA ALA D 7 14.96 0.63 -38.52
C ALA D 7 13.73 0.24 -37.72
N GLN D 8 12.70 1.08 -37.76
CA GLN D 8 11.43 0.79 -37.13
C GLN D 8 10.43 0.44 -38.21
N VAL D 9 9.94 -0.81 -38.18
CA VAL D 9 9.02 -1.32 -39.18
C VAL D 9 7.66 -1.45 -38.52
N ALA D 10 6.74 -0.55 -38.88
CA ALA D 10 5.43 -0.49 -38.27
C ALA D 10 4.36 -1.05 -39.19
N PRO D 11 3.28 -1.59 -38.64
CA PRO D 11 2.11 -1.92 -39.47
C PRO D 11 1.52 -0.65 -40.07
N LEU D 12 0.78 -0.82 -41.16
CA LEU D 12 0.27 0.29 -41.94
C LEU D 12 -1.22 0.55 -41.69
N TRP D 13 -1.84 -0.21 -40.79
CA TRP D 13 -3.26 0.00 -40.52
C TRP D 13 -3.54 1.36 -39.92
N GLU D 14 -2.62 1.87 -39.09
CA GLU D 14 -2.82 3.13 -38.40
C GLU D 14 -1.60 4.02 -38.58
N ARG D 15 -1.81 5.32 -38.42
CA ARG D 15 -0.71 6.27 -38.33
C ARG D 15 0.12 5.98 -37.09
N VAL D 16 1.44 6.12 -37.23
CA VAL D 16 2.34 5.76 -36.12
C VAL D 16 2.04 6.58 -34.86
N PRO D 17 1.78 7.87 -34.93
CA PRO D 17 0.98 8.50 -33.88
C PRO D 17 -0.49 8.47 -34.26
N PRO D 18 -1.23 7.45 -33.83
CA PRO D 18 -2.61 7.30 -34.31
C PRO D 18 -3.52 8.34 -33.69
N PRO D 19 -4.34 9.01 -34.50
CA PRO D 19 -5.28 9.99 -33.92
C PRO D 19 -6.32 9.36 -33.01
N ALA D 20 -6.78 8.15 -33.33
CA ALA D 20 -7.78 7.47 -32.52
C ALA D 20 -7.29 6.06 -32.20
N TYR D 21 -7.99 5.03 -32.68
CA TYR D 21 -7.59 3.66 -32.38
C TYR D 21 -6.20 3.38 -32.92
N GLY D 22 -5.44 2.58 -32.16
CA GLY D 22 -4.13 2.15 -32.55
C GLY D 22 -3.23 1.85 -31.37
N GLY D 23 -2.96 0.57 -31.14
CA GLY D 23 -2.12 0.16 -30.03
C GLY D 23 -0.67 0.01 -30.41
N VAL D 24 -0.39 -0.90 -31.36
CA VAL D 24 0.98 -1.17 -31.77
C VAL D 24 1.63 0.08 -32.34
N GLU D 25 0.90 0.82 -33.18
CA GLU D 25 1.44 2.01 -33.80
C GLU D 25 1.87 3.04 -32.77
N LEU D 26 1.06 3.22 -31.71
CA LEU D 26 1.41 4.17 -30.66
C LEU D 26 2.72 3.79 -29.97
N VAL D 27 2.91 2.50 -29.72
CA VAL D 27 4.13 2.05 -29.06
C VAL D 27 5.35 2.32 -29.94
N VAL D 28 5.20 2.13 -31.25
CA VAL D 28 6.30 2.44 -32.17
C VAL D 28 6.62 3.93 -32.16
N SER D 29 5.59 4.77 -32.07
CA SER D 29 5.82 6.21 -32.03
C SER D 29 6.68 6.61 -30.84
N LEU D 30 6.26 6.21 -29.64
CA LEU D 30 7.02 6.56 -28.44
C LEU D 30 8.43 6.02 -28.50
N LEU D 31 8.58 4.75 -28.90
CA LEU D 31 9.90 4.15 -29.00
C LEU D 31 10.76 4.86 -30.04
N THR D 32 10.16 5.26 -31.15
CA THR D 32 10.94 5.86 -32.24
C THR D 32 11.41 7.26 -31.86
N GLU D 33 10.51 8.08 -31.32
CA GLU D 33 10.88 9.45 -30.94
C GLU D 33 11.94 9.45 -29.85
N GLU D 34 11.77 8.59 -28.82
CA GLU D 34 12.72 8.59 -27.72
C GLU D 34 14.09 8.09 -28.14
N LEU D 35 14.14 7.13 -29.06
CA LEU D 35 15.44 6.70 -29.59
C LEU D 35 16.12 7.82 -30.36
N VAL D 36 15.34 8.64 -31.06
CA VAL D 36 15.93 9.77 -31.77
C VAL D 36 16.46 10.80 -30.78
N LYS D 37 15.73 11.02 -29.69
CA LYS D 37 16.22 11.92 -28.65
C LYS D 37 17.55 11.45 -28.07
N ARG D 38 17.77 10.14 -27.99
CA ARG D 38 18.99 9.57 -27.42
C ARG D 38 20.11 9.39 -28.44
N GLY D 39 20.02 10.03 -29.60
CA GLY D 39 21.14 10.07 -30.53
C GLY D 39 21.28 8.87 -31.44
N HIS D 40 20.26 8.03 -31.54
CA HIS D 40 20.28 6.93 -32.50
C HIS D 40 19.76 7.46 -33.82
N GLU D 41 20.25 6.90 -34.92
CA GLU D 41 19.93 7.47 -36.22
C GLU D 41 18.77 6.57 -36.65
N VAL D 42 17.53 7.02 -36.51
CA VAL D 42 16.40 6.11 -36.69
C VAL D 42 15.72 6.34 -38.03
N THR D 43 15.39 5.25 -38.70
CA THR D 43 14.55 5.28 -39.90
C THR D 43 13.24 4.57 -39.59
N LEU D 44 12.14 5.28 -39.77
CA LEU D 44 10.80 4.75 -39.50
C LEU D 44 10.11 4.39 -40.80
N PHE D 45 9.65 3.15 -40.90
CA PHE D 45 8.89 2.65 -42.05
C PHE D 45 7.42 2.59 -41.65
N ALA D 46 6.60 3.45 -42.25
CA ALA D 46 5.24 3.65 -41.78
C ALA D 46 4.45 4.41 -42.85
N SER D 47 3.20 4.72 -42.53
CA SER D 47 2.36 5.50 -43.43
C SER D 47 2.92 6.90 -43.64
N GLY D 48 2.53 7.50 -44.76
CA GLY D 48 3.09 8.79 -45.15
C GLY D 48 2.61 9.96 -44.31
N ASP D 49 1.46 9.83 -43.66
CA ASP D 49 0.95 10.88 -42.79
C ASP D 49 1.48 10.78 -41.36
N SER D 50 2.38 9.84 -41.09
CA SER D 50 2.95 9.68 -39.76
C SER D 50 3.76 10.91 -39.37
N MET D 51 3.96 11.07 -38.06
CA MET D 51 4.62 12.23 -37.49
C MET D 51 5.79 11.74 -36.64
N THR D 52 7.01 11.93 -37.15
CA THR D 52 8.20 11.45 -36.48
C THR D 52 9.35 12.41 -36.73
N GLN D 53 10.30 12.43 -35.78
CA GLN D 53 11.55 13.14 -35.95
C GLN D 53 12.63 12.26 -36.58
N ALA D 54 12.33 10.99 -36.84
CA ALA D 54 13.24 10.10 -37.54
C ALA D 54 13.04 10.20 -39.04
N LYS D 55 13.87 9.48 -39.80
CA LYS D 55 13.68 9.41 -41.23
C LYS D 55 12.48 8.52 -41.55
N LEU D 56 11.56 9.05 -42.36
CA LEU D 56 10.31 8.37 -42.67
C LEU D 56 10.34 7.83 -44.09
N VAL D 57 10.14 6.52 -44.23
CA VAL D 57 10.01 5.86 -45.52
C VAL D 57 8.63 5.22 -45.58
N SER D 58 7.83 5.65 -46.56
CA SER D 58 6.44 5.23 -46.65
C SER D 58 6.16 4.60 -48.01
N THR D 59 5.28 3.60 -48.00
CA THR D 59 4.82 2.97 -49.22
C THR D 59 3.34 3.24 -49.51
N TYR D 60 2.66 4.00 -48.65
CA TYR D 60 1.31 4.47 -48.88
C TYR D 60 1.10 5.70 -48.04
N PRO D 61 0.40 6.73 -48.53
CA PRO D 61 0.39 8.02 -47.82
C PRO D 61 -0.44 8.04 -46.54
N HIS D 62 -1.41 7.14 -46.38
CA HIS D 62 -2.33 7.22 -45.24
C HIS D 62 -2.46 5.88 -44.55
N ALA D 63 -3.16 5.91 -43.41
CA ALA D 63 -3.54 4.68 -42.74
C ALA D 63 -4.58 3.95 -43.59
N ILE D 64 -4.41 2.62 -43.69
CA ILE D 64 -5.21 1.85 -44.62
C ILE D 64 -6.60 1.54 -44.06
N ARG D 65 -6.73 1.40 -42.73
CA ARG D 65 -7.95 0.88 -42.14
C ARG D 65 -9.17 1.72 -42.53
N LEU D 66 -9.08 3.04 -42.35
CA LEU D 66 -10.17 3.94 -42.70
C LEU D 66 -10.03 4.54 -44.09
N ASP D 67 -9.01 4.14 -44.84
CA ASP D 67 -8.87 4.57 -46.24
C ASP D 67 -9.81 3.74 -47.11
N PRO D 68 -10.67 4.38 -47.92
CA PRO D 68 -11.63 3.62 -48.72
C PRO D 68 -11.10 3.13 -50.06
N ASN D 69 -9.93 3.59 -50.51
CA ASN D 69 -9.39 3.25 -51.80
C ASN D 69 -8.53 1.99 -51.79
N VAL D 70 -8.31 1.38 -50.64
CA VAL D 70 -7.43 0.22 -50.52
C VAL D 70 -8.27 -1.00 -50.19
N GLN D 71 -8.13 -2.05 -51.01
CA GLN D 71 -8.74 -3.34 -50.74
C GLN D 71 -7.72 -4.42 -50.45
N GLU D 72 -6.43 -4.18 -50.73
CA GLU D 72 -5.37 -5.17 -50.59
C GLU D 72 -4.25 -4.58 -49.74
N TYR D 73 -4.34 -4.79 -48.42
CA TYR D 73 -3.30 -4.33 -47.50
C TYR D 73 -1.96 -5.00 -47.78
N ALA D 74 -1.99 -6.26 -48.22
CA ALA D 74 -0.76 -7.04 -48.40
C ALA D 74 0.20 -6.43 -49.41
N VAL D 75 -0.30 -5.64 -50.37
CA VAL D 75 0.58 -5.05 -51.37
C VAL D 75 1.56 -4.07 -50.72
N TYR D 76 1.04 -3.18 -49.87
CA TYR D 76 1.89 -2.15 -49.27
C TYR D 76 2.69 -2.70 -48.09
N GLU D 77 2.16 -3.71 -47.40
CA GLU D 77 2.96 -4.40 -46.39
C GLU D 77 4.17 -5.07 -47.02
N ALA D 78 3.95 -5.79 -48.13
CA ALA D 78 5.07 -6.39 -48.85
C ALA D 78 5.97 -5.33 -49.46
N LEU D 79 5.41 -4.18 -49.83
CA LEU D 79 6.20 -3.09 -50.38
C LEU D 79 7.25 -2.61 -49.38
N GLN D 80 6.81 -2.30 -48.15
CA GLN D 80 7.75 -1.79 -47.15
C GLN D 80 8.68 -2.88 -46.64
N LEU D 81 8.24 -4.14 -46.63
CA LEU D 81 9.15 -5.21 -46.27
C LEU D 81 10.28 -5.34 -47.28
N GLY D 82 9.97 -5.12 -48.55
CA GLY D 82 11.03 -5.08 -49.56
C GLY D 82 11.94 -3.89 -49.39
N GLU D 83 11.38 -2.75 -48.96
CA GLU D 83 12.18 -1.55 -48.74
C GLU D 83 13.18 -1.75 -47.61
N VAL D 84 12.74 -2.38 -46.51
CA VAL D 84 13.61 -2.55 -45.35
C VAL D 84 14.82 -3.40 -45.70
N PHE D 85 14.57 -4.61 -46.19
CA PHE D 85 15.64 -5.58 -46.42
C PHE D 85 16.43 -5.34 -47.69
N SER D 86 15.92 -4.52 -48.62
CA SER D 86 16.78 -4.07 -49.71
C SER D 86 17.76 -3.01 -49.24
N ARG D 87 17.46 -2.32 -48.13
CA ARG D 87 18.40 -1.41 -47.49
C ARG D 87 18.85 -1.95 -46.13
N ALA D 88 18.68 -3.25 -45.90
CA ALA D 88 19.06 -3.85 -44.61
C ALA D 88 20.53 -3.60 -44.31
N ASN D 89 21.34 -3.43 -45.36
CA ASN D 89 22.75 -3.16 -45.23
C ASN D 89 23.03 -1.78 -44.64
N GLU D 90 22.01 -0.91 -44.52
CA GLU D 90 22.16 0.46 -44.04
C GLU D 90 21.78 0.64 -42.57
N PHE D 91 21.60 -0.44 -41.82
CA PHE D 91 21.16 -0.35 -40.44
C PHE D 91 21.98 -1.32 -39.62
N ASP D 92 22.12 -1.07 -38.32
CA ASP D 92 22.85 -2.02 -37.45
C ASP D 92 21.84 -2.99 -36.85
N VAL D 93 20.60 -2.59 -36.77
CA VAL D 93 19.53 -3.38 -36.15
C VAL D 93 18.20 -2.98 -36.78
N ILE D 94 17.44 -3.99 -37.17
CA ILE D 94 16.09 -3.85 -37.68
C ILE D 94 15.13 -4.26 -36.57
N HIS D 95 14.21 -3.36 -36.20
CA HIS D 95 13.22 -3.64 -35.17
C HIS D 95 11.86 -3.75 -35.83
N SER D 96 11.38 -4.98 -36.01
CA SER D 96 10.14 -5.25 -36.71
C SER D 96 8.98 -5.38 -35.73
N HIS D 97 7.84 -4.79 -36.09
CA HIS D 97 6.62 -4.87 -35.31
C HIS D 97 5.46 -5.41 -36.14
N VAL D 98 5.75 -6.02 -37.30
CA VAL D 98 4.71 -6.41 -38.24
C VAL D 98 4.40 -7.89 -38.18
N GLY D 99 4.95 -8.61 -37.21
CA GLY D 99 4.60 -10.00 -37.01
C GLY D 99 5.38 -11.00 -37.85
N TYR D 100 4.74 -12.14 -38.15
CA TYR D 100 5.43 -13.27 -38.74
C TYR D 100 5.81 -13.03 -40.20
N THR D 101 5.21 -12.05 -40.87
CA THR D 101 5.51 -11.81 -42.28
C THR D 101 6.97 -11.42 -42.51
N ALA D 102 7.70 -11.03 -41.47
CA ALA D 102 9.09 -10.64 -41.61
C ALA D 102 10.08 -11.76 -41.30
N LEU D 103 9.63 -12.87 -40.73
CA LEU D 103 10.53 -13.95 -40.37
C LEU D 103 11.27 -14.54 -41.57
N PRO D 104 10.62 -14.88 -42.68
CA PRO D 104 11.38 -15.44 -43.82
C PRO D 104 12.42 -14.50 -44.39
N TYR D 105 12.31 -13.20 -44.14
CA TYR D 105 13.32 -12.25 -44.59
C TYR D 105 14.57 -12.27 -43.72
N THR D 106 14.47 -12.70 -42.46
CA THR D 106 15.57 -12.55 -41.53
C THR D 106 16.75 -13.46 -41.90
N SER D 107 16.45 -14.64 -42.42
CA SER D 107 17.51 -15.58 -42.82
C SER D 107 18.24 -15.17 -44.09
N LEU D 108 17.76 -14.14 -44.79
CA LEU D 108 18.34 -13.75 -46.07
C LEU D 108 19.31 -12.58 -45.97
N VAL D 109 19.42 -11.92 -44.81
CA VAL D 109 20.25 -10.73 -44.67
C VAL D 109 21.21 -10.92 -43.50
N LYS D 110 22.32 -10.17 -43.57
CA LYS D 110 23.30 -10.20 -42.49
C LYS D 110 22.80 -9.45 -41.27
N THR D 111 22.12 -8.32 -41.48
CA THR D 111 21.74 -7.46 -40.37
C THR D 111 20.77 -8.20 -39.44
N PRO D 112 21.05 -8.28 -38.14
CA PRO D 112 20.15 -8.97 -37.23
C PRO D 112 18.83 -8.22 -37.06
N VAL D 113 17.77 -8.97 -36.86
CA VAL D 113 16.42 -8.44 -36.76
C VAL D 113 15.85 -8.82 -35.40
N VAL D 114 15.24 -7.85 -34.72
CA VAL D 114 14.57 -8.08 -33.44
C VAL D 114 13.07 -7.99 -33.67
N HIS D 115 12.34 -9.01 -33.23
CA HIS D 115 10.90 -9.10 -33.44
C HIS D 115 10.20 -8.87 -32.12
N THR D 116 9.48 -7.76 -32.00
CA THR D 116 8.60 -7.53 -30.86
C THR D 116 7.24 -8.15 -31.17
N LEU D 117 6.86 -9.15 -30.37
CA LEU D 117 5.57 -9.81 -30.54
C LEU D 117 4.47 -8.95 -29.94
N HIS D 118 3.53 -8.52 -30.78
CA HIS D 118 2.42 -7.68 -30.34
C HIS D 118 1.10 -8.42 -30.28
N GLY D 119 1.08 -9.73 -30.54
CA GLY D 119 -0.16 -10.45 -30.74
C GLY D 119 -0.18 -11.78 -30.00
N ARG D 120 -1.40 -12.27 -29.83
CA ARG D 120 -1.65 -13.60 -29.28
C ARG D 120 -1.01 -14.67 -30.16
N PHE D 121 -0.61 -15.77 -29.52
CA PHE D 121 -0.19 -16.96 -30.25
C PHE D 121 -1.43 -17.72 -30.70
N THR D 122 -1.39 -18.26 -31.93
CA THR D 122 -2.54 -18.94 -32.49
C THR D 122 -2.15 -20.33 -32.96
N ALA D 123 -3.17 -21.17 -33.18
CA ALA D 123 -2.92 -22.53 -33.65
C ALA D 123 -2.16 -22.53 -34.97
N ASP D 124 -2.36 -21.50 -35.79
CA ASP D 124 -1.69 -21.40 -37.08
C ASP D 124 -0.32 -20.73 -36.98
N ASN D 125 -0.26 -19.54 -36.35
CA ASN D 125 0.99 -18.78 -36.34
C ASN D 125 2.08 -19.42 -35.49
N GLU D 126 1.73 -20.35 -34.60
CA GLU D 126 2.75 -21.06 -33.85
C GLU D 126 3.67 -21.86 -34.77
N ARG D 127 3.15 -22.33 -35.90
CA ARG D 127 3.94 -23.17 -36.79
C ARG D 127 5.03 -22.37 -37.49
N ILE D 128 4.78 -21.10 -37.82
CA ILE D 128 5.81 -20.32 -38.50
C ILE D 128 6.84 -19.80 -37.52
N PHE D 129 6.41 -19.44 -36.30
CA PHE D 129 7.38 -19.06 -35.27
C PHE D 129 8.24 -20.26 -34.88
N SER D 130 7.67 -21.47 -34.90
CA SER D 130 8.43 -22.67 -34.56
C SER D 130 9.61 -22.89 -35.52
N GLN D 131 9.39 -22.72 -36.83
CA GLN D 131 10.50 -22.92 -37.76
C GLN D 131 11.55 -21.83 -37.62
N TYR D 132 11.19 -20.68 -37.05
CA TYR D 132 12.11 -19.58 -36.82
C TYR D 132 12.29 -19.35 -35.33
N ARG D 133 12.41 -20.45 -34.59
CA ARG D 133 12.51 -20.39 -33.14
C ARG D 133 13.78 -19.69 -32.67
N ASN D 134 14.88 -19.84 -33.41
CA ASN D 134 16.19 -19.32 -32.99
C ASN D 134 16.42 -17.89 -33.41
N GLN D 135 15.37 -17.08 -33.52
CA GLN D 135 15.48 -15.68 -33.88
C GLN D 135 15.22 -14.81 -32.65
N ASN D 136 15.51 -13.53 -32.78
CA ASN D 136 15.50 -12.61 -31.63
C ASN D 136 14.07 -12.10 -31.43
N TYR D 137 13.39 -12.66 -30.43
CA TYR D 137 12.03 -12.27 -30.09
C TYR D 137 12.01 -11.48 -28.79
N VAL D 138 11.06 -10.56 -28.70
CA VAL D 138 10.81 -9.79 -27.49
C VAL D 138 9.32 -9.86 -27.20
N SER D 139 8.97 -10.23 -25.97
CA SER D 139 7.58 -10.30 -25.55
C SER D 139 7.20 -9.04 -24.80
N ILE D 140 5.91 -8.69 -24.85
CA ILE D 140 5.40 -7.53 -24.13
C ILE D 140 4.73 -7.92 -22.83
N SER D 141 4.76 -9.21 -22.47
CA SER D 141 4.27 -9.73 -21.21
C SER D 141 4.77 -11.16 -21.09
N HIS D 142 4.81 -11.66 -19.87
CA HIS D 142 5.30 -13.02 -19.64
C HIS D 142 4.24 -14.06 -19.97
N SER D 143 2.98 -13.81 -19.60
CA SER D 143 1.90 -14.72 -19.95
C SER D 143 1.74 -14.90 -21.45
N GLN D 144 2.27 -13.97 -22.24
CA GLN D 144 2.21 -14.10 -23.69
C GLN D 144 3.08 -15.23 -24.20
N ARG D 145 4.14 -15.58 -23.45
CA ARG D 145 5.07 -16.62 -23.86
C ARG D 145 4.44 -18.01 -23.80
N GLN D 146 3.50 -18.29 -24.69
CA GLN D 146 2.91 -19.63 -24.76
C GLN D 146 3.76 -20.60 -25.57
N LEU D 147 4.77 -20.11 -26.28
CA LEU D 147 5.77 -20.93 -26.95
C LEU D 147 7.07 -20.85 -26.15
N ARG D 148 7.21 -21.71 -25.15
CA ARG D 148 8.40 -21.71 -24.31
C ARG D 148 9.61 -22.32 -25.01
N GLU D 149 9.59 -22.42 -26.34
CA GLU D 149 10.73 -22.87 -27.12
C GLU D 149 11.38 -21.75 -27.94
N LEU D 150 10.79 -20.57 -27.98
CA LEU D 150 11.33 -19.47 -28.76
C LEU D 150 12.50 -18.82 -28.04
N ASN D 151 13.38 -18.19 -28.83
CA ASN D 151 14.54 -17.47 -28.29
C ASN D 151 14.10 -16.05 -27.92
N TYR D 152 13.49 -15.94 -26.74
CA TYR D 152 13.10 -14.63 -26.22
C TYR D 152 14.34 -13.92 -25.71
N ILE D 153 14.65 -12.76 -26.30
CA ILE D 153 15.78 -11.98 -25.82
C ILE D 153 15.46 -11.36 -24.47
N ALA D 154 14.22 -10.90 -24.29
CA ALA D 154 13.78 -10.26 -23.07
C ALA D 154 12.27 -10.06 -23.15
N THR D 155 11.68 -9.77 -21.99
CA THR D 155 10.32 -9.27 -21.92
C THR D 155 10.39 -7.76 -21.67
N VAL D 156 9.77 -6.98 -22.54
CA VAL D 156 9.72 -5.53 -22.41
C VAL D 156 8.25 -5.14 -22.37
N TYR D 157 7.78 -4.75 -21.19
CA TYR D 157 6.42 -4.24 -21.08
C TYR D 157 6.29 -2.96 -21.91
N ASN D 158 5.08 -2.75 -22.44
CA ASN D 158 4.82 -1.56 -23.22
C ASN D 158 4.71 -0.35 -22.29
N ALA D 159 4.55 0.82 -22.90
CA ALA D 159 4.48 2.05 -22.12
C ALA D 159 3.62 3.06 -22.88
N ILE D 160 3.17 4.08 -22.15
CA ILE D 160 2.49 5.22 -22.73
C ILE D 160 3.19 6.48 -22.24
N ALA D 161 2.78 7.62 -22.79
CA ALA D 161 3.30 8.92 -22.38
C ALA D 161 2.36 9.46 -21.32
N VAL D 162 2.66 9.14 -20.05
CA VAL D 162 1.75 9.44 -18.96
C VAL D 162 1.50 10.94 -18.85
N GLU D 163 2.51 11.76 -19.17
CA GLU D 163 2.37 13.20 -19.03
C GLU D 163 1.31 13.75 -19.99
N THR D 164 1.09 13.08 -21.13
CA THR D 164 0.11 13.55 -22.09
C THR D 164 -1.33 13.18 -21.73
N HIS D 165 -1.53 12.45 -20.64
CA HIS D 165 -2.86 12.10 -20.16
C HIS D 165 -3.19 12.98 -18.97
N HIS D 166 -4.28 13.74 -19.06
CA HIS D 166 -4.68 14.61 -17.97
C HIS D 166 -5.15 13.78 -16.77
N PHE D 167 -4.76 14.22 -15.58
CA PHE D 167 -5.08 13.52 -14.34
C PHE D 167 -6.38 14.02 -13.74
N TYR D 168 -7.24 13.10 -13.33
CA TYR D 168 -8.53 13.44 -12.73
C TYR D 168 -8.53 13.08 -11.25
N PRO D 169 -8.64 14.07 -10.35
CA PRO D 169 -8.66 13.76 -8.91
C PRO D 169 -9.91 13.00 -8.51
N GLN D 170 -11.06 13.39 -9.04
CA GLN D 170 -12.36 12.84 -8.69
C GLN D 170 -13.14 12.55 -9.96
N PRO D 171 -13.87 11.43 -10.00
CA PRO D 171 -14.62 11.09 -11.21
C PRO D 171 -15.81 12.01 -11.40
N SER D 172 -16.64 11.77 -12.42
CA SER D 172 -17.75 12.65 -12.70
C SER D 172 -18.79 12.58 -11.58
N ASP D 173 -19.53 13.68 -11.41
CA ASP D 173 -20.41 13.82 -10.25
C ASP D 173 -21.53 12.78 -10.23
N PRO D 174 -22.29 12.55 -11.29
CA PRO D 174 -23.10 11.33 -11.35
C PRO D 174 -22.28 10.18 -11.90
N PRO D 175 -22.12 9.10 -11.12
CA PRO D 175 -21.13 8.08 -11.47
C PRO D 175 -21.46 7.39 -12.79
N TYR D 176 -20.42 6.88 -13.44
CA TYR D 176 -20.55 6.10 -14.65
C TYR D 176 -19.30 5.27 -14.84
N LEU D 177 -19.47 4.10 -15.46
CA LEU D 177 -18.35 3.24 -15.82
C LEU D 177 -18.00 3.43 -17.28
N ALA D 178 -16.82 2.95 -17.66
CA ALA D 178 -16.28 3.18 -18.99
C ALA D 178 -15.78 1.87 -19.60
N PHE D 179 -16.01 1.70 -20.89
CA PHE D 179 -15.37 0.67 -21.69
C PHE D 179 -14.58 1.34 -22.79
N LEU D 180 -13.33 0.93 -22.97
CA LEU D 180 -12.46 1.50 -24.00
C LEU D 180 -11.74 0.35 -24.70
N GLY D 181 -11.91 0.28 -26.02
CA GLY D 181 -11.28 -0.76 -26.81
C GLY D 181 -12.12 -1.06 -28.03
N ARG D 182 -11.54 -1.95 -28.84
CA ARG D 182 -12.25 -2.39 -30.07
C ARG D 182 -13.50 -3.15 -29.65
N LEU D 183 -14.60 -2.92 -30.36
CA LEU D 183 -15.84 -3.61 -30.05
C LEU D 183 -15.76 -5.03 -30.62
N SER D 184 -15.00 -5.87 -29.93
CA SER D 184 -14.74 -7.24 -30.31
C SER D 184 -15.02 -8.17 -29.14
N PRO D 185 -15.48 -9.39 -29.40
CA PRO D 185 -15.70 -10.35 -28.30
C PRO D 185 -14.45 -10.59 -27.48
N GLU D 186 -13.25 -10.37 -28.06
CA GLU D 186 -12.02 -10.53 -27.31
C GLU D 186 -11.94 -9.55 -26.15
N LYS D 187 -12.59 -8.40 -26.27
CA LYS D 187 -12.65 -7.42 -25.20
C LYS D 187 -13.91 -7.55 -24.36
N GLY D 188 -14.89 -8.33 -24.83
CA GLY D 188 -16.13 -8.59 -24.14
C GLY D 188 -16.91 -7.36 -23.69
N PRO D 189 -17.27 -6.48 -24.62
CA PRO D 189 -18.17 -5.38 -24.25
C PRO D 189 -19.57 -5.84 -23.90
N HIS D 190 -19.97 -7.04 -24.32
CA HIS D 190 -21.24 -7.59 -23.87
C HIS D 190 -21.22 -7.88 -22.38
N HIS D 191 -20.08 -8.36 -21.87
CA HIS D 191 -19.91 -8.52 -20.42
C HIS D 191 -20.02 -7.18 -19.71
N ALA D 192 -19.40 -6.14 -20.27
CA ALA D 192 -19.42 -4.82 -19.64
C ALA D 192 -20.85 -4.29 -19.48
N ILE D 193 -21.69 -4.51 -20.49
CA ILE D 193 -23.08 -4.05 -20.40
C ILE D 193 -23.82 -4.82 -19.32
N GLU D 194 -23.59 -6.13 -19.22
CA GLU D 194 -24.26 -6.91 -18.19
C GLU D 194 -23.81 -6.50 -16.80
N ILE D 195 -22.52 -6.19 -16.66
CA ILE D 195 -22.01 -5.65 -15.40
C ILE D 195 -22.67 -4.31 -15.12
N ALA D 196 -23.03 -3.56 -16.16
CA ALA D 196 -23.45 -2.18 -15.97
C ALA D 196 -24.75 -2.05 -15.20
N LYS D 197 -25.84 -2.75 -15.61
CA LYS D 197 -27.10 -2.62 -14.85
C LYS D 197 -27.19 -3.66 -13.72
N ARG D 198 -26.17 -4.50 -13.53
CA ARG D 198 -26.17 -5.26 -12.28
C ARG D 198 -25.83 -4.37 -11.08
N VAL D 199 -25.00 -3.34 -11.26
CA VAL D 199 -24.56 -2.45 -10.19
C VAL D 199 -25.36 -1.16 -9.97
N GLY D 200 -26.26 -0.78 -10.89
CA GLY D 200 -26.99 0.48 -10.85
C GLY D 200 -26.29 1.69 -11.45
N ILE D 201 -25.16 1.50 -12.13
CA ILE D 201 -24.35 2.59 -12.67
C ILE D 201 -24.36 2.53 -14.20
N PRO D 202 -24.59 3.67 -14.88
CA PRO D 202 -24.57 3.67 -16.35
C PRO D 202 -23.18 3.42 -16.92
N LEU D 203 -23.15 3.10 -18.21
CA LEU D 203 -21.94 2.80 -18.95
C LEU D 203 -21.84 3.69 -20.20
N ARG D 204 -20.72 4.42 -20.37
CA ARG D 204 -20.40 5.09 -21.62
C ARG D 204 -19.27 4.29 -22.26
N MET D 205 -19.43 3.93 -23.53
CA MET D 205 -18.50 3.04 -24.24
C MET D 205 -17.81 3.80 -25.36
N ALA D 206 -16.56 3.42 -25.64
CA ALA D 206 -15.81 4.00 -26.75
C ALA D 206 -15.00 2.93 -27.47
N GLY D 207 -14.84 3.11 -28.76
CA GLY D 207 -14.04 2.18 -29.55
C GLY D 207 -14.50 2.14 -31.00
N LYS D 208 -13.67 1.51 -31.81
CA LYS D 208 -13.96 1.27 -33.22
C LYS D 208 -14.74 -0.02 -33.38
N VAL D 209 -15.48 -0.12 -34.48
CA VAL D 209 -16.19 -1.34 -34.85
C VAL D 209 -15.74 -1.70 -36.26
N ASP D 210 -14.71 -2.52 -36.37
CA ASP D 210 -14.16 -2.79 -37.69
C ASP D 210 -14.88 -3.96 -38.35
N ARG D 211 -14.44 -4.29 -39.57
CA ARG D 211 -15.21 -5.16 -40.46
C ARG D 211 -15.47 -6.53 -39.86
N VAL D 212 -14.49 -7.09 -39.15
CA VAL D 212 -14.62 -8.47 -38.68
C VAL D 212 -15.58 -8.61 -37.51
N ASP D 213 -15.99 -7.51 -36.88
CA ASP D 213 -16.87 -7.56 -35.72
C ASP D 213 -18.23 -6.88 -35.95
N ARG D 214 -18.60 -6.57 -37.20
CA ARG D 214 -19.86 -5.85 -37.39
C ARG D 214 -21.03 -6.73 -37.02
N ASP D 215 -20.99 -8.01 -37.41
CA ASP D 215 -22.05 -8.93 -37.02
C ASP D 215 -22.11 -9.04 -35.51
N TYR D 216 -20.95 -9.18 -34.85
CA TYR D 216 -20.92 -9.23 -33.40
C TYR D 216 -21.56 -7.97 -32.80
N PHE D 217 -21.19 -6.80 -33.32
CA PHE D 217 -21.76 -5.55 -32.83
C PHE D 217 -23.25 -5.44 -33.15
N LYS D 218 -23.66 -5.84 -34.35
CA LYS D 218 -25.03 -5.57 -34.79
C LYS D 218 -26.05 -6.38 -34.00
N GLU D 219 -25.74 -7.64 -33.69
CA GLU D 219 -26.70 -8.52 -33.06
C GLU D 219 -26.45 -8.74 -31.57
N LEU D 220 -25.29 -8.36 -31.04
CA LEU D 220 -25.00 -8.56 -29.63
C LEU D 220 -24.79 -7.28 -28.83
N ILE D 221 -24.37 -6.18 -29.46
CA ILE D 221 -24.10 -4.92 -28.77
C ILE D 221 -25.16 -3.87 -29.08
N GLU D 222 -25.38 -3.58 -30.36
CA GLU D 222 -26.24 -2.47 -30.76
C GLU D 222 -27.64 -2.49 -30.17
N PRO D 223 -28.35 -3.62 -30.09
CA PRO D 223 -29.72 -3.58 -29.52
C PRO D 223 -29.78 -3.11 -28.08
N HIS D 224 -28.66 -3.09 -27.37
CA HIS D 224 -28.63 -2.67 -25.96
C HIS D 224 -28.24 -1.22 -25.77
N ILE D 225 -27.89 -0.51 -26.85
CA ILE D 225 -27.44 0.88 -26.73
C ILE D 225 -28.67 1.75 -26.52
N ASP D 226 -28.96 2.06 -25.25
CA ASP D 226 -30.11 2.91 -24.95
C ASP D 226 -29.91 4.32 -25.49
N GLY D 227 -28.72 4.88 -25.30
CA GLY D 227 -28.51 6.31 -25.40
C GLY D 227 -28.63 7.05 -24.09
N GLU D 228 -29.03 6.37 -23.01
CA GLU D 228 -29.15 6.98 -21.69
C GLU D 228 -28.38 6.18 -20.66
N PHE D 229 -28.77 4.92 -20.46
CA PHE D 229 -27.99 4.09 -19.55
C PHE D 229 -26.77 3.50 -20.24
N ILE D 230 -26.92 3.06 -21.49
CA ILE D 230 -25.81 2.58 -22.30
C ILE D 230 -25.56 3.60 -23.40
N GLN D 231 -24.34 4.13 -23.46
CA GLN D 231 -23.96 5.13 -24.46
C GLN D 231 -22.73 4.65 -25.21
N PHE D 232 -22.72 4.92 -26.52
CA PHE D 232 -21.64 4.51 -27.41
C PHE D 232 -21.23 5.74 -28.23
N ILE D 233 -20.02 6.24 -27.98
CA ILE D 233 -19.57 7.45 -28.66
C ILE D 233 -18.88 7.19 -30.00
N GLY D 234 -18.46 5.95 -30.30
CA GLY D 234 -17.94 5.62 -31.61
C GLY D 234 -16.53 6.07 -31.97
N GLU D 235 -15.53 5.34 -31.47
CA GLU D 235 -14.10 5.64 -31.63
C GLU D 235 -13.74 7.04 -31.16
N ALA D 236 -12.89 7.13 -30.14
CA ALA D 236 -12.52 8.40 -29.53
C ALA D 236 -11.05 8.70 -29.83
N ASP D 237 -10.75 9.98 -30.03
CA ASP D 237 -9.37 10.41 -30.16
C ASP D 237 -8.75 10.55 -28.78
N HIS D 238 -7.49 11.01 -28.73
CA HIS D 238 -6.76 11.06 -27.47
C HIS D 238 -7.45 11.93 -26.42
N PRO D 239 -7.85 13.17 -26.70
CA PRO D 239 -8.54 13.95 -25.65
C PRO D 239 -9.85 13.34 -25.17
N THR D 240 -10.67 12.82 -26.08
CA THR D 240 -11.99 12.32 -25.69
C THR D 240 -11.88 11.06 -24.85
N LYS D 241 -11.04 10.12 -25.26
CA LYS D 241 -10.94 8.84 -24.54
C LYS D 241 -10.37 9.03 -23.13
N ASN D 242 -9.51 10.03 -22.93
CA ASN D 242 -8.96 10.26 -21.60
C ASN D 242 -9.96 10.96 -20.69
N ALA D 243 -10.79 11.86 -21.23
CA ALA D 243 -11.91 12.40 -20.46
C ALA D 243 -12.92 11.30 -20.15
N LEU D 244 -13.03 10.31 -21.04
CA LEU D 244 -13.91 9.17 -20.80
C LEU D 244 -13.44 8.37 -19.59
N LEU D 245 -12.14 8.08 -19.54
CA LEU D 245 -11.62 7.26 -18.45
C LEU D 245 -11.54 8.05 -17.15
N GLY D 246 -11.11 9.31 -17.21
CA GLY D 246 -10.94 10.08 -15.99
C GLY D 246 -12.23 10.32 -15.24
N GLY D 247 -13.33 10.48 -15.96
CA GLY D 247 -14.62 10.70 -15.33
C GLY D 247 -15.26 9.47 -14.74
N ALA D 248 -14.78 8.29 -15.11
CA ALA D 248 -15.40 7.05 -14.66
C ALA D 248 -14.92 6.67 -13.27
N ILE D 249 -15.79 5.98 -12.52
CA ILE D 249 -15.37 5.46 -11.22
C ILE D 249 -14.37 4.32 -11.42
N ALA D 250 -14.51 3.58 -12.51
CA ALA D 250 -13.60 2.49 -12.86
C ALA D 250 -13.78 2.21 -14.35
N MET D 251 -12.80 1.53 -14.92
CA MET D 251 -12.90 1.07 -16.29
C MET D 251 -13.12 -0.44 -16.29
N LEU D 252 -14.15 -0.87 -17.00
CA LEU D 252 -14.41 -2.29 -17.17
C LEU D 252 -13.53 -2.81 -18.30
N PHE D 253 -12.77 -3.86 -18.01
CA PHE D 253 -11.89 -4.51 -18.99
C PHE D 253 -12.26 -5.99 -19.07
N PRO D 254 -13.45 -6.31 -19.58
CA PRO D 254 -13.92 -7.71 -19.51
C PRO D 254 -13.46 -8.58 -20.68
N ILE D 255 -12.15 -8.83 -20.73
CA ILE D 255 -11.57 -9.65 -21.78
C ILE D 255 -12.00 -11.10 -21.63
N THR D 256 -12.17 -11.77 -22.78
CA THR D 256 -12.41 -13.21 -22.85
C THR D 256 -11.29 -13.90 -23.60
N TRP D 257 -10.07 -13.36 -23.52
CA TRP D 257 -9.07 -13.57 -24.54
C TRP D 257 -7.69 -13.53 -23.92
N GLN D 258 -6.75 -14.24 -24.56
CA GLN D 258 -5.35 -14.30 -24.12
C GLN D 258 -4.65 -12.99 -24.49
N GLU D 259 -4.98 -11.96 -23.72
CA GLU D 259 -4.51 -10.61 -23.99
C GLU D 259 -2.99 -10.53 -23.96
N PRO D 260 -2.34 -10.01 -25.01
CA PRO D 260 -0.88 -9.84 -24.96
C PRO D 260 -0.44 -8.76 -23.98
N PHE D 261 -1.19 -7.66 -23.89
CA PHE D 261 -0.89 -6.60 -22.94
C PHE D 261 -2.16 -5.90 -22.49
N GLY D 262 -2.61 -4.91 -23.26
CA GLY D 262 -3.81 -4.16 -22.92
C GLY D 262 -3.50 -2.72 -22.55
N LEU D 263 -3.28 -1.89 -23.57
CA LEU D 263 -2.83 -0.52 -23.34
C LEU D 263 -3.90 0.33 -22.66
N VAL D 264 -5.18 -0.01 -22.85
CA VAL D 264 -6.24 0.79 -22.23
C VAL D 264 -6.18 0.70 -20.70
N MET D 265 -5.57 -0.36 -20.17
CA MET D 265 -5.44 -0.49 -18.72
C MET D 265 -4.50 0.56 -18.15
N ILE D 266 -3.27 0.62 -18.67
CA ILE D 266 -2.33 1.62 -18.18
C ILE D 266 -2.73 3.02 -18.60
N GLU D 267 -3.53 3.15 -19.66
CA GLU D 267 -4.11 4.44 -20.00
C GLU D 267 -5.19 4.84 -19.01
N SER D 268 -5.96 3.87 -18.53
CA SER D 268 -6.99 4.16 -17.54
C SER D 268 -6.36 4.56 -16.21
N MET D 269 -5.34 3.83 -15.76
CA MET D 269 -4.70 4.15 -14.50
C MET D 269 -3.98 5.50 -14.57
N ALA D 270 -3.41 5.82 -15.74
CA ALA D 270 -2.78 7.12 -15.91
C ALA D 270 -3.78 8.27 -15.72
N ALA D 271 -5.00 8.09 -16.23
CA ALA D 271 -6.05 9.07 -15.99
C ALA D 271 -6.51 9.11 -14.54
N GLY D 272 -5.99 8.22 -13.70
CA GLY D 272 -6.40 8.12 -12.32
C GLY D 272 -7.55 7.17 -12.06
N THR D 273 -8.04 6.47 -13.09
CA THR D 273 -9.20 5.62 -12.97
C THR D 273 -8.77 4.17 -12.83
N PRO D 274 -9.16 3.47 -11.78
CA PRO D 274 -8.77 2.07 -11.63
C PRO D 274 -9.55 1.16 -12.55
N VAL D 275 -9.04 -0.06 -12.72
CA VAL D 275 -9.53 -1.00 -13.72
C VAL D 275 -10.08 -2.24 -13.04
N VAL D 276 -11.33 -2.58 -13.33
CA VAL D 276 -11.93 -3.86 -12.94
C VAL D 276 -11.85 -4.78 -14.16
N ALA D 277 -10.87 -5.69 -14.17
CA ALA D 277 -10.62 -6.56 -15.30
C ALA D 277 -10.73 -8.02 -14.90
N ILE D 278 -10.89 -8.88 -15.93
CA ILE D 278 -10.85 -10.33 -15.73
C ILE D 278 -9.42 -10.81 -16.00
N ALA D 279 -8.98 -11.76 -15.17
CA ALA D 279 -7.58 -12.16 -15.09
C ALA D 279 -7.21 -13.19 -16.17
N LYS D 280 -7.27 -12.75 -17.41
CA LYS D 280 -6.76 -13.52 -18.53
C LYS D 280 -5.57 -12.78 -19.15
N GLY D 281 -4.63 -13.56 -19.68
CA GLY D 281 -3.49 -12.94 -20.34
C GLY D 281 -2.63 -12.15 -19.38
N ALA D 282 -2.39 -10.88 -19.73
CA ALA D 282 -1.46 -10.02 -19.03
C ALA D 282 -2.11 -9.15 -17.96
N ALA D 283 -3.40 -9.36 -17.67
CA ALA D 283 -4.06 -8.55 -16.66
C ALA D 283 -3.44 -8.67 -15.27
N PRO D 284 -3.03 -9.85 -14.77
CA PRO D 284 -2.33 -9.88 -13.48
C PRO D 284 -1.02 -9.11 -13.46
N GLU D 285 -0.28 -9.07 -14.57
CA GLU D 285 0.98 -8.35 -14.61
C GLU D 285 0.82 -6.84 -14.76
N VAL D 286 -0.33 -6.38 -15.23
CA VAL D 286 -0.55 -4.96 -15.48
C VAL D 286 -1.27 -4.30 -14.30
N ILE D 287 -2.26 -4.97 -13.73
CA ILE D 287 -2.98 -4.46 -12.58
C ILE D 287 -2.34 -5.01 -11.31
N GLU D 288 -2.13 -4.13 -10.33
CA GLU D 288 -1.81 -4.57 -8.98
C GLU D 288 -3.13 -4.78 -8.26
N HIS D 289 -3.48 -6.03 -7.98
CA HIS D 289 -4.77 -6.31 -7.37
C HIS D 289 -4.95 -5.59 -6.03
N GLY D 290 -6.15 -5.04 -5.83
CA GLY D 290 -6.57 -4.31 -4.65
C GLY D 290 -5.94 -2.94 -4.47
N LYS D 291 -4.99 -2.57 -5.32
CA LYS D 291 -4.35 -1.28 -5.24
C LYS D 291 -4.78 -0.34 -6.37
N THR D 292 -4.58 -0.70 -7.64
CA THR D 292 -4.98 0.12 -8.80
C THR D 292 -6.14 -0.53 -9.57
N GLY D 293 -6.79 -1.50 -8.95
CA GLY D 293 -7.87 -2.20 -9.60
C GLY D 293 -8.16 -3.55 -8.93
N PHE D 294 -8.89 -4.39 -9.67
CA PHE D 294 -9.30 -5.69 -9.13
C PHE D 294 -9.26 -6.74 -10.23
N LEU D 295 -8.52 -7.80 -10.00
CA LEU D 295 -8.53 -8.96 -10.89
C LEU D 295 -9.71 -9.83 -10.53
N CYS D 296 -10.51 -10.18 -11.53
CA CYS D 296 -11.73 -10.94 -11.34
C CYS D 296 -11.70 -12.19 -12.18
N HIS D 297 -12.49 -13.18 -11.78
CA HIS D 297 -12.56 -14.46 -12.48
C HIS D 297 -13.96 -14.78 -12.99
N SER D 298 -14.90 -13.85 -12.87
CA SER D 298 -16.24 -13.98 -13.43
C SER D 298 -16.86 -12.59 -13.52
N VAL D 299 -18.03 -12.51 -14.19
CA VAL D 299 -18.80 -11.28 -14.24
C VAL D 299 -19.23 -10.93 -12.84
N GLU D 300 -19.56 -12.00 -12.10
CA GLU D 300 -19.95 -12.08 -10.70
C GLU D 300 -19.04 -11.27 -9.79
N ASP D 301 -17.74 -11.57 -9.90
CA ASP D 301 -16.65 -10.88 -9.24
C ASP D 301 -16.52 -9.41 -9.67
N CYS D 302 -16.68 -9.13 -10.96
CA CYS D 302 -16.56 -7.74 -11.42
C CYS D 302 -17.63 -6.87 -10.79
N VAL D 303 -18.84 -7.41 -10.65
CA VAL D 303 -19.91 -6.67 -9.99
C VAL D 303 -19.56 -6.41 -8.53
N ALA D 304 -18.98 -7.41 -7.86
CA ALA D 304 -18.57 -7.22 -6.47
C ALA D 304 -17.43 -6.21 -6.34
N ALA D 305 -16.58 -6.10 -7.37
CA ALA D 305 -15.45 -5.18 -7.29
C ALA D 305 -15.88 -3.72 -7.46
N VAL D 306 -16.95 -3.47 -8.21
CA VAL D 306 -17.42 -2.11 -8.43
C VAL D 306 -17.81 -1.45 -7.11
N ALA D 307 -18.28 -2.23 -6.14
CA ALA D 307 -18.62 -1.65 -4.85
C ALA D 307 -17.37 -1.26 -4.06
N GLN D 308 -16.23 -1.84 -4.42
CA GLN D 308 -14.97 -1.60 -3.66
C GLN D 308 -13.96 -0.79 -4.47
N VAL D 309 -14.38 -0.02 -5.48
CA VAL D 309 -13.43 0.83 -6.20
C VAL D 309 -13.23 2.18 -5.51
N PRO D 310 -14.19 2.75 -4.75
CA PRO D 310 -13.83 3.91 -3.94
C PRO D 310 -12.82 3.57 -2.87
N GLN D 311 -12.68 2.28 -2.55
CA GLN D 311 -11.68 1.77 -1.63
C GLN D 311 -10.26 1.99 -2.17
N LEU D 312 -10.11 2.31 -3.45
CA LEU D 312 -8.82 2.51 -4.10
C LEU D 312 -8.44 3.99 -4.11
N ASP D 313 -7.14 4.27 -3.99
CA ASP D 313 -6.60 5.62 -4.11
C ASP D 313 -6.28 5.94 -5.57
N ARG D 314 -6.93 6.98 -6.11
CA ARG D 314 -6.80 7.26 -7.54
C ARG D 314 -5.41 7.78 -7.92
N MET D 315 -4.80 8.59 -7.05
CA MET D 315 -3.46 9.11 -7.37
C MET D 315 -2.42 8.00 -7.41
N ALA D 316 -2.60 6.94 -6.62
CA ALA D 316 -1.66 5.82 -6.67
C ALA D 316 -1.67 5.12 -8.01
N CYS D 317 -2.81 5.14 -8.71
CA CYS D 317 -2.91 4.53 -10.04
C CYS D 317 -2.00 5.23 -11.04
N ARG D 318 -2.02 6.57 -11.04
CA ARG D 318 -1.17 7.32 -11.97
C ARG D 318 0.31 7.07 -11.66
N ASP D 319 0.68 7.11 -10.38
CA ASP D 319 2.07 6.85 -10.00
C ASP D 319 2.48 5.42 -10.38
N TYR D 320 1.54 4.48 -10.33
CA TYR D 320 1.86 3.10 -10.70
C TYR D 320 2.30 3.01 -12.16
N VAL D 321 1.60 3.70 -13.06
CA VAL D 321 1.99 3.69 -14.47
C VAL D 321 3.34 4.38 -14.64
N TRP D 322 3.57 5.48 -13.90
CA TRP D 322 4.86 6.15 -13.92
C TRP D 322 5.97 5.20 -13.49
N GLN D 323 5.69 4.29 -12.55
CA GLN D 323 6.72 3.43 -11.99
C GLN D 323 7.06 2.28 -12.94
N ARG D 324 6.07 1.73 -13.64
CA ARG D 324 6.26 0.51 -14.42
C ARG D 324 6.21 0.73 -15.92
N PHE D 325 5.34 1.62 -16.40
CA PHE D 325 5.09 1.73 -17.84
C PHE D 325 5.42 3.10 -18.39
N SER D 326 6.63 3.60 -18.10
CA SER D 326 7.09 4.87 -18.64
C SER D 326 7.92 4.64 -19.90
N VAL D 327 7.93 5.65 -20.78
CA VAL D 327 8.71 5.56 -22.01
C VAL D 327 10.20 5.42 -21.69
N GLU D 328 10.66 6.07 -20.61
CA GLU D 328 12.05 5.98 -20.21
C GLU D 328 12.49 4.54 -19.96
N ARG D 329 11.71 3.80 -19.18
CA ARG D 329 12.09 2.44 -18.80
C ARG D 329 12.01 1.50 -20.01
N MET D 330 10.93 1.60 -20.79
CA MET D 330 10.75 0.71 -21.93
C MET D 330 11.88 0.85 -22.93
N VAL D 331 12.22 2.10 -23.28
CA VAL D 331 13.21 2.35 -24.32
C VAL D 331 14.60 1.88 -23.88
N SER D 332 14.93 2.06 -22.61
CA SER D 332 16.23 1.58 -22.11
C SER D 332 16.33 0.06 -22.20
N GLU D 333 15.23 -0.64 -21.92
CA GLU D 333 15.24 -2.10 -22.02
C GLU D 333 15.34 -2.55 -23.47
N TYR D 334 14.69 -1.83 -24.39
CA TYR D 334 14.86 -2.12 -25.80
C TYR D 334 16.27 -1.79 -26.27
N GLU D 335 16.89 -0.76 -25.68
CA GLU D 335 18.29 -0.48 -25.98
C GLU D 335 19.19 -1.61 -25.48
N ALA D 336 18.89 -2.17 -24.31
CA ALA D 336 19.63 -3.33 -23.84
C ALA D 336 19.42 -4.53 -24.74
N VAL D 337 18.23 -4.63 -25.36
CA VAL D 337 18.00 -5.69 -26.34
C VAL D 337 18.86 -5.48 -27.57
N TYR D 338 18.95 -4.23 -28.04
CA TYR D 338 19.79 -3.94 -29.21
C TYR D 338 21.25 -4.24 -28.92
N ASP D 339 21.73 -3.86 -27.73
CA ASP D 339 23.09 -4.21 -27.35
C ASP D 339 23.26 -5.72 -27.28
N THR D 340 22.27 -6.40 -26.69
CA THR D 340 22.32 -7.86 -26.62
C THR D 340 22.36 -8.46 -28.03
N VAL D 341 21.45 -8.02 -28.89
CA VAL D 341 21.34 -8.61 -30.22
C VAL D 341 22.56 -8.29 -31.06
N LEU D 342 23.19 -7.13 -30.86
CA LEU D 342 24.33 -6.74 -31.70
C LEU D 342 25.63 -7.42 -31.33
N ALA D 343 25.73 -8.01 -30.14
CA ALA D 343 26.90 -8.78 -29.71
C ALA D 343 26.74 -10.27 -29.83
#